data_7K66
#
_entry.id   7K66
#
_cell.length_a   116.721
_cell.length_b   116.721
_cell.length_c   371.057
_cell.angle_alpha   90.000
_cell.angle_beta   90.000
_cell.angle_gamma   90.000
#
_symmetry.space_group_name_H-M   'P 41 21 2'
#
loop_
_entity.id
_entity.type
_entity.pdbx_description
1 polymer 'Coagulation factor VIII,Coagulation factor VIII,Coagulation factor VIII,Coagulation factor VIII'
2 polymer '2A9 heavy chain'
3 polymer '2A9 light chain'
4 branched alpha-D-mannopyranose-(1-3)-[alpha-D-mannopyranose-(1-6)]beta-D-mannopyranose-(1-4)-2-acetamido-2-deoxy-beta-D-glucopyranose-(1-4)-2-acetamido-2-deoxy-beta-D-glucopyranose
5 branched 2-acetamido-2-deoxy-beta-D-glucopyranose-(1-4)-2-acetamido-2-deoxy-beta-D-glucopyranose
6 non-polymer 2-acetamido-2-deoxy-beta-D-glucopyranose
7 non-polymer 'COPPER (II) ION'
8 non-polymer 'CALCIUM ION'
9 non-polymer 'ZINC ION'
10 water water
#
loop_
_entity_poly.entity_id
_entity_poly.type
_entity_poly.pdbx_seq_one_letter_code
_entity_poly.pdbx_strand_id
1 'polypeptide(L)'
;MQLELSTCVFLCLLPLGFSAIRRYYLGAVELSWDYRQSELLRELHVDTRFPATAPGALPLGPSVLYKKTVFVEFTDQLFS
VARPRPPWMGLLGPTIQAEVYDTVVVTLKNMASHPVSLHAVGVSFWKSSEGAEYEDHTSQREKEDDKVLPGKSQTYVWQV
LKENGPTASDPPCLTYSYLSHVDLVKDLNSGLIGALLVCREGSLTRERTQNLHEFVLLFAVFDEGKSWHSARNDSWTRAM
DPAPARAQPAMHTVNGYVNRSLPGLIGCHKKSVYWHVIGMGTSPEVHSIFLEGHTFLVRHHRQASLEISPLTFLTAQTFL
MDLGQFLLFCHISSHHHGGMEAHVRVESCAEEPQLRRKADEEEDYDDNLYDSDMDVVRLDGDDVSPFIQIRSVAKKHPKT
WVHYIAAEEEDWDYAPLVLAPDDRSYKSQYLNNGPQRIGRKYKKVRFMAYTDETFKTREAIQHESGILGPLLYGEVGDTL
LIIFKNQASRPYNIYPHGITDVRPLYSRRLPKGVKHLKDFPILPGEIFKYKWTVTVEDGPTKSDPRCLTRYYSSFVNMER
DLASGLIGPLLICYKESVDQRGNQIMSDKRNVILFSVFDENRSWYLTENIQRFLPNPAGVQLEDPEFQASNIMHSINGYV
FDSLQLSVCLHEVAYWYILSIGAQTDFLSVFFSGYTFKHKMVYEDTLTLFPFSGETVFMSMENPGLWILGCHNSDFRNRG
MTALLKVSSCDKNTGDYYEDSYEDISAYLLSKNNAIEPRSFAQNSRPPSASAPKPPVLRRHQRDISLPTFQPEEDKMDYD
DIFSTETKGEDFDIYGEDENQDPRSFQKRTRHYFIAAVEQLWDYGMSESPRALRNRAQNGEVPRFKKVVFREFADGSFTQ
PSYRGELNKHLGLLGPYIRAEVEDNIMVTFKNQASRPYSFYSSLISYPDDQEQGAEPRHNFVQPNETRTYFWKVQHHMAP
TEDEFDCKAWAYFSDVDLEKDVHSGLIGPLLICRANTLNAAHGRQVTVQEFALFFTIFDETKSWYFTENVERNCRAPCHL
QMEDPTLKENYRFHAINGYVMDTLPGLVMAQNQRIRWYLLSMGSNENIHSIHFSGHVFSVRKKEEYKMAVYNLYPGVFET
VEMLPSKVGIWRIECLIGEHLQAGMSTTFLVYSKKCQTPLGMASGHIRDFQITASGQYGQWAPKLARLHYSGSINAWSTK
EPFSWIKVDLLAPMIIHGIKTQGARQKFSSLYISQFIIMYSLDGKKWQTYRGNSTGTLMVFFGNVDSSGIKHNIFNPPII
ARYIRLHPTHYSIRSTLRMELMGCDLNSCSMPLGMESKAISDAQITASSYFTNMFATWSPSKARLHLQGRSNAWRPQVNN
PKEWLQVDFQKTMKVTGVTTQGVKSLLTSMYVKEFLISSSQDGHQWTLFFQNGKVKVFQGNQDSFTPVVNSLDPPLLTRY
LRIHPQSWVHQIALRMEVLGCEAQDLY
;
A
2 'polypeptide(L)'
;QIQLVQSGPELKKPGETVKISCKASGYTFTDYSMHWVKQAPGKGLKWMGWINTETGEPTYADDFKGRFAFSLETSASSAY
LQINNLKNEDTATYFCARCGNYVDYAIDYWGQGTSVTVSSAKTTAPSVYPLAPVCGDTTGSSVTLGCLVKGYFPEPVTLT
WNSGSLSSGVHTFPAVLQSDLYTLSSSVTVTSSTWPSQSITCNVAHPASSTKVDKKIEPRGPA
;
B
3 'polypeptide(L)'
;ENVLTQSPAIMSASLGEKVTMSCRATSSVNYMYWYQQKSDASPKLWIFFTSSLAPGVPARFSGSGSGNSYSLTISSVEGE
AAATYYCQQFTSSPFGSGTKLEIKAKRADAAPTVSIFPPSSEQLTSGGASVVCFLNNFYPKDINVKWKIDGSERQNGVLN
SWTDQDSKDSTYSMSSTLTLTKDEYERHNSYTCEATHSTKTSPIVKSFNRNEC
;
C
#
# COMPACT_ATOMS: atom_id res chain seq x y z
N ALA A 20 16.98 -22.14 34.81
CA ALA A 20 16.57 -21.12 33.85
C ALA A 20 16.74 -21.60 32.42
N ILE A 21 16.99 -22.91 32.27
CA ILE A 21 17.09 -23.57 30.97
C ILE A 21 16.52 -24.97 31.14
N ARG A 22 15.93 -25.51 30.07
CA ARG A 22 15.45 -26.88 30.04
C ARG A 22 15.90 -27.56 28.75
N ARG A 23 16.01 -28.88 28.81
CA ARG A 23 16.58 -29.69 27.73
C ARG A 23 15.53 -30.63 27.15
N TYR A 24 15.53 -30.76 25.83
CA TYR A 24 14.59 -31.65 25.14
C TYR A 24 15.29 -32.34 23.97
N TYR A 25 14.75 -33.49 23.58
CA TYR A 25 15.24 -34.26 22.46
C TYR A 25 14.06 -34.90 21.74
N LEU A 26 14.19 -35.05 20.42
CA LEU A 26 13.04 -35.46 19.61
C LEU A 26 13.47 -35.83 18.20
N GLY A 27 12.66 -36.68 17.56
CA GLY A 27 12.87 -37.07 16.18
C GLY A 27 11.56 -37.27 15.43
N ALA A 28 11.64 -37.81 14.20
CA ALA A 28 10.46 -38.05 13.38
C ALA A 28 10.44 -39.49 12.91
N VAL A 29 9.26 -40.10 12.90
CA VAL A 29 9.10 -41.52 12.62
C VAL A 29 7.81 -41.75 11.83
N GLU A 30 7.88 -42.64 10.83
CA GLU A 30 6.72 -43.04 10.05
C GLU A 30 6.20 -44.39 10.53
N LEU A 31 4.87 -44.49 10.64
CA LEU A 31 4.26 -45.66 11.28
C LEU A 31 2.90 -46.02 10.68
N SER A 32 2.03 -46.64 11.48
CA SER A 32 0.71 -47.08 11.06
C SER A 32 -0.36 -46.51 11.99
N TRP A 33 -1.49 -46.13 11.42
CA TRP A 33 -2.54 -45.46 12.17
C TRP A 33 -3.87 -45.63 11.44
N ASP A 34 -4.96 -45.64 12.21
CA ASP A 34 -6.25 -46.16 11.75
C ASP A 34 -7.47 -45.29 12.06
N TYR A 35 -7.37 -44.34 12.99
CA TYR A 35 -8.46 -43.42 13.38
C TYR A 35 -9.57 -44.08 14.19
N ARG A 36 -9.43 -45.33 14.61
CA ARG A 36 -10.49 -45.96 15.40
C ARG A 36 -9.95 -46.71 16.61
N GLN A 37 -9.27 -47.83 16.39
CA GLN A 37 -8.74 -48.62 17.51
C GLN A 37 -7.44 -48.01 18.04
N SER A 38 -7.34 -47.93 19.36
CA SER A 38 -6.14 -47.41 19.99
C SER A 38 -5.06 -48.50 20.07
N GLU A 39 -4.14 -48.35 21.02
CA GLU A 39 -3.10 -49.34 21.31
C GLU A 39 -2.13 -49.55 20.15
N LEU A 40 -2.30 -48.81 19.05
CA LEU A 40 -1.40 -48.92 17.92
C LEU A 40 -0.21 -47.98 18.03
N LEU A 41 -0.31 -46.94 18.84
CA LEU A 41 0.74 -45.92 18.98
C LEU A 41 1.78 -46.31 20.03
N ARG A 42 2.35 -47.50 19.88
CA ARG A 42 3.36 -47.96 20.84
C ARG A 42 4.37 -48.88 20.17
N GLU A 43 4.87 -48.48 19.00
CA GLU A 43 5.81 -49.33 18.27
C GLU A 43 7.22 -49.22 18.84
N LEU A 44 7.34 -49.01 20.16
CA LEU A 44 8.65 -48.97 20.81
C LEU A 44 9.17 -50.35 21.21
N HIS A 45 8.31 -51.35 21.35
CA HIS A 45 8.74 -52.73 21.48
C HIS A 45 7.85 -53.60 20.59
N VAL A 46 8.43 -54.34 19.66
CA VAL A 46 7.56 -55.08 18.72
C VAL A 46 6.55 -56.03 19.35
N ASP A 47 5.39 -56.16 18.70
CA ASP A 47 4.34 -57.02 19.23
C ASP A 47 3.92 -58.15 18.29
N THR A 48 3.09 -59.07 18.81
CA THR A 48 2.58 -60.18 18.02
C THR A 48 1.26 -59.82 17.36
N ARG A 49 1.30 -58.77 16.55
CA ARG A 49 0.11 -58.33 15.86
C ARG A 49 0.42 -57.94 14.43
N PHE A 50 0.49 -58.94 13.57
CA PHE A 50 0.76 -58.72 12.16
C PHE A 50 -0.17 -59.55 11.31
N PRO A 51 -0.69 -60.64 11.89
CA PRO A 51 -1.61 -61.47 11.12
C PRO A 51 -2.81 -60.63 10.83
N ALA A 52 -3.34 -60.01 11.87
CA ALA A 52 -4.52 -59.15 11.79
C ALA A 52 -4.39 -58.01 10.77
N THR A 53 -4.70 -58.33 9.53
CA THR A 53 -4.67 -57.38 8.43
C THR A 53 -6.09 -57.31 7.91
N ALA A 54 -7.01 -57.25 8.85
CA ALA A 54 -8.43 -57.18 8.56
C ALA A 54 -8.99 -55.96 9.24
N PRO A 62 -11.68 -54.84 7.84
CA PRO A 62 -11.99 -53.41 7.69
C PRO A 62 -10.99 -52.54 8.44
N SER A 63 -11.28 -52.27 9.71
CA SER A 63 -10.51 -51.41 10.60
C SER A 63 -9.82 -50.23 9.90
N VAL A 64 -9.29 -50.45 8.68
CA VAL A 64 -8.74 -49.40 7.82
C VAL A 64 -7.42 -48.86 8.36
N LEU A 65 -6.44 -48.64 7.48
CA LEU A 65 -5.11 -48.23 7.91
C LEU A 65 -4.46 -47.34 6.85
N TYR A 66 -3.71 -46.35 7.31
CA TYR A 66 -2.87 -45.51 6.45
C TYR A 66 -1.47 -45.44 7.05
N LYS A 67 -0.60 -44.69 6.37
CA LYS A 67 0.73 -44.36 6.89
C LYS A 67 0.71 -42.92 7.40
N LYS A 68 1.29 -42.72 8.58
CA LYS A 68 1.33 -41.40 9.19
C LYS A 68 2.69 -41.20 9.84
N THR A 69 3.14 -39.94 9.88
CA THR A 69 4.44 -39.59 10.41
C THR A 69 4.27 -38.50 11.47
N VAL A 70 5.03 -38.64 12.56
CA VAL A 70 4.88 -37.72 13.70
C VAL A 70 6.23 -37.45 14.36
N PHE A 71 6.18 -36.82 15.53
CA PHE A 71 7.33 -36.55 16.37
C PHE A 71 7.42 -37.59 17.48
N VAL A 72 8.64 -37.89 17.92
CA VAL A 72 8.88 -38.91 18.94
C VAL A 72 9.93 -38.40 19.92
N GLU A 73 9.67 -38.57 21.22
CA GLU A 73 10.54 -38.08 22.28
C GLU A 73 11.63 -39.10 22.61
N PHE A 74 12.73 -38.59 23.18
CA PHE A 74 13.84 -39.44 23.60
C PHE A 74 14.47 -38.85 24.86
N THR A 75 14.74 -39.73 25.83
CA THR A 75 15.20 -39.27 27.13
C THR A 75 16.62 -38.72 27.07
N ASP A 76 17.46 -39.33 26.26
CA ASP A 76 18.89 -39.05 26.24
C ASP A 76 19.30 -38.37 24.94
N GLN A 77 20.61 -38.35 24.69
CA GLN A 77 21.18 -37.66 23.54
C GLN A 77 21.57 -38.58 22.39
N LEU A 78 21.50 -39.91 22.57
CA LEU A 78 21.81 -40.84 21.50
C LEU A 78 20.58 -41.33 20.73
N PHE A 79 19.38 -40.95 21.16
CA PHE A 79 18.14 -41.18 20.42
C PHE A 79 17.89 -42.67 20.20
N SER A 80 17.52 -43.32 21.30
CA SER A 80 17.22 -44.74 21.29
C SER A 80 16.28 -45.10 22.44
N VAL A 81 16.35 -44.36 23.55
CA VAL A 81 15.50 -44.59 24.71
C VAL A 81 14.16 -43.89 24.44
N ALA A 82 13.17 -44.66 23.98
CA ALA A 82 11.89 -44.12 23.52
C ALA A 82 10.92 -44.03 24.70
N ARG A 83 10.70 -42.82 25.19
CA ARG A 83 9.76 -42.59 26.27
C ARG A 83 8.34 -42.95 25.80
N PRO A 84 7.57 -43.66 26.60
CA PRO A 84 6.18 -43.98 26.21
C PRO A 84 5.27 -42.78 26.43
N ARG A 85 4.03 -42.95 26.00
CA ARG A 85 3.06 -41.86 25.95
C ARG A 85 1.68 -42.37 26.33
N PRO A 86 0.77 -41.46 26.69
CA PRO A 86 -0.60 -41.87 27.01
C PRO A 86 -1.49 -41.85 25.78
N PRO A 87 -2.60 -42.60 25.79
CA PRO A 87 -3.49 -42.62 24.62
C PRO A 87 -4.34 -41.37 24.44
N TRP A 88 -4.53 -40.57 25.49
CA TRP A 88 -5.35 -39.38 25.34
C TRP A 88 -4.69 -38.34 24.44
N MET A 89 -3.36 -38.33 24.39
CA MET A 89 -2.68 -37.44 23.45
C MET A 89 -2.94 -37.85 22.02
N GLY A 90 -2.68 -39.11 21.68
CA GLY A 90 -2.90 -39.60 20.33
C GLY A 90 -1.84 -39.15 19.34
N LEU A 91 -2.22 -38.30 18.40
CA LEU A 91 -1.30 -37.78 17.41
C LEU A 91 -0.50 -36.58 17.89
N LEU A 92 -0.69 -36.14 19.12
CA LEU A 92 0.00 -34.95 19.63
C LEU A 92 1.45 -35.25 19.94
N GLY A 93 2.34 -34.42 19.41
CA GLY A 93 3.74 -34.49 19.75
C GLY A 93 3.97 -34.23 21.22
N PRO A 94 5.09 -34.70 21.75
CA PRO A 94 5.35 -34.58 23.20
C PRO A 94 5.17 -33.16 23.69
N THR A 95 4.52 -33.04 24.84
CA THR A 95 4.21 -31.73 25.40
C THR A 95 5.48 -31.07 25.94
N ILE A 96 5.65 -29.79 25.60
CA ILE A 96 6.85 -29.04 25.97
C ILE A 96 6.44 -27.82 26.77
N GLN A 97 7.29 -27.43 27.72
CA GLN A 97 6.99 -26.38 28.69
C GLN A 97 8.19 -25.45 28.86
N ALA A 98 7.91 -24.22 29.28
CA ALA A 98 8.92 -23.22 29.58
C ALA A 98 8.24 -22.05 30.28
N GLU A 99 9.04 -21.05 30.66
CA GLU A 99 8.50 -19.87 31.31
C GLU A 99 9.36 -18.66 30.94
N VAL A 100 9.04 -17.51 31.55
CA VAL A 100 9.77 -16.28 31.26
C VAL A 100 11.18 -16.40 31.82
N TYR A 101 12.12 -15.65 31.22
CA TYR A 101 13.53 -15.65 31.63
C TYR A 101 14.16 -17.03 31.44
N ASP A 102 13.71 -17.80 30.45
CA ASP A 102 14.17 -19.17 30.28
C ASP A 102 14.86 -19.35 28.93
N THR A 103 15.18 -20.61 28.63
CA THR A 103 15.69 -21.02 27.32
C THR A 103 15.20 -22.43 27.05
N VAL A 104 15.24 -22.84 25.79
CA VAL A 104 14.69 -24.12 25.35
C VAL A 104 15.62 -24.72 24.31
N VAL A 105 16.29 -25.82 24.66
CA VAL A 105 17.29 -26.45 23.80
C VAL A 105 16.70 -27.77 23.31
N VAL A 106 16.36 -27.84 22.02
CA VAL A 106 15.72 -29.02 21.45
C VAL A 106 16.53 -29.50 20.26
N THR A 107 16.87 -30.79 20.27
CA THR A 107 17.67 -31.42 19.22
C THR A 107 16.74 -32.30 18.38
N LEU A 108 16.32 -31.79 17.23
CA LEU A 108 15.51 -32.58 16.31
C LEU A 108 16.41 -33.46 15.45
N LYS A 109 15.88 -34.60 15.03
CA LYS A 109 16.61 -35.52 14.16
C LYS A 109 15.61 -36.29 13.32
N ASN A 110 15.55 -35.99 12.02
CA ASN A 110 14.65 -36.71 11.13
C ASN A 110 15.18 -38.11 10.88
N MET A 111 14.35 -39.10 11.15
CA MET A 111 14.66 -40.50 10.86
C MET A 111 13.60 -41.12 9.95
N ALA A 112 12.72 -40.32 9.38
CA ALA A 112 11.69 -40.81 8.48
C ALA A 112 12.13 -40.68 7.03
N SER A 113 11.21 -40.29 6.15
CA SER A 113 11.53 -40.14 4.74
C SER A 113 11.69 -38.68 4.36
N HIS A 114 10.58 -37.95 4.32
CA HIS A 114 10.62 -36.56 3.91
C HIS A 114 11.37 -35.72 4.94
N PRO A 115 12.06 -34.68 4.50
CA PRO A 115 12.68 -33.77 5.47
C PRO A 115 11.62 -33.00 6.24
N VAL A 116 11.98 -32.61 7.46
CA VAL A 116 11.07 -31.87 8.32
C VAL A 116 11.79 -30.64 8.86
N SER A 117 10.99 -29.64 9.24
CA SER A 117 11.52 -28.43 9.86
C SER A 117 10.94 -28.30 11.26
N LEU A 118 10.93 -27.08 11.80
CA LEU A 118 10.35 -26.84 13.12
C LEU A 118 10.08 -25.37 13.37
N HIS A 119 9.18 -24.78 12.56
CA HIS A 119 8.69 -23.44 12.84
C HIS A 119 7.98 -23.43 14.19
N ALA A 120 8.17 -22.36 14.95
CA ALA A 120 7.56 -22.23 16.25
C ALA A 120 6.73 -20.95 16.32
N VAL A 121 5.78 -20.93 17.26
CA VAL A 121 4.94 -19.78 17.49
C VAL A 121 5.06 -19.37 18.96
N GLY A 122 4.89 -18.07 19.21
CA GLY A 122 4.86 -17.53 20.55
C GLY A 122 6.22 -17.24 21.18
N VAL A 123 7.29 -17.86 20.70
CA VAL A 123 8.57 -17.82 21.40
C VAL A 123 9.49 -16.76 20.80
N SER A 124 10.79 -17.03 20.79
CA SER A 124 11.77 -16.09 20.27
C SER A 124 13.01 -16.87 19.84
N PHE A 125 13.38 -16.74 18.56
CA PHE A 125 14.57 -17.39 18.02
C PHE A 125 15.34 -16.39 17.16
N TRP A 126 16.41 -16.85 16.53
CA TRP A 126 17.39 -15.95 15.92
C TRP A 126 17.65 -16.33 14.47
N LYS A 127 16.59 -16.51 13.68
CA LYS A 127 16.68 -16.84 12.26
C LYS A 127 17.46 -18.13 12.01
N SER A 128 18.41 -18.45 12.88
CA SER A 128 19.13 -19.73 12.95
C SER A 128 18.27 -20.82 13.51
N SER A 129 16.98 -20.50 13.67
CA SER A 129 16.05 -21.44 14.31
C SER A 129 14.62 -21.32 13.80
N GLU A 130 14.37 -20.72 12.64
CA GLU A 130 13.01 -20.50 12.17
C GLU A 130 12.33 -21.79 11.77
N GLY A 131 12.47 -22.15 10.50
CA GLY A 131 11.81 -23.32 9.98
C GLY A 131 11.27 -23.08 8.58
N ALA A 132 11.59 -21.92 8.02
CA ALA A 132 11.14 -21.55 6.68
C ALA A 132 12.11 -20.56 6.06
N GLU A 133 12.37 -20.72 4.76
CA GLU A 133 13.22 -19.83 4.00
C GLU A 133 12.39 -19.09 2.96
N TYR A 134 12.63 -17.79 2.84
CA TYR A 134 11.84 -16.96 1.95
C TYR A 134 12.74 -15.86 1.39
N GLU A 135 12.13 -14.81 0.83
CA GLU A 135 12.86 -13.63 0.40
C GLU A 135 13.54 -12.97 1.60
N ASP A 136 14.51 -13.66 2.20
CA ASP A 136 15.10 -13.24 3.47
C ASP A 136 16.47 -12.59 3.33
N HIS A 137 17.16 -12.79 2.20
CA HIS A 137 18.42 -12.12 1.92
C HIS A 137 19.43 -12.36 3.03
N THR A 138 19.44 -13.58 3.56
CA THR A 138 20.18 -13.93 4.75
C THR A 138 21.25 -14.96 4.41
N SER A 139 22.23 -15.09 5.31
CA SER A 139 23.26 -16.11 5.14
C SER A 139 22.67 -17.50 5.26
N GLN A 140 23.27 -18.45 4.53
CA GLN A 140 22.76 -19.81 4.52
C GLN A 140 23.13 -20.61 5.75
N ARG A 141 24.10 -20.13 6.55
CA ARG A 141 24.31 -20.71 7.88
C ARG A 141 23.04 -20.56 8.73
N GLU A 142 22.36 -19.44 8.59
CA GLU A 142 21.07 -19.18 9.22
C GLU A 142 19.91 -19.74 8.40
N LYS A 143 20.17 -20.71 7.52
CA LYS A 143 19.16 -21.31 6.67
C LYS A 143 19.08 -22.82 6.75
N GLU A 144 20.05 -23.50 7.39
CA GLU A 144 19.99 -24.95 7.49
C GLU A 144 18.96 -25.41 8.50
N ASP A 145 18.59 -24.54 9.45
CA ASP A 145 17.48 -24.83 10.34
C ASP A 145 16.15 -24.90 9.60
N ASP A 146 16.10 -24.40 8.36
CA ASP A 146 14.87 -24.38 7.58
C ASP A 146 14.51 -25.74 6.98
N LYS A 147 15.47 -26.66 6.91
CA LYS A 147 15.19 -28.02 6.47
C LYS A 147 16.13 -28.97 7.20
N VAL A 148 15.56 -29.83 8.04
CA VAL A 148 16.27 -30.98 8.60
C VAL A 148 15.90 -32.20 7.77
N LEU A 149 16.90 -32.82 7.19
CA LEU A 149 16.74 -33.96 6.30
C LEU A 149 17.22 -35.24 6.99
N PRO A 150 16.83 -36.42 6.48
CA PRO A 150 17.02 -37.66 7.24
C PRO A 150 18.43 -37.85 7.77
N GLY A 151 18.53 -38.63 8.85
CA GLY A 151 19.77 -38.73 9.59
C GLY A 151 20.10 -37.40 10.23
N LYS A 152 21.41 -37.17 10.41
CA LYS A 152 21.92 -35.87 10.85
C LYS A 152 21.27 -35.49 12.18
N SER A 153 21.11 -34.18 12.43
CA SER A 153 20.47 -33.68 13.63
C SER A 153 19.92 -32.28 13.41
N GLN A 154 20.74 -31.26 13.67
CA GLN A 154 20.40 -29.84 13.57
C GLN A 154 19.55 -29.40 14.74
N THR A 155 20.16 -28.68 15.68
CA THR A 155 19.50 -28.17 16.87
C THR A 155 18.87 -26.82 16.58
N TYR A 156 18.08 -26.30 17.53
CA TYR A 156 17.26 -25.13 17.24
C TYR A 156 17.40 -23.95 18.21
N VAL A 157 17.12 -24.17 19.50
CA VAL A 157 17.13 -23.21 20.62
C VAL A 157 16.12 -22.08 20.45
N TRP A 158 15.39 -21.78 21.53
CA TRP A 158 14.36 -20.74 21.59
C TRP A 158 14.51 -19.94 22.88
N GLN A 159 14.13 -18.65 22.82
CA GLN A 159 14.52 -17.68 23.84
C GLN A 159 13.50 -17.47 24.95
N VAL A 160 12.19 -17.56 24.64
CA VAL A 160 11.10 -17.24 25.57
C VAL A 160 11.41 -16.01 26.42
N LEU A 161 11.85 -14.93 25.75
CA LEU A 161 12.32 -13.72 26.42
C LEU A 161 11.25 -12.98 27.20
N LYS A 162 11.54 -11.71 27.52
CA LYS A 162 10.64 -10.89 28.33
C LYS A 162 9.26 -10.77 27.69
N GLU A 163 9.21 -10.31 26.44
CA GLU A 163 7.96 -9.88 25.83
C GLU A 163 7.00 -11.03 25.57
N ASN A 164 7.50 -12.26 25.45
CA ASN A 164 6.62 -13.37 25.11
C ASN A 164 5.74 -13.80 26.27
N GLY A 165 6.04 -13.37 27.50
CA GLY A 165 5.32 -13.80 28.67
C GLY A 165 3.84 -13.50 28.64
N PRO A 166 3.08 -14.11 29.55
CA PRO A 166 1.62 -13.93 29.55
C PRO A 166 1.22 -12.66 30.29
N THR A 167 0.08 -12.11 29.89
CA THR A 167 -0.41 -10.87 30.46
C THR A 167 -1.17 -11.17 31.76
N ALA A 168 -1.81 -10.14 32.33
CA ALA A 168 -2.47 -10.25 33.62
C ALA A 168 -3.76 -11.07 33.56
N SER A 169 -4.76 -10.56 32.85
CA SER A 169 -6.05 -11.25 32.77
C SER A 169 -5.98 -12.47 31.87
N ASP A 170 -4.76 -12.93 31.57
CA ASP A 170 -4.47 -14.15 30.84
C ASP A 170 -4.44 -15.34 31.79
N PRO A 171 -4.77 -16.53 31.27
CA PRO A 171 -4.72 -17.73 32.10
C PRO A 171 -3.33 -17.95 32.67
N PRO A 172 -3.19 -18.82 33.66
CA PRO A 172 -1.85 -19.13 34.17
C PRO A 172 -0.89 -19.59 33.09
N CYS A 173 -1.41 -20.19 32.02
CA CYS A 173 -0.58 -20.62 30.91
C CYS A 173 -1.33 -20.35 29.60
N LEU A 174 -0.57 -20.29 28.51
CA LEU A 174 -1.10 -19.90 27.21
C LEU A 174 -0.85 -20.98 26.17
N THR A 175 -1.80 -21.11 25.24
CA THR A 175 -1.83 -22.21 24.27
C THR A 175 -1.01 -21.82 23.04
N TYR A 176 0.09 -22.53 22.82
CA TYR A 176 0.91 -22.35 21.63
C TYR A 176 1.37 -23.73 21.16
N SER A 177 2.11 -23.77 20.05
CA SER A 177 2.42 -25.04 19.41
C SER A 177 3.61 -24.90 18.49
N TYR A 178 3.86 -25.94 17.70
CA TYR A 178 4.99 -26.01 16.77
C TYR A 178 4.66 -27.05 15.71
N LEU A 179 5.45 -27.06 14.64
CA LEU A 179 5.27 -28.01 13.55
C LEU A 179 6.40 -27.81 12.54
N SER A 180 6.52 -28.75 11.61
CA SER A 180 7.41 -28.60 10.47
C SER A 180 6.75 -27.73 9.42
N HIS A 181 7.55 -26.83 8.81
CA HIS A 181 7.05 -25.86 7.86
C HIS A 181 7.63 -26.06 6.47
N VAL A 182 8.25 -27.22 6.21
CA VAL A 182 8.86 -27.45 4.90
C VAL A 182 7.81 -27.46 3.79
N ASP A 183 6.57 -27.84 4.11
CA ASP A 183 5.49 -27.81 3.11
C ASP A 183 4.18 -27.92 3.89
N LEU A 184 3.49 -26.79 4.04
CA LEU A 184 2.33 -26.74 4.92
C LEU A 184 1.22 -27.68 4.47
N VAL A 185 0.91 -27.70 3.17
CA VAL A 185 -0.22 -28.50 2.67
C VAL A 185 0.00 -29.98 2.96
N LYS A 186 1.24 -30.46 2.80
CA LYS A 186 1.53 -31.87 3.03
C LYS A 186 1.90 -32.16 4.48
N ASP A 187 2.40 -31.18 5.22
CA ASP A 187 2.91 -31.45 6.57
C ASP A 187 1.77 -31.71 7.54
N LEU A 188 0.82 -30.77 7.64
CA LEU A 188 -0.25 -30.91 8.63
C LEU A 188 -1.17 -32.08 8.31
N ASN A 189 -1.26 -32.46 7.04
CA ASN A 189 -2.11 -33.58 6.66
C ASN A 189 -1.42 -34.93 6.78
N SER A 190 -0.10 -34.95 6.95
CA SER A 190 0.60 -36.17 7.27
C SER A 190 0.79 -36.36 8.77
N GLY A 191 0.53 -35.33 9.57
CA GLY A 191 0.55 -35.43 11.01
C GLY A 191 1.72 -34.78 11.75
N LEU A 192 2.43 -33.83 11.13
CA LEU A 192 3.55 -33.15 11.78
C LEU A 192 3.00 -32.00 12.61
N ILE A 193 2.92 -32.20 13.93
CA ILE A 193 2.29 -31.23 14.82
C ILE A 193 2.65 -31.60 16.24
N GLY A 194 2.49 -30.66 17.17
CA GLY A 194 2.91 -30.89 18.54
C GLY A 194 2.25 -29.95 19.53
N ALA A 195 2.75 -29.99 20.75
CA ALA A 195 2.20 -29.25 21.87
C ALA A 195 3.28 -28.39 22.51
N LEU A 196 2.96 -27.12 22.79
CA LEU A 196 3.95 -26.22 23.39
C LEU A 196 3.23 -25.09 24.13
N LEU A 197 2.92 -25.34 25.41
CA LEU A 197 2.46 -24.29 26.29
C LEU A 197 3.63 -23.47 26.82
N VAL A 198 3.34 -22.25 27.26
CA VAL A 198 4.33 -21.37 27.88
C VAL A 198 3.65 -20.62 29.01
N CYS A 199 4.14 -20.80 30.24
CA CYS A 199 3.62 -20.15 31.43
C CYS A 199 4.59 -19.07 31.89
N ARG A 200 4.23 -18.38 32.97
CA ARG A 200 5.11 -17.37 33.56
C ARG A 200 5.83 -17.97 34.77
N GLU A 201 6.71 -17.17 35.38
CA GLU A 201 7.41 -17.61 36.59
C GLU A 201 6.40 -17.89 37.70
N GLY A 202 6.03 -19.16 37.84
CA GLY A 202 5.01 -19.57 38.78
C GLY A 202 4.44 -20.93 38.43
N SER A 203 5.23 -21.72 37.70
CA SER A 203 4.84 -23.07 37.33
C SER A 203 5.70 -24.15 37.99
N LEU A 204 6.75 -23.75 38.73
CA LEU A 204 7.58 -24.71 39.44
C LEU A 204 6.81 -25.43 40.53
N THR A 205 5.71 -24.84 41.01
CA THR A 205 4.97 -25.40 42.13
C THR A 205 4.54 -26.83 41.86
N ARG A 206 4.54 -27.64 42.92
CA ARG A 206 3.97 -28.97 42.87
C ARG A 206 2.56 -28.93 42.30
N GLU A 207 2.44 -28.97 40.97
CA GLU A 207 1.11 -29.01 40.38
C GLU A 207 0.39 -30.26 40.88
N ARG A 208 -0.74 -30.05 41.52
CA ARG A 208 -1.46 -31.13 42.19
C ARG A 208 -1.77 -32.23 41.19
N THR A 209 -1.04 -33.36 41.30
CA THR A 209 -1.01 -34.35 40.24
C THR A 209 -2.36 -35.05 40.05
N GLN A 210 -3.17 -35.15 41.11
CA GLN A 210 -4.55 -35.62 41.01
C GLN A 210 -5.54 -34.45 40.92
N ASN A 211 -5.22 -33.43 40.12
CA ASN A 211 -6.08 -32.25 40.02
C ASN A 211 -5.94 -31.55 38.67
N LEU A 212 -4.89 -30.73 38.55
CA LEU A 212 -4.67 -29.91 37.36
C LEU A 212 -4.87 -30.72 36.08
N HIS A 213 -4.14 -31.84 35.97
CA HIS A 213 -4.24 -32.74 34.82
C HIS A 213 -3.88 -32.01 33.52
N GLU A 214 -4.68 -31.01 33.16
CA GLU A 214 -4.42 -30.16 31.99
C GLU A 214 -4.30 -31.01 30.73
N PHE A 215 -5.44 -31.39 30.17
CA PHE A 215 -5.46 -32.24 28.98
C PHE A 215 -5.34 -31.39 27.73
N VAL A 216 -4.62 -31.92 26.75
CA VAL A 216 -4.31 -31.22 25.50
C VAL A 216 -5.09 -31.88 24.39
N LEU A 217 -5.80 -31.07 23.61
CA LEU A 217 -6.72 -31.58 22.61
C LEU A 217 -6.41 -30.97 21.25
N LEU A 218 -6.62 -31.77 20.22
CA LEU A 218 -6.37 -31.36 18.84
C LEU A 218 -7.60 -31.73 18.02
N PHE A 219 -8.35 -30.72 17.58
CA PHE A 219 -9.55 -30.95 16.78
C PHE A 219 -9.22 -30.94 15.29
N ALA A 220 -8.18 -31.66 14.90
CA ALA A 220 -7.58 -31.51 13.59
C ALA A 220 -8.41 -32.18 12.51
N VAL A 221 -8.51 -31.53 11.35
CA VAL A 221 -9.05 -32.13 10.14
C VAL A 221 -7.87 -32.64 9.32
N PHE A 222 -7.84 -33.94 9.07
CA PHE A 222 -6.76 -34.56 8.33
C PHE A 222 -7.22 -34.96 6.94
N ASP A 223 -6.28 -34.94 5.98
CA ASP A 223 -6.56 -35.21 4.58
C ASP A 223 -5.37 -35.96 3.99
N GLU A 224 -5.48 -37.28 3.90
CA GLU A 224 -4.44 -38.05 3.24
C GLU A 224 -4.43 -37.84 1.73
N GLY A 225 -5.40 -37.11 1.19
CA GLY A 225 -5.45 -36.87 -0.24
C GLY A 225 -4.38 -35.90 -0.74
N LYS A 226 -3.76 -35.15 0.16
CA LYS A 226 -2.58 -34.36 -0.17
C LYS A 226 -1.60 -34.40 0.98
N SER A 227 -1.42 -35.59 1.56
CA SER A 227 -0.39 -35.80 2.56
C SER A 227 0.98 -35.88 1.88
N TRP A 228 2.02 -36.13 2.68
CA TRP A 228 3.36 -36.27 2.14
C TRP A 228 3.43 -37.46 1.19
N HIS A 229 3.04 -38.63 1.68
CA HIS A 229 3.08 -39.88 0.94
C HIS A 229 1.66 -40.26 0.54
N SER A 230 1.41 -40.36 -0.77
CA SER A 230 0.10 -40.73 -1.28
C SER A 230 0.16 -41.08 -2.76
N ALA A 231 1.22 -40.66 -3.44
CA ALA A 231 1.44 -40.96 -4.86
C ALA A 231 2.86 -40.58 -5.28
N ALA A 247 -8.96 -38.49 -4.59
CA ALA A 247 -9.68 -39.76 -4.56
C ALA A 247 -9.36 -40.56 -3.30
N GLN A 248 -8.95 -39.85 -2.26
CA GLN A 248 -8.64 -40.40 -0.95
C GLN A 248 -9.66 -39.89 0.07
N PRO A 249 -9.63 -40.42 1.30
CA PRO A 249 -10.66 -40.02 2.27
C PRO A 249 -10.27 -38.82 3.14
N ALA A 250 -11.27 -37.98 3.41
CA ALA A 250 -11.13 -36.80 4.25
C ALA A 250 -11.72 -37.05 5.63
N MET A 251 -11.03 -36.58 6.67
CA MET A 251 -11.28 -37.04 8.03
C MET A 251 -11.32 -35.90 9.04
N HIS A 252 -12.36 -35.91 9.88
CA HIS A 252 -12.43 -35.06 11.07
C HIS A 252 -12.10 -35.92 12.28
N THR A 253 -10.92 -35.71 12.86
CA THR A 253 -10.47 -36.45 14.02
C THR A 253 -10.27 -35.49 15.19
N VAL A 254 -10.19 -36.07 16.39
CA VAL A 254 -9.88 -35.32 17.61
C VAL A 254 -8.67 -36.01 18.23
N ASN A 255 -7.47 -35.45 17.97
CA ASN A 255 -6.18 -36.05 18.26
C ASN A 255 -5.90 -37.29 17.42
N GLY A 256 -6.76 -37.59 16.44
CA GLY A 256 -6.62 -38.77 15.62
C GLY A 256 -7.66 -39.86 15.84
N TYR A 257 -8.78 -39.56 16.49
CA TYR A 257 -9.78 -40.57 16.83
C TYR A 257 -11.12 -40.15 16.25
N VAL A 258 -11.73 -41.01 15.44
CA VAL A 258 -13.04 -40.75 14.88
C VAL A 258 -14.03 -41.77 15.42
N ASN A 259 -15.30 -41.38 15.40
CA ASN A 259 -16.40 -42.19 15.94
C ASN A 259 -16.11 -42.64 17.37
N ARG A 260 -16.22 -41.66 18.27
CA ARG A 260 -16.36 -41.88 19.72
C ARG A 260 -15.32 -42.89 20.22
N SER A 261 -14.08 -42.72 19.78
CA SER A 261 -13.05 -43.72 19.96
C SER A 261 -11.94 -43.30 20.91
N LEU A 262 -12.07 -42.14 21.56
CA LEU A 262 -10.95 -41.61 22.35
C LEU A 262 -11.04 -42.07 23.79
N PRO A 263 -10.06 -42.83 24.28
CA PRO A 263 -10.02 -43.15 25.71
C PRO A 263 -9.03 -42.28 26.46
N GLY A 264 -9.01 -42.36 27.79
CA GLY A 264 -8.02 -41.67 28.60
C GLY A 264 -8.43 -40.35 29.20
N LEU A 265 -9.65 -39.88 28.92
CA LEU A 265 -10.09 -38.57 29.40
C LEU A 265 -10.73 -38.75 30.77
N ILE A 266 -9.95 -38.50 31.82
CA ILE A 266 -10.42 -38.64 33.20
C ILE A 266 -10.03 -37.40 33.95
N GLY A 267 -11.03 -36.64 34.41
CA GLY A 267 -10.80 -35.50 35.27
C GLY A 267 -11.54 -35.73 36.58
N CYS A 268 -11.02 -35.12 37.65
CA CYS A 268 -11.58 -35.35 38.98
C CYS A 268 -13.01 -34.86 39.08
N HIS A 269 -13.65 -35.11 40.22
CA HIS A 269 -15.05 -34.75 40.39
C HIS A 269 -15.21 -33.24 40.52
N LYS A 270 -15.68 -32.75 41.67
CA LYS A 270 -15.97 -31.33 41.80
C LYS A 270 -14.71 -30.49 41.89
N LYS A 271 -13.90 -30.56 40.83
CA LYS A 271 -12.75 -29.68 40.63
C LYS A 271 -12.57 -29.52 39.13
N SER A 272 -12.24 -28.30 38.70
CA SER A 272 -12.24 -27.93 37.29
C SER A 272 -11.06 -28.59 36.56
N VAL A 273 -10.85 -28.19 35.31
CA VAL A 273 -9.79 -28.74 34.48
C VAL A 273 -9.62 -27.78 33.32
N TYR A 274 -8.37 -27.64 32.86
CA TYR A 274 -8.00 -26.62 31.89
C TYR A 274 -7.88 -27.24 30.50
N TRP A 275 -8.61 -26.66 29.55
CA TRP A 275 -8.64 -27.16 28.18
C TRP A 275 -7.67 -26.34 27.34
N HIS A 276 -6.69 -27.02 26.77
CA HIS A 276 -5.73 -26.42 25.86
C HIS A 276 -6.07 -26.95 24.48
N VAL A 277 -6.93 -26.20 23.78
CA VAL A 277 -7.46 -26.58 22.48
C VAL A 277 -6.59 -25.97 21.40
N ILE A 278 -6.31 -26.75 20.36
CA ILE A 278 -5.48 -26.32 19.24
C ILE A 278 -6.08 -26.79 17.92
N GLY A 279 -6.90 -25.94 17.29
CA GLY A 279 -7.54 -26.33 16.05
C GLY A 279 -6.56 -26.37 14.88
N MET A 280 -6.81 -27.29 13.95
CA MET A 280 -5.98 -27.40 12.76
C MET A 280 -6.83 -27.46 11.49
N GLY A 281 -6.62 -28.48 10.66
CA GLY A 281 -7.28 -28.56 9.38
C GLY A 281 -6.66 -27.62 8.36
N THR A 282 -6.11 -28.18 7.29
CA THR A 282 -5.54 -27.34 6.24
C THR A 282 -6.65 -26.68 5.42
N SER A 283 -7.73 -27.40 5.16
CA SER A 283 -8.93 -26.78 4.64
C SER A 283 -9.40 -25.70 5.61
N PRO A 284 -10.20 -24.74 5.14
CA PRO A 284 -10.71 -23.71 6.06
C PRO A 284 -11.69 -24.30 7.06
N GLU A 285 -12.98 -23.97 6.93
CA GLU A 285 -14.06 -24.56 7.72
C GLU A 285 -13.91 -24.26 9.21
N VAL A 286 -14.91 -24.67 10.00
CA VAL A 286 -14.97 -24.37 11.42
C VAL A 286 -15.57 -25.57 12.14
N HIS A 287 -15.60 -25.48 13.48
CA HIS A 287 -16.17 -26.52 14.33
C HIS A 287 -16.80 -25.84 15.53
N SER A 288 -18.12 -25.71 15.51
CA SER A 288 -18.87 -25.21 16.67
C SER A 288 -19.01 -26.35 17.66
N ILE A 289 -18.12 -26.40 18.64
CA ILE A 289 -17.94 -27.58 19.49
C ILE A 289 -18.68 -27.38 20.80
N PHE A 290 -19.53 -28.34 21.16
CA PHE A 290 -20.28 -28.36 22.41
C PHE A 290 -19.81 -29.51 23.28
N LEU A 291 -19.80 -29.29 24.59
CA LEU A 291 -19.61 -30.37 25.57
C LEU A 291 -20.96 -30.69 26.18
N GLU A 292 -21.31 -31.99 26.18
CA GLU A 292 -22.69 -32.45 26.35
C GLU A 292 -23.47 -31.68 27.42
N GLY A 293 -22.91 -31.55 28.62
CA GLY A 293 -23.64 -30.92 29.69
C GLY A 293 -22.92 -29.79 30.39
N HIS A 294 -21.99 -29.14 29.70
CA HIS A 294 -21.17 -28.12 30.34
C HIS A 294 -21.02 -26.91 29.43
N THR A 295 -20.64 -25.80 30.04
CA THR A 295 -20.34 -24.57 29.36
C THR A 295 -18.81 -24.40 29.31
N PHE A 296 -18.34 -23.26 28.80
CA PHE A 296 -16.92 -22.99 28.75
C PHE A 296 -16.61 -21.60 29.28
N LEU A 297 -15.35 -21.42 29.67
CA LEU A 297 -14.86 -20.16 30.22
C LEU A 297 -13.59 -19.72 29.49
N VAL A 298 -13.66 -19.66 28.16
CA VAL A 298 -12.60 -19.01 27.42
C VAL A 298 -12.63 -17.53 27.77
N ARG A 299 -11.44 -16.92 27.86
CA ARG A 299 -11.32 -15.51 28.17
C ARG A 299 -12.03 -15.19 29.49
N HIS A 300 -13.15 -14.47 29.42
CA HIS A 300 -13.90 -14.09 30.62
C HIS A 300 -15.40 -14.08 30.35
N HIS A 301 -15.85 -14.84 29.36
CA HIS A 301 -17.25 -14.83 28.97
C HIS A 301 -17.78 -16.26 28.88
N ARG A 302 -19.08 -16.40 29.05
CA ARG A 302 -19.72 -17.70 28.95
C ARG A 302 -19.73 -18.17 27.50
N GLN A 303 -19.47 -19.46 27.30
CA GLN A 303 -19.39 -20.03 25.96
C GLN A 303 -19.99 -21.44 25.99
N ALA A 304 -21.20 -21.59 25.45
CA ALA A 304 -21.75 -22.93 25.25
C ALA A 304 -20.94 -23.70 24.23
N SER A 305 -20.68 -23.08 23.08
CA SER A 305 -19.93 -23.68 21.99
C SER A 305 -18.46 -23.28 22.06
N LEU A 306 -17.61 -24.12 21.46
CA LEU A 306 -16.19 -23.84 21.32
C LEU A 306 -15.89 -23.68 19.83
N GLU A 307 -16.22 -22.51 19.32
CA GLU A 307 -16.12 -22.23 17.88
C GLU A 307 -14.66 -22.10 17.49
N ILE A 308 -14.10 -23.15 16.90
CA ILE A 308 -12.74 -23.12 16.42
C ILE A 308 -12.75 -22.81 14.93
N SER A 309 -11.57 -22.50 14.39
CA SER A 309 -11.44 -22.13 12.99
C SER A 309 -9.99 -22.27 12.59
N PRO A 310 -9.69 -22.68 11.32
CA PRO A 310 -8.38 -23.25 10.98
C PRO A 310 -7.45 -23.49 12.15
N LEU A 311 -6.56 -22.54 12.42
CA LEU A 311 -5.52 -22.73 13.42
C LEU A 311 -5.78 -21.79 14.58
N THR A 312 -6.70 -22.20 15.47
CA THR A 312 -7.07 -21.43 16.64
C THR A 312 -6.23 -21.86 17.84
N PHE A 313 -6.16 -20.98 18.84
CA PHE A 313 -5.39 -21.25 20.05
C PHE A 313 -6.18 -20.70 21.23
N LEU A 314 -7.08 -21.52 21.77
CA LEU A 314 -7.95 -21.10 22.85
C LEU A 314 -7.71 -21.96 24.09
N THR A 315 -7.84 -21.34 25.25
CA THR A 315 -7.68 -21.99 26.53
C THR A 315 -8.97 -21.82 27.32
N ALA A 316 -9.79 -22.87 27.33
CA ALA A 316 -11.03 -22.86 28.09
C ALA A 316 -10.81 -23.45 29.46
N GLN A 317 -11.75 -23.15 30.36
CA GLN A 317 -11.84 -23.82 31.64
C GLN A 317 -13.30 -24.16 31.91
N THR A 318 -13.52 -25.28 32.58
CA THR A 318 -14.86 -25.73 32.88
C THR A 318 -14.83 -26.51 34.19
N PHE A 319 -15.96 -26.52 34.88
CA PHE A 319 -16.08 -27.22 36.15
C PHE A 319 -16.83 -28.54 35.94
N LEU A 320 -16.30 -29.60 36.54
CA LEU A 320 -16.87 -30.95 36.41
C LEU A 320 -17.71 -31.27 37.64
N MET A 321 -18.86 -30.61 37.72
CA MET A 321 -19.73 -30.77 38.88
C MET A 321 -20.38 -32.14 38.96
N ASP A 322 -20.42 -32.88 37.85
CA ASP A 322 -21.16 -34.13 37.76
C ASP A 322 -20.21 -35.33 37.79
N LEU A 323 -20.82 -36.50 37.86
CA LEU A 323 -20.13 -37.77 37.75
C LEU A 323 -20.65 -38.52 36.52
N GLY A 324 -19.82 -39.39 35.98
CA GLY A 324 -20.20 -40.27 34.91
C GLY A 324 -19.49 -39.99 33.61
N GLN A 325 -20.11 -40.46 32.53
CA GLN A 325 -19.54 -40.38 31.19
C GLN A 325 -20.31 -39.37 30.34
N PHE A 326 -19.56 -38.57 29.58
CA PHE A 326 -20.11 -37.49 28.78
C PHE A 326 -19.52 -37.56 27.37
N LEU A 327 -20.18 -36.87 26.45
CA LEU A 327 -19.75 -36.81 25.07
C LEU A 327 -19.36 -35.38 24.71
N LEU A 328 -18.41 -35.26 23.79
CA LEU A 328 -18.01 -33.97 23.23
C LEU A 328 -18.00 -34.10 21.72
N PHE A 329 -18.97 -33.47 21.06
CA PHE A 329 -19.20 -33.69 19.64
C PHE A 329 -19.30 -32.37 18.89
N CYS A 330 -19.27 -32.48 17.57
CA CYS A 330 -19.41 -31.34 16.68
C CYS A 330 -20.87 -31.18 16.28
N HIS A 331 -21.39 -29.96 16.43
CA HIS A 331 -22.79 -29.68 16.18
C HIS A 331 -23.00 -28.91 14.87
N ILE A 332 -22.23 -29.24 13.85
CA ILE A 332 -22.45 -28.66 12.54
C ILE A 332 -23.55 -29.44 11.83
N SER A 333 -24.42 -28.73 11.10
CA SER A 333 -25.49 -29.38 10.37
C SER A 333 -24.99 -30.32 9.28
N SER A 334 -23.78 -30.11 8.77
CA SER A 334 -23.18 -30.97 7.74
C SER A 334 -22.51 -32.15 8.43
N HIS A 335 -23.18 -33.30 8.44
CA HIS A 335 -22.65 -34.47 9.13
C HIS A 335 -21.62 -35.23 8.30
N HIS A 336 -20.67 -34.50 7.73
CA HIS A 336 -19.34 -35.06 7.49
C HIS A 336 -18.54 -35.13 8.77
N HIS A 337 -18.90 -34.32 9.78
CA HIS A 337 -18.16 -34.19 11.02
C HIS A 337 -18.53 -35.29 11.99
N GLY A 338 -18.92 -36.46 11.47
CA GLY A 338 -19.22 -37.60 12.31
C GLY A 338 -18.03 -38.19 13.05
N GLY A 339 -16.84 -37.62 12.88
CA GLY A 339 -15.67 -38.09 13.58
C GLY A 339 -15.35 -37.27 14.81
N MET A 340 -15.56 -35.96 14.73
CA MET A 340 -15.26 -35.05 15.83
C MET A 340 -16.06 -35.38 17.08
N GLU A 341 -15.94 -36.59 17.59
CA GLU A 341 -16.67 -37.02 18.77
C GLU A 341 -15.78 -37.93 19.60
N ALA A 342 -15.68 -37.65 20.90
CA ALA A 342 -14.82 -38.38 21.80
C ALA A 342 -15.53 -38.57 23.13
N HIS A 343 -14.98 -39.45 23.97
CA HIS A 343 -15.63 -39.84 25.21
C HIS A 343 -14.92 -39.26 26.41
N VAL A 344 -15.70 -38.79 27.37
CA VAL A 344 -15.20 -38.09 28.56
C VAL A 344 -15.80 -38.75 29.79
N ARG A 345 -14.96 -39.03 30.80
CA ARG A 345 -15.43 -39.65 32.04
C ARG A 345 -14.80 -38.92 33.22
N VAL A 346 -15.61 -38.21 33.98
CA VAL A 346 -15.19 -37.69 35.28
C VAL A 346 -15.35 -38.78 36.31
N GLU A 347 -14.46 -38.79 37.30
CA GLU A 347 -14.45 -39.82 38.32
C GLU A 347 -14.03 -39.20 39.66
N SER A 348 -13.92 -40.03 40.68
CA SER A 348 -13.51 -39.58 42.00
C SER A 348 -11.98 -39.68 42.14
N CYS A 349 -11.46 -38.93 43.11
CA CYS A 349 -10.02 -38.83 43.30
C CYS A 349 -9.71 -38.90 44.79
N ALA A 350 -8.43 -38.67 45.13
CA ALA A 350 -7.96 -38.75 46.52
C ALA A 350 -8.39 -37.51 47.31
N GLU A 351 -7.42 -36.77 47.82
CA GLU A 351 -7.72 -35.53 48.54
C GLU A 351 -8.18 -34.45 47.55
N ASP A 380 -8.69 -26.34 46.89
CA ASP A 380 -8.55 -25.54 45.68
C ASP A 380 -7.40 -24.55 45.78
N GLY A 381 -6.18 -24.99 45.42
CA GLY A 381 -5.07 -24.08 45.34
C GLY A 381 -5.29 -23.02 44.27
N ASP A 382 -4.71 -21.85 44.50
CA ASP A 382 -4.97 -20.69 43.66
C ASP A 382 -4.36 -20.90 42.28
N ASP A 383 -5.19 -21.35 41.33
CA ASP A 383 -4.84 -21.46 39.91
C ASP A 383 -5.99 -20.84 39.13
N VAL A 384 -5.95 -19.52 38.98
CA VAL A 384 -7.08 -18.69 38.53
C VAL A 384 -8.39 -19.30 39.00
N SER A 385 -8.52 -19.48 40.32
CA SER A 385 -9.73 -19.96 40.95
C SER A 385 -10.91 -19.18 40.38
N PRO A 386 -12.08 -19.80 40.22
CA PRO A 386 -13.15 -19.19 39.44
C PRO A 386 -13.46 -17.76 39.89
N PHE A 387 -13.98 -16.97 38.94
CA PHE A 387 -14.04 -15.52 39.08
C PHE A 387 -15.41 -14.95 38.74
N ILE A 388 -16.44 -15.78 38.61
CA ILE A 388 -17.77 -15.33 38.26
C ILE A 388 -18.56 -15.01 39.51
N GLN A 389 -17.87 -14.41 40.50
CA GLN A 389 -18.39 -14.29 41.87
C GLN A 389 -19.80 -13.74 41.93
N ILE A 390 -20.63 -14.36 42.78
CA ILE A 390 -22.03 -14.00 42.96
C ILE A 390 -22.39 -14.12 44.43
N ARG A 391 -23.22 -13.20 44.92
CA ARG A 391 -23.71 -13.24 46.29
C ARG A 391 -24.84 -12.24 46.50
N SER A 392 -24.54 -11.12 47.15
CA SER A 392 -25.58 -10.17 47.57
C SER A 392 -25.08 -8.74 47.38
N VAL A 393 -25.62 -8.06 46.36
CA VAL A 393 -25.45 -6.61 46.22
C VAL A 393 -26.81 -6.02 45.83
N ALA A 394 -27.88 -6.79 46.04
CA ALA A 394 -29.20 -6.40 45.57
C ALA A 394 -30.22 -6.35 46.71
N LYS A 395 -31.51 -6.55 46.38
CA LYS A 395 -32.58 -6.46 47.37
C LYS A 395 -33.63 -7.56 47.21
N LYS A 396 -34.44 -7.49 46.15
CA LYS A 396 -35.56 -8.40 45.99
C LYS A 396 -35.08 -9.82 45.68
N HIS A 397 -36.01 -10.77 45.81
CA HIS A 397 -35.79 -12.20 45.61
C HIS A 397 -36.15 -12.61 44.19
N PRO A 398 -35.65 -13.77 43.74
CA PRO A 398 -36.12 -14.32 42.46
C PRO A 398 -37.57 -14.74 42.55
N LYS A 399 -38.34 -14.40 41.52
CA LYS A 399 -39.75 -14.77 41.44
C LYS A 399 -39.92 -16.03 40.60
N THR A 400 -40.74 -16.95 41.10
CA THR A 400 -41.19 -18.07 40.29
C THR A 400 -42.09 -17.55 39.18
N TRP A 401 -41.76 -17.91 37.95
CA TRP A 401 -42.42 -17.29 36.80
C TRP A 401 -43.57 -18.15 36.28
N VAL A 402 -44.50 -17.48 35.61
CA VAL A 402 -45.77 -18.05 35.21
C VAL A 402 -45.79 -18.11 33.68
N HIS A 403 -45.68 -19.30 33.12
CA HIS A 403 -45.68 -19.48 31.67
C HIS A 403 -46.49 -20.71 31.28
N TYR A 404 -47.35 -20.55 30.27
CA TYR A 404 -48.11 -21.64 29.67
C TYR A 404 -47.85 -21.62 28.17
N ILE A 405 -47.38 -22.73 27.63
CA ILE A 405 -46.95 -22.79 26.24
C ILE A 405 -47.63 -23.97 25.55
N ALA A 406 -48.25 -23.71 24.40
CA ALA A 406 -48.83 -24.74 23.57
C ALA A 406 -48.01 -24.89 22.30
N ALA A 407 -47.89 -26.11 21.80
CA ALA A 407 -47.21 -26.41 20.54
C ALA A 407 -48.27 -26.80 19.51
N GLU A 408 -49.13 -25.84 19.18
CA GLU A 408 -50.25 -26.07 18.28
C GLU A 408 -49.85 -25.78 16.84
N GLU A 409 -50.79 -26.01 15.92
CA GLU A 409 -50.54 -25.90 14.49
C GLU A 409 -51.28 -24.70 13.90
N GLU A 410 -50.62 -24.02 12.96
CA GLU A 410 -51.19 -22.88 12.26
C GLU A 410 -50.60 -22.85 10.85
N ASP A 411 -50.98 -21.84 10.07
CA ASP A 411 -50.37 -21.57 8.77
C ASP A 411 -49.61 -20.25 8.83
N TRP A 412 -48.58 -20.15 8.00
CA TRP A 412 -47.62 -19.05 8.08
C TRP A 412 -47.33 -18.50 6.69
N ASP A 413 -47.31 -17.18 6.58
CA ASP A 413 -46.91 -16.49 5.36
C ASP A 413 -45.52 -15.91 5.60
N TYR A 414 -44.52 -16.44 4.90
CA TYR A 414 -43.18 -15.89 5.00
C TYR A 414 -43.05 -14.48 4.43
N ALA A 415 -44.14 -13.87 3.96
CA ALA A 415 -44.14 -12.49 3.51
C ALA A 415 -45.58 -12.01 3.42
N PRO A 416 -46.19 -11.61 4.54
CA PRO A 416 -47.54 -11.06 4.49
C PRO A 416 -47.63 -9.75 3.73
N LEU A 417 -46.50 -9.15 3.35
CA LEU A 417 -46.52 -7.94 2.53
C LEU A 417 -45.87 -8.22 1.18
N VAL A 418 -46.33 -9.28 0.50
CA VAL A 418 -45.85 -9.65 -0.83
C VAL A 418 -46.30 -8.66 -1.88
N LEU A 419 -45.77 -8.82 -3.09
CA LEU A 419 -46.05 -8.00 -4.25
C LEU A 419 -45.21 -8.56 -5.40
N ALA A 420 -45.48 -8.06 -6.60
CA ALA A 420 -44.72 -8.36 -7.82
C ALA A 420 -44.84 -9.83 -8.21
N PRO A 421 -45.67 -10.15 -9.22
CA PRO A 421 -45.74 -11.52 -9.72
C PRO A 421 -44.90 -11.71 -10.97
N ASP A 422 -43.58 -11.72 -10.80
CA ASP A 422 -42.64 -11.70 -11.91
C ASP A 422 -42.15 -13.12 -12.21
N ASP A 423 -41.16 -13.22 -13.10
CA ASP A 423 -40.62 -14.51 -13.53
C ASP A 423 -39.11 -14.59 -13.31
N ARG A 424 -38.34 -13.66 -13.87
CA ARG A 424 -36.90 -13.60 -13.68
C ARG A 424 -36.53 -13.35 -12.22
N SER A 425 -37.55 -13.13 -11.38
CA SER A 425 -37.31 -12.67 -10.01
C SER A 425 -36.80 -13.79 -9.12
N TYR A 426 -35.86 -13.43 -8.24
CA TYR A 426 -35.45 -14.35 -7.17
C TYR A 426 -36.60 -14.59 -6.19
N LYS A 427 -37.46 -13.58 -5.98
CA LYS A 427 -38.60 -13.72 -5.08
C LYS A 427 -39.82 -14.37 -5.76
N SER A 428 -39.61 -15.03 -6.90
CA SER A 428 -40.66 -15.83 -7.52
C SER A 428 -40.54 -17.30 -7.16
N GLN A 429 -39.34 -17.88 -7.33
CA GLN A 429 -39.11 -19.27 -6.94
C GLN A 429 -39.49 -19.50 -5.47
N TYR A 430 -38.93 -18.68 -4.58
CA TYR A 430 -39.09 -18.90 -3.15
C TYR A 430 -40.47 -18.47 -2.65
N LEU A 431 -41.22 -17.69 -3.42
CA LEU A 431 -42.39 -17.04 -2.85
C LEU A 431 -43.63 -17.19 -3.72
N ASN A 432 -43.48 -16.93 -5.03
CA ASN A 432 -44.64 -16.82 -5.91
C ASN A 432 -45.43 -18.12 -5.95
N ASN A 433 -46.67 -18.08 -5.48
CA ASN A 433 -47.51 -19.27 -5.47
C ASN A 433 -47.98 -19.59 -6.87
N GLY A 434 -47.96 -20.88 -7.20
CA GLY A 434 -48.41 -21.34 -8.49
C GLY A 434 -49.08 -22.69 -8.43
N PRO A 435 -49.21 -23.36 -9.57
CA PRO A 435 -49.84 -24.68 -9.59
C PRO A 435 -48.96 -25.79 -9.07
N GLN A 436 -47.69 -25.51 -8.76
CA GLN A 436 -46.76 -26.56 -8.37
C GLN A 436 -45.73 -26.06 -7.37
N ARG A 437 -45.71 -24.75 -7.13
CA ARG A 437 -44.87 -24.16 -6.10
C ARG A 437 -45.75 -23.30 -5.21
N ILE A 438 -45.83 -23.67 -3.93
CA ILE A 438 -46.66 -22.90 -2.99
C ILE A 438 -45.92 -21.69 -2.43
N GLY A 439 -44.59 -21.68 -2.49
CA GLY A 439 -43.76 -20.50 -2.23
C GLY A 439 -44.12 -19.61 -1.07
N ARG A 440 -45.37 -19.13 -1.04
CA ARG A 440 -45.79 -18.14 -0.05
C ARG A 440 -46.16 -18.79 1.28
N LYS A 441 -47.30 -19.46 1.34
CA LYS A 441 -47.88 -19.92 2.59
C LYS A 441 -47.54 -21.38 2.84
N TYR A 442 -47.35 -21.73 4.11
CA TYR A 442 -46.98 -23.08 4.50
C TYR A 442 -47.64 -23.42 5.84
N LYS A 443 -47.90 -24.71 6.04
CA LYS A 443 -48.48 -25.23 7.27
C LYS A 443 -47.35 -25.72 8.17
N LYS A 444 -47.26 -25.16 9.38
CA LYS A 444 -46.14 -25.44 10.27
C LYS A 444 -46.62 -25.74 11.68
N VAL A 445 -45.78 -25.49 12.68
CA VAL A 445 -46.17 -25.68 14.09
C VAL A 445 -45.33 -24.77 14.97
N ARG A 446 -45.98 -23.91 15.74
CA ARG A 446 -45.30 -22.90 16.54
C ARG A 446 -45.29 -23.28 18.01
N PHE A 447 -44.76 -22.37 18.84
CA PHE A 447 -44.92 -22.39 20.29
C PHE A 447 -45.80 -21.20 20.65
N MET A 448 -47.04 -21.48 21.02
CA MET A 448 -48.01 -20.43 21.29
C MET A 448 -48.12 -20.19 22.79
N ALA A 449 -48.29 -18.93 23.16
CA ALA A 449 -48.35 -18.50 24.55
C ALA A 449 -49.80 -18.39 25.00
N TYR A 450 -50.14 -19.06 26.11
CA TYR A 450 -51.48 -19.06 26.66
C TYR A 450 -51.48 -18.56 28.10
N THR A 451 -52.64 -18.09 28.54
CA THR A 451 -52.75 -17.36 29.79
C THR A 451 -53.02 -18.23 31.01
N ASP A 452 -53.46 -19.47 30.82
CA ASP A 452 -53.87 -20.30 31.95
C ASP A 452 -53.85 -21.76 31.52
N GLU A 453 -54.45 -22.62 32.33
CA GLU A 453 -54.40 -24.07 32.11
C GLU A 453 -55.51 -24.58 31.20
N THR A 454 -56.56 -23.80 30.95
CA THR A 454 -57.52 -24.20 29.93
C THR A 454 -56.85 -24.29 28.57
N PHE A 455 -55.83 -23.46 28.34
CA PHE A 455 -55.14 -23.37 27.06
C PHE A 455 -56.10 -23.03 25.93
N LYS A 456 -57.17 -22.32 26.26
CA LYS A 456 -58.18 -21.89 25.31
C LYS A 456 -58.37 -20.38 25.38
N THR A 457 -57.26 -19.64 25.54
CA THR A 457 -57.22 -18.19 25.42
C THR A 457 -55.77 -17.75 25.31
N ARG A 458 -55.40 -17.16 24.18
CA ARG A 458 -53.99 -17.00 23.81
C ARG A 458 -53.43 -15.66 24.26
N GLU A 459 -52.21 -15.68 24.81
CA GLU A 459 -51.46 -14.47 25.07
C GLU A 459 -51.21 -13.72 23.78
N ALA A 460 -51.43 -12.40 23.81
CA ALA A 460 -51.33 -11.54 22.64
C ALA A 460 -50.03 -11.78 21.88
N ILE A 461 -50.12 -12.49 20.75
CA ILE A 461 -48.97 -12.69 19.88
C ILE A 461 -48.72 -11.40 19.10
N GLN A 462 -47.47 -11.19 18.72
CA GLN A 462 -47.05 -9.93 18.13
C GLN A 462 -46.33 -10.15 16.81
N HIS A 463 -46.42 -9.15 15.94
CA HIS A 463 -45.56 -9.05 14.78
C HIS A 463 -44.13 -8.73 15.25
N GLU A 464 -43.19 -8.69 14.31
CA GLU A 464 -41.79 -8.43 14.60
C GLU A 464 -41.20 -9.45 15.59
N SER A 465 -41.86 -10.60 15.67
CA SER A 465 -41.41 -11.77 16.43
C SER A 465 -42.38 -12.91 16.14
N GLY A 466 -42.66 -13.16 14.86
CA GLY A 466 -43.56 -14.23 14.47
C GLY A 466 -42.85 -15.56 14.33
N ILE A 467 -43.63 -16.59 13.99
CA ILE A 467 -43.17 -17.97 13.75
C ILE A 467 -42.58 -18.57 15.02
N LEU A 468 -42.34 -17.76 16.04
CA LEU A 468 -41.61 -18.19 17.22
C LEU A 468 -42.53 -18.25 18.44
N GLY A 469 -41.92 -18.49 19.60
CA GLY A 469 -42.64 -18.67 20.84
C GLY A 469 -42.43 -17.55 21.83
N PRO A 470 -43.06 -17.66 23.00
CA PRO A 470 -42.99 -16.58 23.99
C PRO A 470 -41.57 -16.30 24.42
N LEU A 471 -41.29 -15.01 24.64
CA LEU A 471 -40.04 -14.60 25.28
C LEU A 471 -39.95 -15.21 26.67
N LEU A 472 -38.83 -15.85 26.97
CA LEU A 472 -38.64 -16.57 28.22
C LEU A 472 -37.46 -15.95 28.97
N TYR A 473 -37.76 -15.22 30.02
CA TYR A 473 -36.80 -14.41 30.76
C TYR A 473 -36.50 -15.03 32.12
N GLY A 474 -35.28 -14.81 32.61
CA GLY A 474 -34.88 -15.32 33.91
C GLY A 474 -33.55 -14.83 34.42
N GLU A 475 -33.51 -14.40 35.68
CA GLU A 475 -32.28 -13.94 36.32
C GLU A 475 -31.49 -15.14 36.81
N VAL A 476 -30.42 -14.88 37.57
CA VAL A 476 -29.71 -15.96 38.24
C VAL A 476 -30.56 -16.45 39.41
N GLY A 477 -30.75 -17.75 39.51
CA GLY A 477 -31.48 -18.33 40.61
C GLY A 477 -32.99 -18.19 40.52
N ASP A 478 -33.52 -17.58 39.46
CA ASP A 478 -34.95 -17.45 39.31
C ASP A 478 -35.58 -18.82 39.02
N THR A 479 -36.90 -18.84 38.89
CA THR A 479 -37.64 -20.07 38.65
C THR A 479 -38.60 -19.86 37.49
N LEU A 480 -38.57 -20.77 36.53
CA LEU A 480 -39.43 -20.73 35.36
C LEU A 480 -40.30 -21.98 35.36
N LEU A 481 -41.61 -21.79 35.45
CA LEU A 481 -42.58 -22.89 35.42
C LEU A 481 -43.15 -22.99 34.01
N ILE A 482 -42.57 -23.88 33.22
CA ILE A 482 -42.93 -24.05 31.81
C ILE A 482 -43.94 -25.19 31.73
N ILE A 483 -45.20 -24.84 31.51
CA ILE A 483 -46.28 -25.82 31.41
C ILE A 483 -46.55 -26.05 29.93
N PHE A 484 -46.59 -27.32 29.51
CA PHE A 484 -46.57 -27.68 28.10
C PHE A 484 -47.75 -28.57 27.75
N LYS A 485 -48.50 -28.16 26.71
CA LYS A 485 -49.62 -28.90 26.18
C LYS A 485 -49.43 -29.05 24.67
N ASN A 486 -49.62 -30.26 24.16
CA ASN A 486 -49.47 -30.53 22.73
C ASN A 486 -50.85 -30.53 22.07
N GLN A 487 -51.01 -29.68 21.06
CA GLN A 487 -52.24 -29.65 20.28
C GLN A 487 -51.90 -29.89 18.81
N ALA A 488 -51.24 -31.00 18.51
CA ALA A 488 -50.69 -31.21 17.18
C ALA A 488 -50.94 -32.64 16.72
N SER A 489 -50.57 -32.90 15.46
CA SER A 489 -50.75 -34.20 14.85
C SER A 489 -49.67 -35.19 15.25
N ARG A 490 -48.66 -34.75 15.98
CA ARG A 490 -47.48 -35.57 16.25
C ARG A 490 -46.94 -35.20 17.62
N PRO A 491 -46.11 -36.06 18.23
CA PRO A 491 -45.52 -35.76 19.55
C PRO A 491 -44.29 -34.87 19.43
N TYR A 492 -44.37 -33.69 20.05
CA TYR A 492 -43.27 -32.73 20.09
C TYR A 492 -42.83 -32.51 21.52
N ASN A 493 -41.65 -31.92 21.68
CA ASN A 493 -41.03 -31.72 22.98
C ASN A 493 -40.78 -30.23 23.22
N ILE A 494 -40.33 -29.92 24.44
CA ILE A 494 -39.90 -28.56 24.79
C ILE A 494 -38.72 -28.67 25.74
N TYR A 495 -37.63 -27.99 25.41
CA TYR A 495 -36.34 -28.19 26.07
C TYR A 495 -35.43 -26.99 25.82
N PRO A 496 -34.75 -26.48 26.84
CA PRO A 496 -33.95 -25.27 26.68
C PRO A 496 -32.48 -25.55 26.42
N HIS A 497 -31.75 -24.59 25.88
CA HIS A 497 -30.32 -24.78 25.60
C HIS A 497 -29.49 -23.81 26.44
N GLY A 498 -28.23 -24.20 26.68
CA GLY A 498 -27.34 -23.40 27.49
C GLY A 498 -27.55 -23.61 28.97
N ILE A 499 -28.81 -23.66 29.38
CA ILE A 499 -29.15 -24.05 30.75
C ILE A 499 -28.73 -25.50 30.96
N THR A 500 -28.15 -25.77 32.13
CA THR A 500 -27.66 -27.11 32.48
C THR A 500 -28.50 -27.76 33.57
N ASP A 501 -29.71 -27.26 33.81
CA ASP A 501 -30.55 -27.71 34.92
C ASP A 501 -32.00 -27.71 34.45
N VAL A 502 -32.57 -28.91 34.27
CA VAL A 502 -33.96 -29.06 33.87
C VAL A 502 -34.48 -30.43 34.25
N ARG A 503 -35.59 -30.46 34.97
CA ARG A 503 -36.19 -31.70 35.46
C ARG A 503 -37.69 -31.46 35.59
N PRO A 504 -38.49 -32.52 35.64
CA PRO A 504 -39.93 -32.32 35.83
C PRO A 504 -40.23 -31.69 37.18
N LEU A 505 -41.27 -30.85 37.20
CA LEU A 505 -41.72 -30.31 38.48
C LEU A 505 -42.15 -31.44 39.40
N TYR A 506 -42.13 -31.15 40.70
CA TYR A 506 -42.52 -32.11 41.74
C TYR A 506 -41.51 -33.25 41.82
N SER A 507 -41.37 -34.02 40.75
CA SER A 507 -40.58 -35.25 40.80
C SER A 507 -39.13 -35.01 40.38
N ARG A 508 -38.28 -35.96 40.77
CA ARG A 508 -36.87 -36.00 40.38
C ARG A 508 -36.62 -36.95 39.22
N ARG A 509 -37.22 -38.13 39.24
CA ARG A 509 -36.73 -39.27 38.47
C ARG A 509 -37.40 -39.35 37.10
N LEU A 510 -36.93 -40.31 36.28
CA LEU A 510 -37.20 -40.48 34.86
C LEU A 510 -38.44 -41.33 34.63
N PRO A 511 -39.03 -41.26 33.42
CA PRO A 511 -40.21 -42.07 33.10
C PRO A 511 -39.98 -43.57 33.16
N LYS A 512 -39.75 -44.20 31.99
CA LYS A 512 -39.51 -45.63 31.94
C LYS A 512 -38.06 -45.84 31.51
N GLY A 513 -37.81 -46.26 30.28
CA GLY A 513 -36.46 -46.34 29.76
C GLY A 513 -36.07 -45.04 29.09
N VAL A 514 -35.74 -44.04 29.90
CA VAL A 514 -35.39 -42.70 29.41
C VAL A 514 -34.09 -42.32 30.09
N LYS A 515 -32.95 -42.62 29.45
CA LYS A 515 -31.65 -42.37 30.08
C LYS A 515 -31.44 -40.88 30.33
N HIS A 516 -32.03 -40.02 29.50
CA HIS A 516 -31.84 -38.59 29.60
C HIS A 516 -33.09 -37.92 29.03
N LEU A 517 -33.64 -36.96 29.78
CA LEU A 517 -34.95 -36.40 29.47
C LEU A 517 -35.00 -35.72 28.10
N LYS A 518 -33.86 -35.33 27.54
CA LYS A 518 -33.84 -34.45 26.38
C LYS A 518 -34.76 -34.95 25.27
N ASP A 519 -34.57 -36.19 24.83
CA ASP A 519 -35.30 -36.71 23.67
C ASP A 519 -36.42 -37.64 24.14
N PHE A 520 -37.39 -37.04 24.82
CA PHE A 520 -38.57 -37.76 25.28
C PHE A 520 -39.81 -37.07 24.73
N PRO A 521 -40.67 -37.77 23.99
CA PRO A 521 -41.79 -37.09 23.31
C PRO A 521 -43.03 -36.92 24.18
N ILE A 522 -43.62 -35.73 24.05
CA ILE A 522 -44.90 -35.41 24.70
C ILE A 522 -46.01 -35.69 23.70
N LEU A 523 -46.94 -36.56 24.09
CA LEU A 523 -47.93 -37.10 23.15
C LEU A 523 -48.92 -36.01 22.73
N PRO A 524 -49.56 -36.18 21.54
CA PRO A 524 -50.53 -35.18 21.07
C PRO A 524 -51.74 -35.06 22.00
N GLY A 525 -51.53 -34.44 23.15
CA GLY A 525 -52.61 -34.22 24.10
C GLY A 525 -52.13 -34.06 25.53
N GLU A 526 -50.88 -34.42 25.80
CA GLU A 526 -50.38 -34.44 27.17
C GLU A 526 -50.31 -33.04 27.77
N ILE A 527 -50.01 -33.01 29.06
CA ILE A 527 -49.85 -31.78 29.82
C ILE A 527 -48.70 -32.04 30.80
N PHE A 528 -47.49 -31.63 30.42
CA PHE A 528 -46.30 -31.90 31.22
C PHE A 528 -45.80 -30.63 31.89
N LYS A 529 -45.30 -30.79 33.12
CA LYS A 529 -44.87 -29.70 33.99
C LYS A 529 -43.35 -29.76 34.14
N TYR A 530 -42.65 -28.94 33.37
CA TYR A 530 -41.21 -28.81 33.48
C TYR A 530 -40.83 -27.71 34.47
N LYS A 531 -39.72 -27.93 35.17
CA LYS A 531 -39.18 -26.96 36.12
C LYS A 531 -37.76 -26.60 35.67
N TRP A 532 -37.57 -25.36 35.23
CA TRP A 532 -36.26 -24.83 34.89
C TRP A 532 -35.78 -23.91 36.00
N THR A 533 -34.53 -24.10 36.44
CA THR A 533 -33.91 -23.24 37.44
C THR A 533 -32.52 -22.84 36.94
N VAL A 534 -32.17 -21.58 37.16
CA VAL A 534 -30.94 -21.00 36.63
C VAL A 534 -29.89 -21.03 37.73
N THR A 535 -28.86 -21.85 37.56
CA THR A 535 -27.72 -21.81 38.47
C THR A 535 -26.84 -20.62 38.11
N VAL A 536 -25.59 -20.61 38.59
CA VAL A 536 -24.64 -19.61 38.11
C VAL A 536 -23.79 -20.15 36.98
N GLU A 537 -23.30 -21.39 37.11
CA GLU A 537 -22.44 -21.95 36.09
C GLU A 537 -23.21 -22.20 34.79
N ASP A 538 -23.74 -21.12 34.22
CA ASP A 538 -24.47 -21.15 32.95
C ASP A 538 -24.85 -19.71 32.57
N GLY A 539 -24.21 -18.73 33.21
CA GLY A 539 -24.54 -17.35 33.00
C GLY A 539 -23.34 -16.43 32.91
N PRO A 540 -23.56 -15.14 33.19
CA PRO A 540 -22.52 -14.14 32.96
C PRO A 540 -21.29 -14.24 33.86
N THR A 541 -20.45 -13.21 33.78
CA THR A 541 -19.16 -13.20 34.47
C THR A 541 -18.77 -11.78 34.93
N LYS A 542 -19.69 -10.81 34.83
CA LYS A 542 -19.42 -9.38 35.00
C LYS A 542 -18.68 -8.81 33.79
N SER A 543 -18.06 -9.69 33.00
CA SER A 543 -17.35 -9.27 31.80
C SER A 543 -18.31 -9.12 30.62
N ASP A 544 -18.99 -10.21 30.28
CA ASP A 544 -19.92 -10.26 29.16
C ASP A 544 -21.12 -9.36 29.41
N PRO A 545 -21.99 -9.16 28.42
CA PRO A 545 -23.17 -8.32 28.61
C PRO A 545 -24.10 -8.88 29.69
N ARG A 546 -25.12 -8.08 30.02
CA ARG A 546 -26.03 -8.44 31.10
C ARG A 546 -26.70 -9.78 30.85
N CYS A 547 -27.14 -10.02 29.62
CA CYS A 547 -28.02 -11.14 29.31
C CYS A 547 -27.52 -11.89 28.07
N LEU A 548 -26.75 -12.96 28.28
CA LEU A 548 -26.39 -13.80 27.15
C LEU A 548 -27.63 -14.50 26.62
N THR A 549 -27.50 -15.04 25.41
CA THR A 549 -28.65 -15.49 24.62
C THR A 549 -28.53 -16.96 24.28
N ARG A 550 -29.59 -17.73 24.56
CA ARG A 550 -29.70 -19.13 24.17
C ARG A 550 -31.13 -19.40 23.72
N TYR A 551 -31.38 -20.63 23.25
CA TYR A 551 -32.62 -20.97 22.55
C TYR A 551 -33.35 -22.13 23.23
N TYR A 552 -34.58 -22.34 22.79
CA TYR A 552 -35.33 -23.55 23.15
C TYR A 552 -36.19 -23.96 21.97
N SER A 553 -36.50 -25.26 21.92
CA SER A 553 -37.34 -25.85 20.88
C SER A 553 -37.57 -27.32 21.23
N SER A 554 -37.87 -28.16 20.23
CA SER A 554 -38.04 -29.58 20.48
C SER A 554 -36.71 -30.32 20.32
N PHE A 555 -36.67 -31.52 20.88
CA PHE A 555 -35.47 -32.35 20.86
C PHE A 555 -35.71 -33.75 20.33
N VAL A 556 -36.96 -34.15 20.08
CA VAL A 556 -37.20 -35.52 19.65
C VAL A 556 -36.68 -35.72 18.22
N ASN A 557 -36.64 -34.65 17.42
CA ASN A 557 -36.12 -34.70 16.05
C ASN A 557 -35.59 -33.30 15.74
N MET A 558 -34.41 -33.01 16.29
CA MET A 558 -33.75 -31.70 16.23
C MET A 558 -33.91 -31.00 14.90
N GLU A 559 -33.30 -31.55 13.85
CA GLU A 559 -33.29 -30.88 12.54
C GLU A 559 -34.70 -30.72 11.99
N ARG A 560 -35.53 -31.75 12.10
CA ARG A 560 -36.87 -31.68 11.53
C ARG A 560 -37.80 -30.80 12.35
N ASP A 561 -37.85 -31.01 13.67
CA ASP A 561 -38.65 -30.16 14.53
C ASP A 561 -38.26 -28.70 14.38
N LEU A 562 -36.97 -28.44 14.17
CA LEU A 562 -36.50 -27.10 13.85
C LEU A 562 -37.16 -26.58 12.58
N ALA A 563 -37.13 -27.38 11.52
CA ALA A 563 -37.70 -26.98 10.25
C ALA A 563 -39.22 -27.01 10.27
N SER A 564 -39.83 -27.76 11.19
CA SER A 564 -41.28 -27.78 11.28
C SER A 564 -41.83 -26.41 11.64
N GLY A 565 -41.20 -25.74 12.62
CA GLY A 565 -41.59 -24.39 12.99
C GLY A 565 -41.39 -24.07 14.46
N LEU A 566 -41.00 -25.07 15.26
CA LEU A 566 -40.83 -24.88 16.70
C LEU A 566 -39.55 -24.11 16.96
N ILE A 567 -39.67 -22.97 17.66
CA ILE A 567 -38.51 -22.20 18.11
C ILE A 567 -38.95 -21.18 19.15
N GLY A 568 -38.07 -20.89 20.11
CA GLY A 568 -38.36 -19.93 21.14
C GLY A 568 -37.11 -19.42 21.82
N PRO A 569 -37.19 -18.21 22.39
CA PRO A 569 -36.02 -17.56 22.95
C PRO A 569 -35.83 -17.76 24.45
N LEU A 570 -34.58 -17.67 24.87
CA LEU A 570 -34.17 -17.85 26.26
C LEU A 570 -33.15 -16.78 26.63
N LEU A 571 -33.27 -16.24 27.85
CA LEU A 571 -32.43 -15.14 28.32
C LEU A 571 -32.00 -15.38 29.76
N ILE A 572 -30.73 -15.08 30.06
CA ILE A 572 -30.18 -15.21 31.41
C ILE A 572 -29.46 -13.91 31.74
N CYS A 573 -29.99 -13.15 32.70
CA CYS A 573 -29.56 -11.80 33.04
C CYS A 573 -28.89 -11.77 34.42
N TYR A 574 -28.66 -10.56 34.94
CA TYR A 574 -28.11 -10.36 36.27
C TYR A 574 -28.63 -9.06 36.84
N LYS A 575 -28.89 -9.05 38.15
CA LYS A 575 -29.61 -7.97 38.82
C LYS A 575 -28.82 -6.67 38.94
N GLU A 576 -27.75 -6.69 39.73
CA GLU A 576 -27.02 -5.48 40.09
C GLU A 576 -26.42 -4.79 38.87
N SER A 587 -42.24 -4.81 27.71
CA SER A 587 -41.00 -4.59 26.97
C SER A 587 -39.85 -4.19 27.90
N ASP A 588 -39.80 -4.77 29.10
CA ASP A 588 -38.66 -4.55 29.98
C ASP A 588 -37.39 -5.10 29.36
N LYS A 589 -37.50 -6.22 28.63
CA LYS A 589 -36.44 -6.72 27.76
C LYS A 589 -36.99 -6.79 26.34
N ARG A 590 -36.27 -6.19 25.40
CA ARG A 590 -36.83 -5.77 24.12
C ARG A 590 -37.04 -6.89 23.11
N ASN A 591 -37.03 -6.54 21.82
CA ASN A 591 -37.36 -7.44 20.73
C ASN A 591 -36.13 -8.24 20.27
N VAL A 592 -36.41 -9.29 19.49
CA VAL A 592 -35.45 -10.34 19.20
C VAL A 592 -35.38 -10.56 17.69
N ILE A 593 -34.29 -11.19 17.25
CA ILE A 593 -34.06 -11.50 15.85
C ILE A 593 -33.45 -12.89 15.75
N LEU A 594 -34.07 -13.77 14.96
CA LEU A 594 -33.53 -15.08 14.64
C LEU A 594 -33.20 -15.13 13.16
N PHE A 595 -31.95 -15.47 12.85
CA PHE A 595 -31.54 -15.74 11.47
C PHE A 595 -31.68 -17.24 11.25
N SER A 596 -32.66 -17.63 10.43
CA SER A 596 -33.02 -19.03 10.30
C SER A 596 -33.10 -19.42 8.84
N VAL A 597 -32.51 -20.57 8.51
CA VAL A 597 -32.69 -21.21 7.21
C VAL A 597 -33.72 -22.31 7.43
N PHE A 598 -35.00 -21.96 7.24
CA PHE A 598 -36.11 -22.87 7.50
C PHE A 598 -36.21 -23.88 6.36
N ASP A 599 -35.79 -25.12 6.63
CA ASP A 599 -35.77 -26.19 5.63
C ASP A 599 -37.12 -26.90 5.63
N GLU A 600 -38.13 -26.24 5.03
CA GLU A 600 -39.46 -26.80 4.97
C GLU A 600 -39.49 -28.21 4.37
N ASN A 601 -38.48 -28.56 3.58
CA ASN A 601 -38.42 -29.85 2.89
C ASN A 601 -38.21 -31.03 3.83
N ARG A 602 -38.04 -30.81 5.13
CA ARG A 602 -37.97 -31.90 6.09
C ARG A 602 -39.04 -31.77 7.17
N SER A 603 -40.03 -30.91 6.96
CA SER A 603 -41.09 -30.72 7.93
C SER A 603 -42.01 -31.93 7.98
N TRP A 604 -42.55 -32.20 9.17
CA TRP A 604 -43.57 -33.23 9.30
C TRP A 604 -44.85 -32.84 8.57
N TYR A 605 -44.96 -31.59 8.16
CA TYR A 605 -46.12 -31.08 7.44
C TYR A 605 -45.75 -30.80 5.99
N LEU A 606 -44.95 -31.67 5.40
CA LEU A 606 -44.63 -31.67 3.99
C LEU A 606 -45.67 -32.44 3.19
N THR A 607 -45.94 -33.68 3.59
CA THR A 607 -46.95 -34.50 2.93
C THR A 607 -48.36 -34.04 3.26
N GLU A 608 -48.53 -33.13 4.20
CA GLU A 608 -49.83 -32.51 4.47
C GLU A 608 -49.93 -31.09 3.95
N ASN A 609 -48.82 -30.47 3.53
CA ASN A 609 -48.87 -29.15 2.91
C ASN A 609 -49.30 -29.22 1.45
N ILE A 610 -49.15 -30.38 0.81
CA ILE A 610 -49.57 -30.53 -0.58
C ILE A 610 -51.07 -30.78 -0.68
N GLN A 611 -51.56 -31.74 0.11
CA GLN A 611 -52.96 -32.17 0.04
C GLN A 611 -53.93 -31.04 0.37
N ARG A 612 -53.45 -29.94 0.95
CA ARG A 612 -54.27 -28.80 1.33
C ARG A 612 -54.13 -27.62 0.38
N PHE A 613 -52.89 -27.24 0.04
CA PHE A 613 -52.62 -25.99 -0.66
C PHE A 613 -52.49 -26.17 -2.17
N LEU A 614 -51.75 -27.17 -2.62
CA LEU A 614 -51.42 -27.30 -4.03
C LEU A 614 -52.64 -27.74 -4.82
N PRO A 615 -52.86 -27.16 -6.01
CA PRO A 615 -54.00 -27.58 -6.85
C PRO A 615 -53.80 -28.90 -7.59
N ASN A 616 -52.68 -29.61 -7.39
CA ASN A 616 -52.52 -30.90 -8.04
C ASN A 616 -51.97 -31.91 -7.05
N PRO A 617 -52.45 -33.16 -7.10
CA PRO A 617 -51.97 -34.16 -6.14
C PRO A 617 -50.72 -34.88 -6.61
N ALA A 618 -50.86 -35.79 -7.57
CA ALA A 618 -49.75 -36.62 -8.02
C ALA A 618 -48.66 -35.79 -8.69
N GLY A 619 -48.16 -34.77 -7.98
CA GLY A 619 -47.07 -33.96 -8.48
C GLY A 619 -45.88 -34.83 -8.87
N VAL A 620 -45.34 -35.54 -7.88
CA VAL A 620 -44.25 -36.51 -8.06
C VAL A 620 -43.03 -35.82 -8.65
N GLN A 621 -41.92 -36.54 -8.77
CA GLN A 621 -40.70 -36.04 -9.37
C GLN A 621 -40.20 -34.79 -8.63
N LEU A 622 -39.82 -35.01 -7.37
CA LEU A 622 -39.29 -33.95 -6.54
C LEU A 622 -37.81 -34.12 -6.22
N GLU A 623 -37.18 -35.18 -6.71
CA GLU A 623 -35.77 -35.45 -6.53
C GLU A 623 -34.85 -34.43 -7.26
N ASP A 624 -35.47 -33.34 -7.74
CA ASP A 624 -34.84 -32.31 -8.56
C ASP A 624 -34.44 -31.12 -7.70
N PRO A 625 -33.11 -30.69 -7.74
CA PRO A 625 -32.56 -29.69 -6.82
C PRO A 625 -32.93 -28.23 -7.15
N GLU A 626 -34.20 -28.02 -7.46
CA GLU A 626 -34.81 -26.70 -7.35
C GLU A 626 -36.25 -26.74 -6.84
N PHE A 627 -36.85 -27.92 -6.66
CA PHE A 627 -37.99 -28.04 -5.76
C PHE A 627 -37.55 -27.83 -4.32
N GLN A 628 -36.34 -28.28 -3.98
CA GLN A 628 -35.82 -28.03 -2.65
C GLN A 628 -35.45 -26.56 -2.46
N ALA A 629 -34.91 -25.93 -3.50
CA ALA A 629 -34.56 -24.51 -3.46
C ALA A 629 -35.74 -23.61 -3.80
N SER A 630 -36.96 -24.15 -3.78
CA SER A 630 -38.17 -23.36 -3.95
C SER A 630 -38.85 -23.06 -2.62
N ASN A 631 -38.27 -23.52 -1.52
CA ASN A 631 -38.90 -23.31 -0.21
C ASN A 631 -37.92 -23.45 0.95
N ILE A 632 -36.62 -23.49 0.68
CA ILE A 632 -35.66 -23.32 1.77
C ILE A 632 -35.74 -21.85 2.20
N MET A 633 -36.84 -21.51 2.87
CA MET A 633 -37.21 -20.12 3.12
C MET A 633 -36.16 -19.40 3.97
N HIS A 634 -35.19 -18.78 3.31
CA HIS A 634 -34.21 -17.97 4.02
C HIS A 634 -34.95 -16.79 4.65
N SER A 635 -35.18 -16.87 5.95
CA SER A 635 -36.14 -15.99 6.62
C SER A 635 -35.48 -15.25 7.78
N ILE A 636 -36.03 -14.08 8.07
CA ILE A 636 -35.72 -13.29 9.25
C ILE A 636 -36.93 -13.41 10.19
N ASN A 637 -36.72 -14.05 11.34
CA ASN A 637 -37.82 -14.53 12.17
C ASN A 637 -38.73 -15.43 11.33
N GLY A 638 -39.87 -14.90 10.87
CA GLY A 638 -40.73 -15.67 10.01
C GLY A 638 -41.10 -14.94 8.74
N TYR A 639 -40.19 -14.08 8.25
CA TYR A 639 -40.52 -13.14 7.19
C TYR A 639 -39.34 -13.02 6.24
N VAL A 640 -39.61 -13.16 4.94
CA VAL A 640 -38.58 -13.09 3.90
C VAL A 640 -38.88 -11.93 2.97
N PHE A 641 -37.82 -11.46 2.30
CA PHE A 641 -37.91 -10.40 1.30
C PHE A 641 -38.64 -9.16 1.84
N ASP A 642 -37.92 -8.46 2.73
CA ASP A 642 -38.32 -7.13 3.19
C ASP A 642 -39.76 -7.13 3.72
N SER A 643 -40.11 -8.19 4.44
CA SER A 643 -41.45 -8.33 5.00
C SER A 643 -41.52 -7.96 6.47
N LEU A 644 -40.43 -8.14 7.20
CA LEU A 644 -40.35 -7.69 8.59
C LEU A 644 -39.94 -6.23 8.61
N GLN A 645 -40.80 -5.37 9.16
CA GLN A 645 -40.55 -3.93 9.22
C GLN A 645 -40.80 -3.45 10.65
N LEU A 646 -39.87 -3.77 11.54
CA LEU A 646 -39.93 -3.26 12.90
C LEU A 646 -39.65 -1.76 12.91
N SER A 647 -39.86 -1.14 14.07
CA SER A 647 -39.78 0.32 14.16
C SER A 647 -39.20 0.74 15.50
N VAL A 648 -38.19 1.60 15.45
CA VAL A 648 -37.60 2.20 16.64
C VAL A 648 -37.36 3.67 16.35
N CYS A 649 -37.68 4.52 17.33
CA CYS A 649 -37.51 5.97 17.16
C CYS A 649 -36.03 6.34 17.23
N LEU A 650 -35.77 7.64 17.30
CA LEU A 650 -34.44 8.19 17.47
C LEU A 650 -34.08 8.25 18.96
N HIS A 651 -32.77 8.27 19.23
CA HIS A 651 -32.23 8.42 20.58
C HIS A 651 -32.52 7.21 21.46
N GLU A 652 -33.63 6.53 21.19
CA GLU A 652 -34.03 5.38 22.00
C GLU A 652 -32.98 4.29 21.95
N VAL A 653 -32.86 3.56 23.06
CA VAL A 653 -31.82 2.57 23.27
C VAL A 653 -32.45 1.18 23.24
N ALA A 654 -31.81 0.26 22.53
CA ALA A 654 -32.38 -1.07 22.31
C ALA A 654 -31.29 -2.13 22.40
N TYR A 655 -31.46 -3.07 23.34
CA TYR A 655 -30.72 -4.32 23.27
C TYR A 655 -31.10 -5.08 22.02
N TRP A 656 -30.20 -5.94 21.54
CA TRP A 656 -30.48 -6.79 20.39
C TRP A 656 -29.98 -8.19 20.68
N TYR A 657 -30.90 -9.13 20.88
CA TYR A 657 -30.56 -10.52 21.11
C TYR A 657 -30.63 -11.23 19.76
N ILE A 658 -29.48 -11.66 19.24
CA ILE A 658 -29.42 -12.25 17.91
C ILE A 658 -29.00 -13.71 18.02
N LEU A 659 -29.46 -14.50 17.05
CA LEU A 659 -29.25 -15.94 17.04
C LEU A 659 -29.27 -16.45 15.61
N SER A 660 -28.50 -17.52 15.36
CA SER A 660 -28.48 -18.21 14.08
C SER A 660 -28.76 -19.69 14.33
N ILE A 661 -30.01 -20.09 14.11
CA ILE A 661 -30.45 -21.48 14.25
C ILE A 661 -31.16 -21.87 12.96
N GLY A 662 -30.79 -23.02 12.41
CA GLY A 662 -31.44 -23.49 11.20
C GLY A 662 -30.58 -24.54 10.50
N ALA A 663 -30.67 -24.53 9.18
CA ALA A 663 -29.78 -25.36 8.37
C ALA A 663 -28.41 -24.71 8.30
N GLN A 664 -28.28 -23.67 7.48
CA GLN A 664 -27.15 -22.74 7.52
C GLN A 664 -25.81 -23.40 7.20
N THR A 665 -25.44 -24.40 7.99
CA THR A 665 -24.19 -25.16 7.91
C THR A 665 -23.01 -24.39 8.49
N ASP A 666 -22.94 -23.09 8.26
CA ASP A 666 -21.76 -22.30 8.62
C ASP A 666 -22.18 -21.05 9.40
N PHE A 667 -21.31 -20.05 9.39
CA PHE A 667 -21.47 -18.84 10.17
C PHE A 667 -22.00 -17.69 9.30
N LEU A 668 -22.66 -16.74 9.96
CA LEU A 668 -23.28 -15.60 9.30
C LEU A 668 -22.57 -14.31 9.73
N SER A 669 -22.18 -13.51 8.75
CA SER A 669 -21.49 -12.24 9.02
C SER A 669 -22.47 -11.08 9.01
N VAL A 670 -23.41 -11.11 9.95
CA VAL A 670 -24.49 -10.13 9.97
C VAL A 670 -23.93 -8.71 10.09
N PHE A 671 -24.66 -7.76 9.52
CA PHE A 671 -24.25 -6.36 9.55
C PHE A 671 -25.47 -5.47 9.57
N PHE A 672 -25.25 -4.19 9.88
CA PHE A 672 -26.30 -3.17 9.97
C PHE A 672 -25.90 -2.00 9.09
N SER A 673 -26.75 -1.68 8.11
CA SER A 673 -26.49 -0.54 7.24
C SER A 673 -26.45 0.74 8.06
N GLY A 674 -25.32 1.45 7.99
CA GLY A 674 -25.19 2.73 8.66
C GLY A 674 -25.34 2.69 10.17
N TYR A 675 -24.97 1.58 10.80
CA TYR A 675 -25.07 1.45 12.24
C TYR A 675 -23.90 0.65 12.80
N THR A 676 -23.45 1.05 13.99
CA THR A 676 -22.34 0.44 14.69
C THR A 676 -22.81 0.00 16.07
N PHE A 677 -22.48 -1.23 16.45
CA PHE A 677 -22.98 -1.86 17.67
C PHE A 677 -21.83 -2.28 18.58
N LYS A 678 -22.18 -2.60 19.82
CA LYS A 678 -21.23 -2.97 20.87
C LYS A 678 -21.35 -4.46 21.17
N HIS A 679 -20.25 -5.19 21.01
CA HIS A 679 -20.26 -6.64 21.18
C HIS A 679 -19.66 -7.04 22.53
N LYS A 680 -18.47 -7.64 22.52
CA LYS A 680 -17.80 -8.00 23.77
C LYS A 680 -17.35 -6.74 24.51
N MET A 681 -18.28 -5.81 24.73
CA MET A 681 -18.00 -4.47 25.23
C MET A 681 -16.98 -3.73 24.36
N VAL A 682 -16.86 -4.14 23.10
CA VAL A 682 -16.05 -3.46 22.10
C VAL A 682 -16.98 -3.01 20.99
N TYR A 683 -16.49 -2.09 20.16
CA TYR A 683 -17.25 -1.57 19.02
C TYR A 683 -16.82 -2.28 17.74
N GLU A 684 -17.80 -2.75 16.97
CA GLU A 684 -17.54 -3.46 15.72
C GLU A 684 -18.56 -3.04 14.67
N ASP A 685 -18.19 -3.31 13.41
CA ASP A 685 -19.05 -3.03 12.26
C ASP A 685 -19.90 -4.23 11.89
N THR A 686 -19.31 -5.42 11.85
CA THR A 686 -20.02 -6.65 11.53
C THR A 686 -19.80 -7.66 12.66
N LEU A 687 -20.79 -8.51 12.88
CA LEU A 687 -20.75 -9.49 13.95
C LEU A 687 -20.87 -10.90 13.38
N THR A 688 -19.94 -11.77 13.74
CA THR A 688 -20.01 -13.15 13.31
C THR A 688 -20.97 -13.94 14.20
N LEU A 689 -21.62 -14.93 13.59
CA LEU A 689 -22.61 -15.78 14.27
C LEU A 689 -22.35 -17.22 13.90
N PHE A 690 -21.91 -18.03 14.85
CA PHE A 690 -21.73 -19.43 14.54
C PHE A 690 -23.07 -20.17 14.59
N PRO A 691 -23.15 -21.36 13.98
CA PRO A 691 -24.41 -22.11 14.02
C PRO A 691 -24.71 -22.58 15.44
N PHE A 692 -25.96 -22.38 15.86
CA PHE A 692 -26.43 -22.75 17.19
C PHE A 692 -25.63 -22.01 18.27
N SER A 693 -25.47 -20.71 18.07
CA SER A 693 -24.66 -19.88 18.94
C SER A 693 -25.36 -18.55 19.19
N GLY A 694 -25.54 -18.21 20.47
CA GLY A 694 -26.21 -17.00 20.85
C GLY A 694 -25.25 -15.89 21.19
N GLU A 695 -25.40 -14.75 20.51
CA GLU A 695 -24.57 -13.58 20.73
C GLU A 695 -25.47 -12.39 21.02
N THR A 696 -25.18 -11.68 22.12
CA THR A 696 -25.99 -10.56 22.59
C THR A 696 -25.27 -9.25 22.27
N VAL A 697 -26.01 -8.27 21.74
CA VAL A 697 -25.44 -6.97 21.39
C VAL A 697 -26.42 -5.87 21.79
N PHE A 698 -25.95 -4.63 21.64
CA PHE A 698 -26.72 -3.42 21.97
C PHE A 698 -26.16 -2.25 21.19
N MET A 699 -27.04 -1.38 20.71
CA MET A 699 -26.63 -0.24 19.89
C MET A 699 -27.50 0.98 20.20
N SER A 700 -26.89 2.15 20.06
CA SER A 700 -27.58 3.42 20.28
C SER A 700 -28.12 3.96 18.97
N MET A 701 -29.40 4.29 18.95
CA MET A 701 -30.08 4.70 17.73
C MET A 701 -30.00 6.22 17.59
N GLU A 702 -29.12 6.69 16.71
CA GLU A 702 -29.01 8.12 16.45
C GLU A 702 -28.73 8.36 14.95
N ASN A 703 -29.44 7.66 14.09
CA ASN A 703 -29.29 7.82 12.63
C ASN A 703 -30.66 7.69 11.98
N PRO A 704 -31.29 8.81 11.63
CA PRO A 704 -32.63 8.75 11.04
C PRO A 704 -32.61 8.19 9.62
N GLY A 705 -33.79 7.85 9.13
CA GLY A 705 -33.95 7.34 7.79
C GLY A 705 -34.64 5.99 7.70
N LEU A 706 -34.03 5.07 6.97
CA LEU A 706 -34.60 3.73 6.76
C LEU A 706 -33.45 2.83 6.35
N TRP A 707 -33.17 1.80 7.14
CA TRP A 707 -31.95 1.02 6.99
C TRP A 707 -32.27 -0.46 6.81
N ILE A 708 -31.71 -1.04 5.75
CA ILE A 708 -31.85 -2.46 5.46
C ILE A 708 -31.01 -3.26 6.45
N LEU A 709 -31.09 -4.58 6.37
CA LEU A 709 -30.24 -5.48 7.13
C LEU A 709 -29.31 -6.19 6.14
N GLY A 710 -28.97 -7.44 6.42
CA GLY A 710 -28.15 -8.19 5.49
C GLY A 710 -27.47 -9.37 6.17
N CYS A 711 -26.57 -10.00 5.40
CA CYS A 711 -25.93 -11.24 5.81
C CYS A 711 -24.43 -11.25 5.53
N HIS A 712 -24.00 -10.49 4.52
CA HIS A 712 -22.60 -10.39 4.11
C HIS A 712 -22.06 -11.67 3.48
N ASN A 713 -22.80 -12.77 3.55
CA ASN A 713 -22.27 -14.05 3.12
C ASN A 713 -22.95 -14.57 1.84
N SER A 714 -22.98 -13.71 0.82
CA SER A 714 -23.15 -14.09 -0.58
C SER A 714 -24.59 -14.41 -0.98
N ASP A 715 -24.81 -15.62 -1.50
CA ASP A 715 -26.06 -15.98 -2.16
C ASP A 715 -27.28 -15.84 -1.26
N PHE A 716 -27.11 -15.68 0.05
CA PHE A 716 -28.20 -15.29 0.92
C PHE A 716 -28.69 -13.90 0.51
N ARG A 717 -29.54 -13.28 1.32
CA ARG A 717 -30.02 -11.94 1.00
C ARG A 717 -30.80 -11.95 -0.31
N ASN A 718 -30.11 -12.24 -1.42
CA ASN A 718 -30.80 -12.51 -2.68
C ASN A 718 -31.91 -13.53 -2.48
N ARG A 719 -31.60 -14.62 -1.79
CA ARG A 719 -32.55 -15.71 -1.61
C ARG A 719 -33.60 -15.42 -0.55
N GLY A 720 -33.56 -14.25 0.10
CA GLY A 720 -34.63 -13.90 1.02
C GLY A 720 -34.26 -13.02 2.19
N MET A 721 -33.19 -13.38 2.91
CA MET A 721 -32.88 -12.78 4.21
C MET A 721 -32.65 -11.27 4.14
N THR A 722 -33.68 -10.48 4.45
CA THR A 722 -33.54 -9.03 4.44
C THR A 722 -34.09 -8.37 5.70
N ALA A 723 -35.29 -7.78 5.60
CA ALA A 723 -35.93 -7.00 6.66
C ALA A 723 -35.18 -5.71 6.96
N LEU A 724 -35.89 -4.58 6.97
CA LEU A 724 -35.31 -3.26 7.18
C LEU A 724 -35.64 -2.76 8.58
N LEU A 725 -35.46 -1.45 8.81
CA LEU A 725 -35.61 -0.94 10.18
C LEU A 725 -36.53 0.28 10.30
N LYS A 726 -36.49 1.20 9.34
CA LYS A 726 -37.35 2.40 9.37
C LYS A 726 -37.23 3.12 10.71
N VAL A 727 -36.03 3.61 10.99
CA VAL A 727 -35.74 4.32 12.23
C VAL A 727 -36.66 5.53 12.37
N SER A 728 -36.26 6.67 11.77
CA SER A 728 -37.07 7.88 11.69
C SER A 728 -37.31 8.53 13.04
N SER A 729 -37.72 9.80 13.03
CA SER A 729 -37.87 10.62 14.23
C SER A 729 -39.32 10.70 14.67
N CYS A 730 -39.52 10.89 15.96
CA CYS A 730 -40.85 10.89 16.54
C CYS A 730 -40.93 11.80 17.76
N LYS A 828 -10.65 20.36 17.10
CA LYS A 828 -10.85 21.81 17.12
C LYS A 828 -11.43 22.24 15.78
N ARG A 829 -11.05 21.50 14.75
CA ARG A 829 -11.28 21.90 13.36
C ARG A 829 -11.94 20.78 12.57
N THR A 830 -11.48 20.58 11.33
CA THR A 830 -12.00 19.55 10.44
C THR A 830 -10.88 19.12 9.50
N ARG A 831 -10.85 17.84 9.16
CA ARG A 831 -9.81 17.27 8.32
C ARG A 831 -10.38 16.98 6.94
N HIS A 832 -9.77 17.56 5.92
CA HIS A 832 -10.29 17.51 4.55
C HIS A 832 -9.56 16.46 3.74
N TYR A 833 -10.32 15.64 3.00
CA TYR A 833 -9.78 14.52 2.24
C TYR A 833 -10.47 14.47 0.88
N PHE A 834 -9.72 14.76 -0.18
CA PHE A 834 -10.22 14.73 -1.55
C PHE A 834 -9.94 13.36 -2.16
N ILE A 835 -10.99 12.56 -2.33
CA ILE A 835 -10.87 11.16 -2.71
C ILE A 835 -11.66 10.91 -3.98
N ALA A 836 -11.09 10.11 -4.88
CA ALA A 836 -11.78 9.66 -6.08
C ALA A 836 -11.50 8.18 -6.27
N ALA A 837 -12.16 7.59 -7.27
CA ALA A 837 -12.07 6.16 -7.56
C ALA A 837 -11.63 5.96 -9.01
N VAL A 838 -10.33 5.72 -9.22
CA VAL A 838 -9.77 5.50 -10.55
C VAL A 838 -9.67 4.00 -10.81
N GLU A 839 -8.98 3.62 -11.90
CA GLU A 839 -8.85 2.21 -12.28
C GLU A 839 -7.48 2.01 -12.92
N GLN A 840 -6.59 1.32 -12.22
CA GLN A 840 -5.26 1.04 -12.74
C GLN A 840 -5.23 -0.31 -13.45
N LEU A 841 -4.02 -0.78 -13.75
CA LEU A 841 -3.79 -2.15 -14.20
C LEU A 841 -2.82 -2.80 -13.23
N TRP A 842 -3.25 -3.90 -12.61
CA TRP A 842 -2.52 -4.50 -11.51
C TRP A 842 -1.93 -5.84 -11.92
N ASP A 843 -0.73 -6.12 -11.42
CA ASP A 843 -0.15 -7.46 -11.49
C ASP A 843 0.36 -7.82 -10.11
N TYR A 844 -0.05 -8.99 -9.62
CA TYR A 844 0.26 -9.35 -8.24
C TYR A 844 1.68 -9.89 -8.10
N GLY A 845 2.14 -10.67 -9.07
CA GLY A 845 3.44 -11.28 -8.97
C GLY A 845 4.27 -11.20 -10.24
N MET A 846 4.81 -10.01 -10.53
CA MET A 846 5.85 -9.94 -11.55
C MET A 846 7.11 -10.66 -11.07
N SER A 847 7.36 -10.65 -9.77
CA SER A 847 8.45 -11.42 -9.20
C SER A 847 8.17 -12.92 -9.35
N GLU A 848 9.19 -13.73 -9.06
CA GLU A 848 9.10 -15.19 -9.11
C GLU A 848 8.75 -15.69 -10.50
N SER A 849 7.51 -16.14 -10.68
CA SER A 849 7.02 -16.73 -11.93
C SER A 849 7.77 -18.01 -12.29
N VAL A 862 2.90 -13.33 -17.81
CA VAL A 862 2.26 -12.71 -16.65
C VAL A 862 1.21 -11.71 -17.10
N PRO A 863 -0.06 -12.07 -16.96
CA PRO A 863 -1.13 -11.16 -17.39
C PRO A 863 -1.30 -10.02 -16.41
N ARG A 864 -1.63 -8.85 -16.96
CA ARG A 864 -2.02 -7.68 -16.19
C ARG A 864 -3.53 -7.53 -16.25
N PHE A 865 -4.14 -7.23 -15.10
CA PHE A 865 -5.60 -7.18 -14.98
C PHE A 865 -6.06 -5.75 -14.73
N LYS A 866 -7.37 -5.60 -14.57
CA LYS A 866 -8.03 -4.31 -14.46
C LYS A 866 -8.97 -4.31 -13.27
N LYS A 867 -8.66 -3.52 -12.25
CA LYS A 867 -9.50 -3.37 -11.07
C LYS A 867 -9.94 -1.91 -10.96
N VAL A 868 -10.47 -1.55 -9.80
CA VAL A 868 -10.92 -0.18 -9.54
C VAL A 868 -10.61 0.17 -8.09
N VAL A 869 -9.78 1.20 -7.88
CA VAL A 869 -9.27 1.53 -6.55
C VAL A 869 -9.64 2.95 -6.13
N PHE A 870 -9.34 3.28 -4.88
CA PHE A 870 -9.35 4.64 -4.38
C PHE A 870 -7.93 5.20 -4.42
N ARG A 871 -7.81 6.52 -4.56
CA ARG A 871 -6.51 7.18 -4.44
C ARG A 871 -6.70 8.55 -3.84
N GLU A 872 -5.88 8.88 -2.84
CA GLU A 872 -5.85 10.24 -2.29
C GLU A 872 -5.48 11.23 -3.38
N PHE A 873 -6.25 12.30 -3.49
CA PHE A 873 -5.96 13.31 -4.49
C PHE A 873 -5.54 14.60 -3.79
N ALA A 874 -5.58 15.71 -4.52
CA ALA A 874 -5.22 17.01 -3.97
C ALA A 874 -6.42 17.96 -3.91
N ASP A 875 -7.06 18.23 -5.03
CA ASP A 875 -8.17 19.18 -5.10
C ASP A 875 -9.39 18.52 -5.73
N GLY A 876 -10.52 19.25 -5.67
CA GLY A 876 -11.60 18.99 -6.60
C GLY A 876 -11.20 19.25 -8.03
N SER A 877 -10.16 20.05 -8.25
CA SER A 877 -9.45 20.11 -9.52
C SER A 877 -8.68 18.81 -9.69
N PHE A 878 -9.40 17.72 -9.99
CA PHE A 878 -8.82 16.39 -9.93
C PHE A 878 -7.79 16.17 -11.04
N THR A 879 -6.56 16.58 -10.75
CA THR A 879 -5.43 16.40 -11.64
C THR A 879 -4.27 15.66 -10.99
N GLN A 880 -4.09 15.80 -9.68
CA GLN A 880 -2.88 15.40 -8.98
C GLN A 880 -3.24 14.33 -7.95
N PRO A 881 -3.30 13.05 -8.35
CA PRO A 881 -3.46 11.99 -7.34
C PRO A 881 -2.25 11.95 -6.42
N SER A 882 -2.41 12.41 -5.17
CA SER A 882 -1.28 12.61 -4.26
C SER A 882 -0.45 11.35 -4.14
N TYR A 883 0.85 11.49 -4.42
CA TYR A 883 1.71 10.34 -4.64
C TYR A 883 1.98 9.59 -3.35
N ARG A 884 1.71 8.29 -3.36
CA ARG A 884 1.82 7.43 -2.18
C ARG A 884 3.22 6.84 -2.15
N GLY A 885 4.01 7.24 -1.16
CA GLY A 885 5.37 6.78 -1.05
C GLY A 885 5.77 6.56 0.39
N GLU A 886 6.70 5.62 0.57
CA GLU A 886 7.32 5.33 1.87
C GLU A 886 6.28 4.98 2.92
N LEU A 887 5.69 6.01 3.54
CA LEU A 887 4.72 5.81 4.60
C LEU A 887 3.42 5.21 4.10
N ASN A 888 3.24 5.11 2.78
CA ASN A 888 2.00 4.58 2.22
C ASN A 888 2.28 3.69 1.00
N LYS A 889 3.41 2.99 1.00
CA LYS A 889 3.78 2.14 -0.14
C LYS A 889 3.40 0.69 0.07
N HIS A 890 3.20 0.26 1.32
CA HIS A 890 2.68 -1.07 1.56
C HIS A 890 1.22 -1.20 1.15
N LEU A 891 0.51 -0.07 1.06
CA LEU A 891 -0.93 -0.09 0.77
C LEU A 891 -1.22 -0.87 -0.50
N GLY A 892 -0.58 -0.47 -1.61
CA GLY A 892 -0.75 -1.16 -2.87
C GLY A 892 -2.15 -1.04 -3.46
N LEU A 893 -2.98 -2.05 -3.21
CA LEU A 893 -4.32 -2.10 -3.76
C LEU A 893 -5.37 -1.45 -2.85
N LEU A 894 -5.01 -1.10 -1.63
CA LEU A 894 -5.99 -0.59 -0.68
C LEU A 894 -6.22 0.90 -0.90
N GLY A 895 -7.36 1.37 -0.41
CA GLY A 895 -7.64 2.77 -0.37
C GLY A 895 -6.73 3.49 0.61
N PRO A 896 -6.85 4.82 0.65
CA PRO A 896 -5.93 5.61 1.47
C PRO A 896 -6.42 5.78 2.89
N TYR A 897 -5.44 5.88 3.79
CA TYR A 897 -5.73 6.24 5.17
C TYR A 897 -6.53 7.54 5.23
N ILE A 898 -7.69 7.48 5.85
CA ILE A 898 -8.45 8.68 6.19
C ILE A 898 -8.47 8.75 7.71
N ARG A 899 -7.66 9.65 8.25
CA ARG A 899 -7.45 9.74 9.69
C ARG A 899 -8.35 10.82 10.27
N ALA A 900 -8.74 10.62 11.53
CA ALA A 900 -9.60 11.57 12.21
C ALA A 900 -9.62 11.23 13.69
N GLU A 901 -9.51 12.25 14.54
CA GLU A 901 -9.64 12.05 15.97
C GLU A 901 -11.12 11.93 16.31
N VAL A 902 -11.45 11.97 17.59
CA VAL A 902 -12.84 12.03 18.02
C VAL A 902 -13.16 13.50 18.29
N GLU A 903 -14.45 13.83 18.26
CA GLU A 903 -14.98 15.15 18.55
C GLU A 903 -14.60 16.22 17.53
N ASP A 904 -13.91 15.84 16.45
CA ASP A 904 -13.71 16.76 15.34
C ASP A 904 -14.65 16.38 14.20
N ASN A 905 -14.29 16.71 12.97
CA ASN A 905 -15.17 16.45 11.83
C ASN A 905 -14.41 15.75 10.71
N ILE A 906 -15.18 15.09 9.84
CA ILE A 906 -14.62 14.35 8.72
C ILE A 906 -15.37 14.69 7.43
N MET A 907 -14.79 15.55 6.61
CA MET A 907 -15.38 15.90 5.32
C MET A 907 -14.79 15.02 4.22
N VAL A 908 -15.63 14.28 3.54
CA VAL A 908 -15.18 13.38 2.47
C VAL A 908 -15.87 13.86 1.19
N THR A 909 -15.19 14.71 0.44
CA THR A 909 -15.61 15.04 -0.92
C THR A 909 -15.16 13.91 -1.84
N PHE A 910 -16.11 13.30 -2.55
CA PHE A 910 -15.82 12.12 -3.35
C PHE A 910 -16.38 12.28 -4.75
N LYS A 911 -15.50 12.55 -5.72
CA LYS A 911 -15.86 12.52 -7.13
C LYS A 911 -15.55 11.13 -7.69
N ASN A 912 -16.36 10.69 -8.65
CA ASN A 912 -16.29 9.32 -9.16
C ASN A 912 -15.82 9.34 -10.61
N GLN A 913 -14.76 8.58 -10.89
CA GLN A 913 -14.31 8.36 -12.26
C GLN A 913 -15.02 7.14 -12.84
N ALA A 914 -14.24 6.20 -13.36
CA ALA A 914 -14.69 4.84 -13.69
C ALA A 914 -15.78 4.81 -14.76
N SER A 915 -16.46 3.67 -14.85
CA SER A 915 -17.52 3.43 -15.84
C SER A 915 -18.86 3.14 -15.17
N ARG A 916 -18.88 2.23 -14.19
CA ARG A 916 -20.10 1.86 -13.49
C ARG A 916 -20.29 2.73 -12.25
N PRO A 917 -21.52 2.83 -11.75
CA PRO A 917 -21.76 3.65 -10.55
C PRO A 917 -21.37 2.90 -9.28
N TYR A 918 -20.63 3.59 -8.41
CA TYR A 918 -20.23 3.06 -7.11
C TYR A 918 -20.53 4.12 -6.05
N SER A 919 -20.23 3.81 -4.79
CA SER A 919 -20.63 4.69 -3.70
C SER A 919 -19.57 4.67 -2.60
N PHE A 920 -19.91 5.28 -1.46
CA PHE A 920 -18.98 5.51 -0.36
C PHE A 920 -19.79 5.36 0.93
N TYR A 921 -19.70 4.19 1.55
CA TYR A 921 -20.42 3.90 2.79
C TYR A 921 -19.41 3.48 3.85
N SER A 922 -19.73 3.81 5.11
CA SER A 922 -18.78 3.61 6.20
C SER A 922 -19.38 2.82 7.36
N SER A 923 -20.70 2.96 7.57
CA SER A 923 -21.42 2.60 8.80
C SER A 923 -21.10 3.62 9.88
N LEU A 924 -20.19 4.55 9.57
CA LEU A 924 -19.92 5.69 10.42
C LEU A 924 -20.51 6.98 9.86
N ILE A 925 -21.11 6.93 8.67
CA ILE A 925 -21.83 8.08 8.16
C ILE A 925 -23.01 8.39 9.08
N SER A 926 -23.24 9.68 9.34
CA SER A 926 -24.21 10.12 10.32
C SER A 926 -24.97 11.31 9.75
N TYR A 927 -25.80 11.04 8.74
CA TYR A 927 -26.54 12.11 8.10
C TYR A 927 -27.45 12.80 9.12
N PRO A 928 -27.61 14.12 9.03
CA PRO A 928 -28.49 14.81 9.96
C PRO A 928 -29.95 14.49 9.69
N ASP A 929 -30.78 14.74 10.69
CA ASP A 929 -32.21 14.47 10.59
C ASP A 929 -32.83 15.38 9.52
N ASP A 930 -33.01 14.85 8.31
CA ASP A 930 -33.51 15.62 7.19
C ASP A 930 -34.69 14.90 6.53
N GLN A 931 -35.54 15.70 5.89
CA GLN A 931 -36.77 15.24 5.26
C GLN A 931 -37.62 14.40 6.19
N GLU A 932 -38.50 15.05 6.94
CA GLU A 932 -39.42 14.35 7.83
C GLU A 932 -40.47 13.63 7.02
N GLN A 933 -41.74 14.03 7.16
CA GLN A 933 -42.83 13.45 6.37
C GLN A 933 -42.89 11.94 6.58
N GLY A 934 -41.96 11.21 5.99
CA GLY A 934 -41.87 9.78 6.17
C GLY A 934 -40.42 9.33 6.13
N ALA A 935 -40.19 8.10 6.59
CA ALA A 935 -38.84 7.55 6.65
C ALA A 935 -38.32 7.33 5.23
N GLU A 936 -37.17 7.93 4.91
CA GLU A 936 -36.64 7.82 3.55
C GLU A 936 -35.47 6.86 3.52
N PRO A 937 -35.43 5.95 2.54
CA PRO A 937 -34.22 5.13 2.37
C PRO A 937 -33.04 6.00 1.96
N ARG A 938 -31.91 5.80 2.62
CA ARG A 938 -30.76 6.66 2.39
C ARG A 938 -30.25 6.52 0.96
N HIS A 939 -29.94 7.66 0.34
CA HIS A 939 -29.65 7.69 -1.08
C HIS A 939 -28.29 7.07 -1.38
N ASN A 940 -27.23 7.71 -0.91
CA ASN A 940 -25.84 7.37 -1.27
C ASN A 940 -25.80 7.26 -2.81
N PHE A 941 -24.94 6.39 -3.34
CA PHE A 941 -24.94 6.00 -4.74
C PHE A 941 -24.79 7.18 -5.69
N VAL A 942 -23.62 7.33 -6.30
CA VAL A 942 -23.35 8.43 -7.22
C VAL A 942 -23.13 7.83 -8.61
N GLN A 943 -23.86 8.37 -9.59
CA GLN A 943 -23.67 7.97 -10.98
C GLN A 943 -22.26 8.37 -11.42
N PRO A 944 -21.63 7.58 -12.31
CA PRO A 944 -20.25 7.86 -12.69
C PRO A 944 -20.08 9.29 -13.21
N ASN A 945 -18.86 9.80 -13.11
CA ASN A 945 -18.54 11.17 -13.53
C ASN A 945 -19.42 12.19 -12.81
N GLU A 946 -19.81 11.89 -11.57
CA GLU A 946 -20.57 12.81 -10.74
C GLU A 946 -19.94 12.84 -9.35
N THR A 947 -20.27 13.87 -8.59
CA THR A 947 -19.66 14.10 -7.29
C THR A 947 -20.71 14.20 -6.21
N ARG A 948 -20.38 13.69 -5.03
CA ARG A 948 -21.21 13.82 -3.84
C ARG A 948 -20.29 13.96 -2.63
N THR A 949 -20.64 14.87 -1.73
CA THR A 949 -19.84 15.17 -0.55
C THR A 949 -20.49 14.56 0.69
N TYR A 950 -19.65 14.03 1.57
CA TYR A 950 -20.08 13.52 2.87
C TYR A 950 -19.39 14.32 3.96
N PHE A 951 -20.16 14.65 5.01
CA PHE A 951 -19.68 15.55 6.06
C PHE A 951 -20.48 15.22 7.32
N TRP A 952 -19.85 14.49 8.24
CA TRP A 952 -20.51 14.06 9.47
C TRP A 952 -19.56 14.22 10.65
N LYS A 953 -20.11 14.60 11.80
CA LYS A 953 -19.32 14.74 13.01
C LYS A 953 -19.01 13.36 13.59
N VAL A 954 -17.74 13.12 13.91
CA VAL A 954 -17.36 11.87 14.57
C VAL A 954 -17.91 11.87 16.00
N GLN A 955 -18.64 10.81 16.34
CA GLN A 955 -19.18 10.66 17.68
C GLN A 955 -18.19 9.93 18.57
N HIS A 956 -18.48 9.95 19.87
CA HIS A 956 -17.62 9.24 20.82
C HIS A 956 -17.66 7.74 20.60
N HIS A 957 -18.76 7.22 20.07
CA HIS A 957 -18.89 5.77 19.94
C HIS A 957 -17.98 5.23 18.86
N MET A 958 -17.81 5.97 17.75
CA MET A 958 -16.86 5.53 16.73
C MET A 958 -15.45 5.46 17.28
N ALA A 959 -15.16 6.24 18.33
CA ALA A 959 -13.84 6.28 18.91
C ALA A 959 -13.51 4.97 19.61
N PRO A 960 -12.23 4.71 19.88
CA PRO A 960 -11.88 3.55 20.70
C PRO A 960 -12.15 3.83 22.16
N THR A 961 -12.42 2.76 22.90
CA THR A 961 -12.70 2.86 24.31
C THR A 961 -11.45 3.31 25.07
N GLU A 962 -11.66 3.83 26.28
CA GLU A 962 -10.54 4.08 27.18
C GLU A 962 -9.72 2.81 27.37
N ASP A 963 -10.40 1.66 27.40
CA ASP A 963 -9.71 0.39 27.57
C ASP A 963 -8.96 -0.01 26.30
N GLU A 964 -9.41 0.42 25.13
CA GLU A 964 -8.83 0.00 23.87
C GLU A 964 -7.47 0.67 23.66
N PHE A 965 -6.96 0.57 22.43
CA PHE A 965 -5.67 1.16 22.07
C PHE A 965 -5.79 2.66 21.87
N ASP A 966 -4.99 3.19 20.95
CA ASP A 966 -5.01 4.61 20.63
C ASP A 966 -5.84 4.95 19.40
N CYS A 967 -6.12 3.98 18.54
CA CYS A 967 -6.75 4.28 17.26
C CYS A 967 -7.44 3.01 16.75
N LYS A 968 -8.77 2.95 16.89
CA LYS A 968 -9.55 1.80 16.44
C LYS A 968 -9.71 1.81 14.93
N ALA A 969 -9.74 0.61 14.35
CA ALA A 969 -9.90 0.42 12.92
C ALA A 969 -11.36 0.34 12.55
N TRP A 970 -11.70 0.91 11.39
CA TRP A 970 -13.05 0.85 10.85
C TRP A 970 -12.98 0.53 9.37
N ALA A 971 -14.03 -0.11 8.88
CA ALA A 971 -14.09 -0.47 7.47
C ALA A 971 -14.89 0.57 6.70
N TYR A 972 -14.59 0.70 5.41
CA TYR A 972 -15.39 1.53 4.51
C TYR A 972 -15.20 1.05 3.08
N PHE A 973 -16.27 1.13 2.30
CA PHE A 973 -16.27 0.57 0.95
C PHE A 973 -17.41 1.20 0.15
N SER A 974 -17.81 0.53 -0.92
CA SER A 974 -18.94 0.95 -1.74
C SER A 974 -20.12 0.02 -1.49
N ASP A 975 -21.33 0.59 -1.47
CA ASP A 975 -22.54 -0.12 -1.05
C ASP A 975 -23.46 -0.48 -2.21
N VAL A 976 -22.97 -0.43 -3.44
CA VAL A 976 -23.82 -0.67 -4.60
C VAL A 976 -24.09 -2.15 -4.78
N ASP A 977 -23.04 -2.98 -4.76
CA ASP A 977 -23.16 -4.44 -4.72
C ASP A 977 -22.03 -4.91 -3.82
N LEU A 978 -22.31 -4.98 -2.50
CA LEU A 978 -21.28 -5.12 -1.49
C LEU A 978 -20.41 -6.36 -1.67
N GLU A 979 -20.73 -7.25 -2.60
CA GLU A 979 -19.95 -8.46 -2.84
C GLU A 979 -19.11 -8.39 -4.11
N LYS A 980 -19.70 -7.93 -5.22
CA LYS A 980 -19.00 -7.89 -6.49
C LYS A 980 -17.92 -6.81 -6.50
N ASP A 981 -18.32 -5.54 -6.39
CA ASP A 981 -17.36 -4.45 -6.42
C ASP A 981 -16.40 -4.48 -5.23
N VAL A 982 -16.58 -5.44 -4.32
CA VAL A 982 -15.58 -5.71 -3.29
C VAL A 982 -14.54 -6.71 -3.80
N HIS A 983 -14.92 -7.61 -4.70
CA HIS A 983 -13.92 -8.37 -5.43
C HIS A 983 -13.34 -7.60 -6.61
N SER A 984 -13.86 -6.39 -6.88
CA SER A 984 -13.29 -5.56 -7.94
C SER A 984 -12.12 -4.72 -7.41
N GLY A 985 -12.31 -4.02 -6.28
CA GLY A 985 -11.17 -3.43 -5.59
C GLY A 985 -11.38 -2.14 -4.81
N LEU A 986 -12.57 -1.92 -4.25
CA LEU A 986 -12.89 -0.68 -3.55
C LEU A 986 -12.96 -0.92 -2.04
N ILE A 987 -11.86 -0.63 -1.33
CA ILE A 987 -11.80 -0.78 0.12
C ILE A 987 -10.67 0.10 0.64
N GLY A 988 -10.76 0.48 1.92
CA GLY A 988 -9.75 1.29 2.57
C GLY A 988 -9.90 1.38 4.07
N PRO A 989 -8.94 2.04 4.74
CA PRO A 989 -9.00 2.15 6.20
C PRO A 989 -9.46 3.50 6.74
N LEU A 990 -10.55 3.49 7.54
CA LEU A 990 -11.02 4.66 8.27
C LEU A 990 -10.58 4.50 9.72
N LEU A 991 -9.62 5.31 10.16
CA LEU A 991 -9.05 5.21 11.49
C LEU A 991 -9.55 6.35 12.36
N ILE A 992 -10.08 6.00 13.54
CA ILE A 992 -10.59 6.98 14.49
C ILE A 992 -9.65 7.00 15.68
N CYS A 993 -8.75 7.99 15.69
CA CYS A 993 -7.84 8.13 16.82
C CYS A 993 -8.55 8.86 17.96
N ARG A 994 -8.01 8.71 19.16
CA ARG A 994 -8.70 9.08 20.38
C ARG A 994 -7.94 10.19 21.11
N ALA A 995 -8.68 11.20 21.57
CA ALA A 995 -8.13 12.32 22.33
C ALA A 995 -7.18 13.16 21.48
N ASN A 996 -6.33 13.96 22.14
CA ASN A 996 -5.34 14.79 21.43
C ASN A 996 -4.10 13.94 21.15
N THR A 997 -4.29 12.95 20.28
CA THR A 997 -3.23 11.99 19.96
C THR A 997 -2.79 12.00 18.50
N LEU A 998 -3.60 12.50 17.58
CA LEU A 998 -3.23 12.58 16.18
C LEU A 998 -2.82 14.02 15.92
N ASN A 999 -1.54 14.31 16.13
CA ASN A 999 -1.04 15.67 16.28
C ASN A 999 -0.34 16.19 15.03
N ALA A 1000 0.40 17.29 15.20
CA ALA A 1000 1.23 17.89 14.17
C ALA A 1000 0.41 18.28 12.94
N ALA A 1001 1.09 18.80 11.93
CA ALA A 1001 0.42 19.02 10.65
C ALA A 1001 0.34 17.73 9.84
N HIS A 1002 1.19 16.75 10.14
CA HIS A 1002 1.23 15.51 9.37
C HIS A 1002 -0.08 14.74 9.43
N GLY A 1003 -0.89 14.96 10.47
CA GLY A 1003 -2.14 14.25 10.58
C GLY A 1003 -2.00 12.77 10.89
N ARG A 1004 -0.86 12.35 11.42
CA ARG A 1004 -0.64 10.98 11.86
C ARG A 1004 -0.31 11.00 13.35
N GLN A 1005 -0.24 9.81 13.96
CA GLN A 1005 0.10 9.71 15.37
C GLN A 1005 1.60 9.83 15.63
N VAL A 1006 2.42 9.56 14.62
CA VAL A 1006 3.87 9.82 14.56
C VAL A 1006 4.66 9.13 15.67
N THR A 1007 4.01 8.79 16.78
CA THR A 1007 4.67 8.01 17.82
C THR A 1007 4.76 6.53 17.47
N VAL A 1008 4.14 6.12 16.36
CA VAL A 1008 4.02 4.71 16.02
C VAL A 1008 4.01 4.57 14.51
N GLN A 1009 4.75 3.59 14.00
CA GLN A 1009 4.72 3.23 12.59
C GLN A 1009 3.56 2.27 12.39
N GLU A 1010 2.45 2.77 11.86
CA GLU A 1010 1.21 2.02 11.75
C GLU A 1010 1.01 1.50 10.33
N PHE A 1011 0.67 0.22 10.21
CA PHE A 1011 0.48 -0.49 8.95
C PHE A 1011 -0.90 -1.12 8.94
N ALA A 1012 -1.34 -1.56 7.76
CA ALA A 1012 -2.65 -2.19 7.59
C ALA A 1012 -2.54 -3.40 6.68
N LEU A 1013 -3.05 -4.53 7.15
CA LEU A 1013 -3.01 -5.77 6.38
C LEU A 1013 -4.43 -6.22 6.02
N PHE A 1014 -4.54 -6.83 4.84
CA PHE A 1014 -5.82 -7.18 4.22
C PHE A 1014 -5.74 -8.61 3.71
N PHE A 1015 -6.17 -9.56 4.54
CA PHE A 1015 -6.11 -10.98 4.19
C PHE A 1015 -7.46 -11.38 3.59
N THR A 1016 -7.47 -11.67 2.28
CA THR A 1016 -8.68 -12.12 1.61
C THR A 1016 -8.30 -12.79 0.29
N ILE A 1017 -9.32 -13.33 -0.38
CA ILE A 1017 -9.15 -14.04 -1.64
C ILE A 1017 -9.81 -13.22 -2.74
N PHE A 1018 -9.17 -13.20 -3.90
CA PHE A 1018 -9.66 -12.46 -5.06
C PHE A 1018 -10.03 -13.44 -6.16
N ASP A 1019 -11.24 -13.30 -6.69
CA ASP A 1019 -11.75 -14.16 -7.75
C ASP A 1019 -12.27 -13.24 -8.85
N GLU A 1020 -11.44 -13.04 -9.89
CA GLU A 1020 -11.72 -12.03 -10.91
C GLU A 1020 -13.04 -12.29 -11.66
N THR A 1021 -13.64 -13.47 -11.52
CA THR A 1021 -14.83 -13.80 -12.30
C THR A 1021 -16.07 -13.05 -11.84
N LYS A 1022 -16.07 -12.49 -10.64
CA LYS A 1022 -17.19 -11.68 -10.19
C LYS A 1022 -17.00 -10.20 -10.47
N SER A 1023 -15.80 -9.79 -10.87
CA SER A 1023 -15.51 -8.38 -11.06
C SER A 1023 -16.35 -7.79 -12.18
N TRP A 1024 -16.74 -6.53 -12.00
CA TRP A 1024 -17.41 -5.80 -13.08
C TRP A 1024 -16.55 -5.73 -14.31
N TYR A 1025 -15.24 -5.85 -14.15
CA TYR A 1025 -14.34 -5.69 -15.28
C TYR A 1025 -13.66 -7.02 -15.58
N PHE A 1026 -14.46 -8.06 -15.78
CA PHE A 1026 -13.97 -9.36 -16.19
C PHE A 1026 -14.23 -9.66 -17.66
N THR A 1027 -15.30 -9.11 -18.23
CA THR A 1027 -15.59 -9.33 -19.65
C THR A 1027 -14.45 -8.85 -20.52
N GLU A 1028 -14.00 -7.61 -20.29
CA GLU A 1028 -12.89 -7.04 -21.04
C GLU A 1028 -11.60 -7.83 -20.84
N ASN A 1029 -11.55 -8.68 -19.82
CA ASN A 1029 -10.37 -9.50 -19.54
C ASN A 1029 -10.46 -10.83 -20.30
N VAL A 1030 -10.58 -10.70 -21.61
CA VAL A 1030 -10.34 -11.80 -22.53
C VAL A 1030 -9.02 -11.49 -23.22
N GLU A 1031 -8.03 -11.08 -22.44
CA GLU A 1031 -6.76 -10.56 -22.95
C GLU A 1031 -5.87 -11.63 -23.57
N ARG A 1032 -6.32 -12.23 -24.68
CA ARG A 1032 -5.52 -13.17 -25.45
C ARG A 1032 -5.98 -13.18 -26.92
N ASN A 1033 -6.23 -14.36 -27.48
CA ASN A 1033 -6.60 -14.48 -28.89
C ASN A 1033 -7.94 -15.21 -29.03
N CYS A 1034 -8.01 -16.49 -28.70
CA CYS A 1034 -9.25 -17.25 -28.77
C CYS A 1034 -9.17 -18.49 -27.88
N THR A 1046 -11.37 -26.51 -19.35
CA THR A 1046 -11.49 -25.08 -19.06
C THR A 1046 -11.74 -24.85 -17.56
N LEU A 1047 -10.68 -24.90 -16.77
CA LEU A 1047 -10.74 -24.58 -15.34
C LEU A 1047 -10.01 -23.26 -15.08
N LYS A 1048 -10.61 -22.44 -14.21
CA LYS A 1048 -10.19 -21.06 -13.98
C LYS A 1048 -9.35 -20.90 -12.72
N GLU A 1049 -8.62 -21.94 -12.31
CA GLU A 1049 -8.03 -21.97 -10.99
C GLU A 1049 -6.88 -20.99 -10.79
N ASN A 1050 -6.44 -20.28 -11.84
CA ASN A 1050 -5.40 -19.28 -11.69
C ASN A 1050 -5.95 -17.86 -11.63
N TYR A 1051 -7.26 -17.70 -11.69
CA TYR A 1051 -7.90 -16.44 -11.34
C TYR A 1051 -8.18 -16.33 -9.84
N ARG A 1052 -7.74 -17.32 -9.06
CA ARG A 1052 -7.84 -17.28 -7.61
C ARG A 1052 -6.54 -16.72 -7.06
N PHE A 1053 -6.60 -15.50 -6.54
CA PHE A 1053 -5.44 -14.83 -5.98
C PHE A 1053 -5.62 -14.75 -4.48
N HIS A 1054 -4.79 -15.51 -3.75
CA HIS A 1054 -4.77 -15.50 -2.30
C HIS A 1054 -3.79 -14.41 -1.92
N ALA A 1055 -4.30 -13.18 -1.79
CA ALA A 1055 -3.47 -11.99 -1.88
C ALA A 1055 -3.60 -11.13 -0.63
N ILE A 1056 -2.48 -10.91 0.05
CA ILE A 1056 -2.39 -9.88 1.07
C ILE A 1056 -2.20 -8.54 0.38
N ASN A 1057 -3.17 -7.65 0.52
CA ASN A 1057 -3.12 -6.30 -0.04
C ASN A 1057 -2.98 -6.33 -1.56
N GLY A 1058 -3.26 -7.46 -2.20
CA GLY A 1058 -3.10 -7.55 -3.63
C GLY A 1058 -1.70 -7.92 -4.08
N TYR A 1059 -0.94 -8.61 -3.25
CA TYR A 1059 0.35 -9.13 -3.64
C TYR A 1059 0.37 -10.64 -3.41
N VAL A 1060 1.38 -11.30 -3.96
CA VAL A 1060 1.44 -12.75 -3.89
C VAL A 1060 2.90 -13.18 -3.86
N MET A 1061 3.24 -14.07 -2.93
CA MET A 1061 4.58 -14.66 -2.82
C MET A 1061 5.65 -13.58 -2.59
N ASP A 1062 5.59 -13.00 -1.39
CA ASP A 1062 6.61 -12.06 -0.92
C ASP A 1062 6.68 -10.79 -1.75
N THR A 1063 5.79 -10.64 -2.73
CA THR A 1063 5.92 -9.56 -3.69
C THR A 1063 5.61 -8.19 -3.08
N LEU A 1064 4.88 -8.14 -1.98
CA LEU A 1064 4.53 -6.87 -1.36
C LEU A 1064 5.76 -6.19 -0.78
N PRO A 1065 6.14 -5.00 -1.26
CA PRO A 1065 7.17 -4.23 -0.56
C PRO A 1065 6.55 -3.12 0.26
N GLY A 1066 7.36 -2.45 1.08
CA GLY A 1066 6.87 -1.37 1.91
C GLY A 1066 6.61 -1.73 3.36
N LEU A 1067 7.05 -2.89 3.82
CA LEU A 1067 6.92 -3.32 5.20
C LEU A 1067 8.30 -3.22 5.86
N VAL A 1068 8.54 -2.10 6.56
CA VAL A 1068 9.81 -1.85 7.22
C VAL A 1068 9.55 -1.05 8.50
N MET A 1069 9.93 -1.60 9.65
CA MET A 1069 9.60 -1.03 10.94
C MET A 1069 10.84 -0.91 11.80
N ALA A 1070 10.85 0.11 12.67
CA ALA A 1070 11.97 0.37 13.54
C ALA A 1070 12.20 -0.79 14.51
N GLN A 1071 13.33 -0.74 15.20
CA GLN A 1071 13.68 -1.85 16.08
C GLN A 1071 12.77 -1.87 17.31
N ASN A 1072 13.10 -1.09 18.33
CA ASN A 1072 12.34 -1.10 19.57
C ASN A 1072 11.13 -0.16 19.54
N GLN A 1073 10.63 0.17 18.36
CA GLN A 1073 9.41 0.95 18.25
C GLN A 1073 8.20 0.08 18.48
N ARG A 1074 7.13 0.69 18.98
CA ARG A 1074 5.83 0.03 19.03
C ARG A 1074 5.16 0.17 17.66
N ILE A 1075 4.68 -0.95 17.13
CA ILE A 1075 4.00 -0.98 15.84
C ILE A 1075 2.55 -1.36 16.09
N ARG A 1076 1.64 -0.76 15.33
CA ARG A 1076 0.21 -0.99 15.49
C ARG A 1076 -0.33 -1.53 14.17
N TRP A 1077 -0.60 -2.85 14.12
CA TRP A 1077 -1.09 -3.51 12.92
C TRP A 1077 -2.60 -3.45 12.85
N TYR A 1078 -3.13 -3.55 11.63
CA TYR A 1078 -4.58 -3.54 11.37
C TYR A 1078 -4.90 -4.69 10.44
N LEU A 1079 -5.41 -5.79 10.99
CA LEU A 1079 -5.82 -6.93 10.17
C LEU A 1079 -7.28 -6.80 9.80
N LEU A 1080 -7.60 -7.18 8.56
CA LEU A 1080 -8.98 -7.10 8.09
C LEU A 1080 -9.24 -8.21 7.09
N SER A 1081 -10.40 -8.87 7.24
CA SER A 1081 -10.84 -9.95 6.38
C SER A 1081 -12.22 -9.64 5.82
N MET A 1082 -12.43 -9.96 4.55
CA MET A 1082 -13.70 -9.67 3.87
C MET A 1082 -14.00 -10.82 2.90
N GLY A 1083 -14.87 -10.55 1.93
CA GLY A 1083 -15.23 -11.54 0.94
C GLY A 1083 -16.30 -12.50 1.39
N SER A 1084 -16.15 -13.77 1.05
CA SER A 1084 -17.06 -14.82 1.44
C SER A 1084 -16.54 -15.51 2.70
N ASN A 1085 -17.16 -16.64 3.06
CA ASN A 1085 -16.87 -17.32 4.31
C ASN A 1085 -15.58 -18.14 4.27
N GLU A 1086 -14.95 -18.29 3.10
CA GLU A 1086 -13.67 -18.97 3.06
C GLU A 1086 -12.58 -18.18 3.79
N ASN A 1087 -12.78 -16.88 3.96
CA ASN A 1087 -11.75 -15.97 4.46
C ASN A 1087 -11.82 -15.90 5.98
N ILE A 1088 -11.31 -16.96 6.61
CA ILE A 1088 -11.18 -17.06 8.07
C ILE A 1088 -9.71 -17.18 8.40
N HIS A 1089 -8.92 -16.21 7.93
CA HIS A 1089 -7.48 -16.36 7.85
C HIS A 1089 -6.84 -16.42 9.24
N SER A 1090 -5.86 -17.30 9.37
CA SER A 1090 -5.05 -17.41 10.59
C SER A 1090 -3.77 -16.63 10.35
N ILE A 1091 -3.77 -15.37 10.78
CA ILE A 1091 -2.68 -14.45 10.47
C ILE A 1091 -1.54 -14.69 11.44
N HIS A 1092 -0.33 -14.83 10.91
CA HIS A 1092 0.85 -15.05 11.74
C HIS A 1092 2.04 -14.28 11.22
N PHE A 1093 2.70 -13.55 12.12
CA PHE A 1093 3.99 -12.94 11.85
C PHE A 1093 5.08 -13.93 12.24
N SER A 1094 6.00 -14.21 11.32
CA SER A 1094 7.03 -15.23 11.52
C SER A 1094 7.78 -15.01 12.84
N GLY A 1095 7.47 -15.83 13.84
CA GLY A 1095 8.13 -15.77 15.14
C GLY A 1095 7.66 -14.67 16.06
N HIS A 1096 6.90 -13.71 15.58
CA HIS A 1096 6.51 -12.56 16.38
C HIS A 1096 5.25 -12.83 17.16
N VAL A 1097 5.10 -12.11 18.28
CA VAL A 1097 3.93 -12.20 19.15
C VAL A 1097 3.36 -10.80 19.33
N PHE A 1098 2.03 -10.71 19.42
CA PHE A 1098 1.35 -9.42 19.46
C PHE A 1098 0.27 -9.45 20.53
N SER A 1099 -0.35 -8.28 20.74
CA SER A 1099 -1.35 -8.09 21.78
C SER A 1099 -2.59 -7.45 21.20
N VAL A 1100 -3.76 -7.85 21.71
CA VAL A 1100 -5.03 -7.29 21.28
C VAL A 1100 -5.81 -6.89 22.52
N ARG A 1101 -6.71 -5.92 22.36
CA ARG A 1101 -7.51 -5.40 23.46
C ARG A 1101 -8.99 -5.52 23.11
N LYS A 1102 -9.73 -6.24 23.96
CA LYS A 1102 -11.19 -6.29 23.93
C LYS A 1102 -11.68 -6.34 25.38
N LYS A 1103 -11.80 -5.15 25.99
CA LYS A 1103 -12.15 -4.94 27.40
C LYS A 1103 -10.95 -5.27 28.30
N GLU A 1104 -10.24 -6.35 28.02
CA GLU A 1104 -8.98 -6.69 28.66
C GLU A 1104 -7.89 -6.77 27.59
N GLU A 1105 -6.64 -6.76 28.03
CA GLU A 1105 -5.50 -6.84 27.12
C GLU A 1105 -4.93 -8.26 27.20
N TYR A 1106 -5.21 -9.07 26.19
CA TYR A 1106 -4.71 -10.44 26.10
C TYR A 1106 -3.47 -10.48 25.22
N LYS A 1107 -3.10 -11.67 24.76
CA LYS A 1107 -1.86 -11.85 24.00
C LYS A 1107 -2.08 -12.95 22.97
N MET A 1108 -1.63 -12.72 21.73
CA MET A 1108 -1.83 -13.68 20.65
C MET A 1108 -0.60 -13.80 19.78
N ALA A 1109 -0.49 -14.93 19.11
CA ALA A 1109 0.53 -15.14 18.08
C ALA A 1109 -0.07 -15.38 16.71
N VAL A 1110 -1.28 -15.92 16.64
CA VAL A 1110 -2.00 -16.10 15.40
C VAL A 1110 -3.41 -15.58 15.60
N TYR A 1111 -3.90 -14.80 14.64
CA TYR A 1111 -5.23 -14.22 14.69
C TYR A 1111 -6.12 -14.87 13.63
N ASN A 1112 -7.25 -15.41 14.07
CA ASN A 1112 -8.28 -15.89 13.16
C ASN A 1112 -9.13 -14.71 12.72
N LEU A 1113 -9.00 -14.31 11.47
CA LEU A 1113 -9.67 -13.13 10.93
C LEU A 1113 -11.01 -13.56 10.33
N TYR A 1114 -12.05 -13.51 11.14
CA TYR A 1114 -13.38 -13.73 10.61
C TYR A 1114 -13.78 -12.53 9.75
N PRO A 1115 -14.44 -12.78 8.61
CA PRO A 1115 -14.66 -11.70 7.64
C PRO A 1115 -15.54 -10.61 8.21
N GLY A 1116 -15.25 -9.38 7.81
CA GLY A 1116 -16.02 -8.21 8.23
C GLY A 1116 -15.56 -7.55 9.51
N VAL A 1117 -15.30 -8.36 10.55
CA VAL A 1117 -14.83 -7.82 11.82
C VAL A 1117 -13.47 -7.15 11.60
N PHE A 1118 -13.31 -5.95 12.17
CA PHE A 1118 -12.09 -5.17 12.05
C PHE A 1118 -11.54 -4.89 13.44
N GLU A 1119 -10.46 -5.56 13.80
CA GLU A 1119 -9.82 -5.40 15.09
C GLU A 1119 -8.36 -5.00 14.93
N THR A 1120 -7.90 -4.19 15.88
CA THR A 1120 -6.56 -3.63 15.93
C THR A 1120 -5.69 -4.42 16.90
N VAL A 1121 -4.40 -4.56 16.55
CA VAL A 1121 -3.41 -5.19 17.42
C VAL A 1121 -2.14 -4.34 17.44
N GLU A 1122 -1.34 -4.55 18.48
CA GLU A 1122 -0.06 -3.87 18.65
C GLU A 1122 1.03 -4.88 19.00
N MET A 1123 2.27 -4.53 18.69
CA MET A 1123 3.42 -5.34 19.09
C MET A 1123 4.67 -4.50 19.00
N LEU A 1124 5.70 -4.95 19.72
CA LEU A 1124 7.04 -4.42 19.59
C LEU A 1124 7.99 -5.55 19.21
N PRO A 1125 8.78 -5.41 18.15
CA PRO A 1125 9.67 -6.50 17.73
C PRO A 1125 11.06 -6.37 18.33
N SER A 1126 11.64 -7.53 18.65
CA SER A 1126 12.98 -7.61 19.24
C SER A 1126 14.03 -8.01 18.22
N LYS A 1127 13.91 -9.22 17.66
CA LYS A 1127 14.91 -9.72 16.73
C LYS A 1127 14.85 -8.92 15.43
N VAL A 1128 15.99 -8.87 14.73
CA VAL A 1128 16.18 -7.93 13.62
C VAL A 1128 16.51 -8.71 12.36
N GLY A 1129 15.96 -8.25 11.23
CA GLY A 1129 16.21 -8.84 9.94
C GLY A 1129 14.98 -8.68 9.06
N ILE A 1130 14.72 -9.70 8.24
CA ILE A 1130 13.51 -9.81 7.44
C ILE A 1130 12.79 -11.08 7.87
N TRP A 1131 11.50 -10.98 8.12
CA TRP A 1131 10.63 -12.08 8.49
C TRP A 1131 9.49 -12.18 7.48
N ARG A 1132 8.51 -13.01 7.79
CA ARG A 1132 7.43 -13.33 6.88
C ARG A 1132 6.08 -13.11 7.57
N ILE A 1133 5.11 -12.62 6.80
CA ILE A 1133 3.74 -12.50 7.25
C ILE A 1133 2.90 -13.45 6.41
N GLU A 1134 2.29 -14.43 7.06
CA GLU A 1134 1.60 -15.51 6.39
C GLU A 1134 0.20 -15.67 6.96
N CYS A 1135 -0.66 -16.33 6.19
CA CYS A 1135 -1.91 -16.86 6.69
C CYS A 1135 -1.72 -18.36 6.88
N LEU A 1136 -1.72 -18.79 8.15
CA LEU A 1136 -1.30 -20.15 8.49
C LEU A 1136 -2.17 -21.25 7.88
N ILE A 1137 -3.27 -20.92 7.20
CA ILE A 1137 -4.04 -21.95 6.51
C ILE A 1137 -3.18 -22.62 5.46
N GLY A 1138 -3.09 -23.95 5.52
CA GLY A 1138 -2.15 -24.68 4.67
C GLY A 1138 -2.29 -24.33 3.20
N GLU A 1139 -3.51 -24.33 2.69
CA GLU A 1139 -3.76 -24.11 1.28
C GLU A 1139 -3.76 -22.64 0.89
N HIS A 1140 -3.12 -21.77 1.66
CA HIS A 1140 -2.93 -20.37 1.29
C HIS A 1140 -1.47 -20.00 1.09
N LEU A 1141 -0.57 -20.59 1.86
CA LEU A 1141 0.84 -20.27 1.73
C LEU A 1141 1.37 -20.64 0.35
N GLN A 1142 0.99 -21.82 -0.14
CA GLN A 1142 1.41 -22.24 -1.47
C GLN A 1142 0.61 -21.56 -2.57
N ALA A 1143 -0.60 -21.09 -2.27
CA ALA A 1143 -1.32 -20.24 -3.20
C ALA A 1143 -0.75 -18.83 -3.26
N GLY A 1144 0.21 -18.51 -2.40
CA GLY A 1144 0.97 -17.29 -2.51
C GLY A 1144 0.63 -16.20 -1.52
N MET A 1145 -0.17 -16.49 -0.50
CA MET A 1145 -0.60 -15.47 0.46
C MET A 1145 0.53 -15.26 1.47
N SER A 1146 1.48 -14.41 1.09
CA SER A 1146 2.63 -14.17 1.95
C SER A 1146 3.39 -12.92 1.49
N THR A 1147 3.99 -12.25 2.45
CA THR A 1147 4.83 -11.10 2.20
C THR A 1147 5.86 -10.99 3.31
N THR A 1148 7.02 -10.43 2.96
CA THR A 1148 8.11 -10.26 3.92
C THR A 1148 8.06 -8.84 4.51
N PHE A 1149 8.51 -8.74 5.76
CA PHE A 1149 8.58 -7.44 6.44
C PHE A 1149 9.89 -7.33 7.18
N LEU A 1150 10.56 -6.20 7.01
CA LEU A 1150 11.89 -5.97 7.57
C LEU A 1150 11.80 -5.14 8.84
N VAL A 1151 12.55 -5.53 9.85
CA VAL A 1151 12.86 -4.68 11.00
C VAL A 1151 14.36 -4.52 11.04
N TYR A 1152 14.82 -3.33 11.41
CA TYR A 1152 16.21 -2.95 11.20
C TYR A 1152 16.81 -2.37 12.46
N SER A 1153 18.09 -2.06 12.39
CA SER A 1153 18.82 -1.41 13.47
C SER A 1153 18.73 0.10 13.31
N LYS A 1154 18.36 0.78 14.39
CA LYS A 1154 18.35 2.23 14.41
C LYS A 1154 19.67 2.83 14.86
N LYS A 1155 20.70 2.00 15.05
CA LYS A 1155 22.02 2.47 15.44
C LYS A 1155 23.12 1.72 14.70
N CYS A 1156 22.86 1.29 13.48
CA CYS A 1156 23.90 0.77 12.60
C CYS A 1156 24.16 1.83 11.52
N GLN A 1157 25.08 2.73 11.81
CA GLN A 1157 25.50 3.73 10.85
C GLN A 1157 27.00 3.53 10.59
N THR A 1158 27.31 2.96 9.43
CA THR A 1158 28.70 2.82 9.02
C THR A 1158 28.89 3.47 7.66
N PRO A 1159 30.01 4.17 7.44
CA PRO A 1159 30.27 4.74 6.11
C PRO A 1159 30.21 3.68 5.03
N LEU A 1160 29.33 3.86 4.05
CA LEU A 1160 29.10 2.83 3.05
C LEU A 1160 30.37 2.51 2.27
N GLY A 1161 31.30 3.46 2.17
CA GLY A 1161 32.58 3.18 1.58
C GLY A 1161 33.14 4.28 0.70
N MET A 1162 32.46 5.44 0.67
CA MET A 1162 32.91 6.54 -0.16
C MET A 1162 34.32 6.98 0.24
N ALA A 1163 34.59 7.02 1.54
CA ALA A 1163 35.87 7.52 2.03
C ALA A 1163 37.03 6.61 1.63
N SER A 1164 37.26 5.56 2.42
CA SER A 1164 38.51 4.80 2.32
C SER A 1164 38.67 4.13 0.97
N GLY A 1165 37.57 3.89 0.27
CA GLY A 1165 37.61 3.19 -1.00
C GLY A 1165 36.82 1.89 -1.01
N HIS A 1166 36.09 1.57 0.07
CA HIS A 1166 35.21 0.41 0.06
C HIS A 1166 34.23 0.50 -1.10
N ILE A 1167 33.66 1.69 -1.32
CA ILE A 1167 32.91 1.95 -2.56
C ILE A 1167 33.92 2.12 -3.68
N ARG A 1168 33.98 1.14 -4.58
CA ARG A 1168 34.97 1.19 -5.65
C ARG A 1168 34.61 2.27 -6.67
N ASP A 1169 35.51 2.49 -7.62
CA ASP A 1169 35.41 3.65 -8.48
C ASP A 1169 34.39 3.47 -9.61
N PHE A 1170 34.21 2.24 -10.11
CA PHE A 1170 33.25 2.01 -11.18
C PHE A 1170 31.81 2.10 -10.69
N GLN A 1171 31.59 2.00 -9.37
CA GLN A 1171 30.24 2.06 -8.84
C GLN A 1171 29.62 3.44 -9.01
N ILE A 1172 30.43 4.48 -9.16
CA ILE A 1172 29.95 5.85 -9.22
C ILE A 1172 29.71 6.24 -10.66
N THR A 1173 28.57 6.90 -10.92
CA THR A 1173 28.21 7.37 -12.25
C THR A 1173 27.51 8.71 -12.12
N ALA A 1174 27.43 9.45 -13.22
CA ALA A 1174 26.66 10.68 -13.29
C ALA A 1174 26.63 11.17 -14.72
N SER A 1175 25.60 11.95 -15.03
CA SER A 1175 25.55 12.72 -16.26
C SER A 1175 25.78 14.19 -15.91
N GLY A 1176 26.39 14.91 -16.85
CA GLY A 1176 26.75 16.29 -16.57
C GLY A 1176 27.93 16.36 -15.63
N GLN A 1177 29.03 16.95 -16.08
CA GLN A 1177 30.28 16.80 -15.36
C GLN A 1177 31.19 18.02 -15.50
N TYR A 1178 30.78 19.06 -16.22
CA TYR A 1178 31.59 20.25 -16.46
C TYR A 1178 32.90 19.89 -17.14
N GLY A 1179 33.98 19.80 -16.38
CA GLY A 1179 35.26 19.45 -16.96
C GLY A 1179 36.25 18.99 -15.92
N GLN A 1180 36.71 17.74 -16.03
CA GLN A 1180 37.66 17.13 -15.10
C GLN A 1180 37.23 17.31 -13.64
N TRP A 1181 35.92 17.40 -13.41
CA TRP A 1181 35.31 17.33 -12.09
C TRP A 1181 34.43 16.08 -12.07
N ALA A 1182 35.10 14.92 -11.89
CA ALA A 1182 34.53 13.59 -12.08
C ALA A 1182 33.66 13.17 -10.90
N PRO A 1183 32.64 12.35 -11.17
CA PRO A 1183 31.74 11.93 -10.09
C PRO A 1183 32.42 11.09 -9.03
N LYS A 1184 33.58 10.52 -9.33
CA LYS A 1184 34.30 9.74 -8.33
C LYS A 1184 35.10 10.62 -7.37
N LEU A 1185 35.35 11.88 -7.73
CA LEU A 1185 35.96 12.83 -6.82
C LEU A 1185 35.02 13.32 -5.73
N ALA A 1186 33.77 12.82 -5.69
CA ALA A 1186 32.78 13.22 -4.70
C ALA A 1186 33.05 12.59 -3.32
N ARG A 1187 34.23 12.03 -3.08
CA ARG A 1187 34.52 11.37 -1.81
C ARG A 1187 34.82 12.41 -0.74
N LEU A 1188 34.08 12.36 0.37
CA LEU A 1188 34.15 13.39 1.38
C LEU A 1188 35.53 13.46 2.03
N HIS A 1189 35.89 14.64 2.51
CA HIS A 1189 37.20 14.94 3.07
C HIS A 1189 38.31 14.48 2.12
N TYR A 1190 38.29 15.10 0.94
CA TYR A 1190 39.30 14.89 -0.10
C TYR A 1190 39.51 16.25 -0.75
N SER A 1191 40.61 16.91 -0.41
CA SER A 1191 41.00 18.19 -0.98
C SER A 1191 42.13 17.98 -1.98
N GLY A 1192 42.58 19.09 -2.55
CA GLY A 1192 43.63 19.08 -3.54
C GLY A 1192 43.35 20.16 -4.57
N SER A 1193 43.85 19.93 -5.78
CA SER A 1193 43.60 20.82 -6.90
C SER A 1193 42.11 20.79 -7.24
N ILE A 1194 41.73 19.84 -8.08
CA ILE A 1194 40.33 19.44 -8.20
C ILE A 1194 40.02 18.50 -7.05
N ASN A 1195 38.80 18.59 -6.49
CA ASN A 1195 38.52 17.77 -5.32
C ASN A 1195 37.05 17.40 -5.12
N ALA A 1196 36.16 17.69 -6.06
CA ALA A 1196 34.75 17.29 -5.94
C ALA A 1196 34.20 17.03 -7.34
N TRP A 1197 32.88 17.02 -7.47
CA TRP A 1197 32.22 16.78 -8.74
C TRP A 1197 31.23 17.90 -9.00
N SER A 1198 31.42 18.61 -10.11
CA SER A 1198 30.56 19.72 -10.48
C SER A 1198 29.89 19.46 -11.82
N THR A 1199 28.95 20.35 -12.17
CA THR A 1199 28.28 20.28 -13.46
C THR A 1199 27.61 21.61 -13.75
N LYS A 1200 27.89 22.19 -14.92
CA LYS A 1200 27.14 23.36 -15.37
C LYS A 1200 25.69 23.00 -15.62
N GLU A 1201 25.45 21.76 -16.05
CA GLU A 1201 24.19 21.37 -16.63
C GLU A 1201 23.02 21.60 -15.68
N PRO A 1202 21.84 21.90 -16.20
CA PRO A 1202 20.66 22.03 -15.34
C PRO A 1202 20.28 20.72 -14.67
N PHE A 1203 19.60 19.84 -15.41
CA PHE A 1203 19.01 18.64 -14.83
C PHE A 1203 20.08 17.56 -14.70
N SER A 1204 20.93 17.73 -13.69
CA SER A 1204 22.02 16.82 -13.41
C SER A 1204 21.67 15.86 -12.29
N TRP A 1205 22.50 14.85 -12.12
CA TRP A 1205 22.33 13.87 -11.06
C TRP A 1205 23.61 13.03 -10.98
N ILE A 1206 23.63 12.12 -10.01
CA ILE A 1206 24.82 11.30 -9.76
C ILE A 1206 24.41 9.97 -9.12
N LYS A 1207 24.94 8.86 -9.63
CA LYS A 1207 24.46 7.52 -9.30
C LYS A 1207 25.55 6.71 -8.60
N VAL A 1208 25.17 6.01 -7.53
CA VAL A 1208 26.05 5.08 -6.83
C VAL A 1208 25.39 3.73 -6.80
N ASP A 1209 26.13 2.70 -7.21
CA ASP A 1209 25.65 1.32 -7.17
C ASP A 1209 26.27 0.63 -5.95
N LEU A 1210 25.43 0.22 -5.01
CA LEU A 1210 25.90 -0.55 -3.86
C LEU A 1210 26.05 -2.03 -4.17
N LEU A 1211 25.79 -2.46 -5.41
CA LEU A 1211 25.96 -3.83 -5.87
C LEU A 1211 24.97 -4.80 -5.22
N ALA A 1212 24.50 -4.49 -4.02
CA ALA A 1212 23.59 -5.35 -3.28
C ALA A 1212 22.49 -4.51 -2.65
N PRO A 1213 21.28 -5.08 -2.49
CA PRO A 1213 20.22 -4.34 -1.80
C PRO A 1213 20.64 -3.92 -0.40
N MET A 1214 21.14 -2.70 -0.27
CA MET A 1214 21.70 -2.22 0.99
C MET A 1214 20.72 -1.31 1.69
N ILE A 1215 20.78 -1.29 3.02
CA ILE A 1215 20.02 -0.34 3.82
C ILE A 1215 20.82 0.96 3.88
N ILE A 1216 20.12 2.09 3.87
CA ILE A 1216 20.76 3.39 3.84
C ILE A 1216 20.19 4.25 4.98
N HIS A 1217 21.07 4.90 5.74
CA HIS A 1217 20.66 5.62 6.93
C HIS A 1217 20.98 7.11 6.90
N GLY A 1218 21.52 7.64 5.81
CA GLY A 1218 21.81 9.05 5.75
C GLY A 1218 22.85 9.38 4.71
N ILE A 1219 22.94 10.67 4.40
CA ILE A 1219 23.85 11.19 3.38
C ILE A 1219 24.61 12.38 3.97
N LYS A 1220 25.93 12.34 3.89
CA LYS A 1220 26.80 13.44 4.33
C LYS A 1220 27.20 14.22 3.09
N THR A 1221 26.75 15.47 3.01
CA THR A 1221 26.88 16.29 1.81
C THR A 1221 27.87 17.42 2.05
N GLN A 1222 28.82 17.60 1.12
CA GLN A 1222 29.78 18.68 1.22
C GLN A 1222 29.87 19.44 -0.11
N GLY A 1223 30.86 20.32 -0.22
CA GLY A 1223 31.20 20.99 -1.46
C GLY A 1223 32.70 21.13 -1.58
N ALA A 1224 33.16 22.14 -2.32
CA ALA A 1224 34.59 22.37 -2.42
C ALA A 1224 34.83 23.86 -2.64
N ARG A 1225 36.10 24.22 -2.75
CA ARG A 1225 36.48 25.60 -3.04
C ARG A 1225 37.36 25.63 -4.28
N GLN A 1226 37.07 26.58 -5.16
CA GLN A 1226 37.98 26.90 -6.26
C GLN A 1226 38.54 28.28 -5.93
N LYS A 1227 39.63 28.29 -5.17
CA LYS A 1227 40.37 29.49 -4.79
C LYS A 1227 39.64 30.33 -3.75
N PHE A 1228 38.42 30.76 -4.05
CA PHE A 1228 37.70 31.67 -3.17
C PHE A 1228 36.21 31.40 -3.18
N SER A 1229 35.69 30.97 -4.32
CA SER A 1229 34.26 30.72 -4.46
C SER A 1229 33.91 29.38 -3.83
N SER A 1230 33.06 29.42 -2.80
CA SER A 1230 32.52 28.19 -2.21
C SER A 1230 31.43 27.66 -3.12
N LEU A 1231 31.59 26.43 -3.60
CA LEU A 1231 30.59 25.80 -4.45
C LEU A 1231 30.17 24.46 -3.85
N TYR A 1232 28.90 24.11 -4.11
CA TYR A 1232 28.23 23.01 -3.43
C TYR A 1232 26.82 22.79 -3.97
N ILE A 1233 25.96 22.23 -3.14
CA ILE A 1233 24.54 22.08 -3.43
C ILE A 1233 23.77 22.71 -2.28
N SER A 1234 22.89 23.65 -2.60
CA SER A 1234 22.09 24.27 -1.56
C SER A 1234 20.77 23.55 -1.33
N GLN A 1235 20.30 22.78 -2.30
CA GLN A 1235 18.99 22.14 -2.19
C GLN A 1235 18.91 21.01 -3.21
N PHE A 1236 18.45 19.85 -2.77
CA PHE A 1236 18.44 18.67 -3.62
C PHE A 1236 17.35 17.70 -3.16
N ILE A 1237 17.02 16.75 -4.04
CA ILE A 1237 16.07 15.68 -3.76
C ILE A 1237 16.69 14.35 -4.16
N ILE A 1238 16.08 13.26 -3.67
CA ILE A 1238 16.67 11.93 -3.75
C ILE A 1238 15.84 11.03 -4.66
N MET A 1239 16.54 10.19 -5.44
CA MET A 1239 15.96 9.11 -6.21
C MET A 1239 16.61 7.79 -5.78
N TYR A 1240 15.91 6.68 -6.01
CA TYR A 1240 16.49 5.39 -5.69
C TYR A 1240 15.81 4.31 -6.51
N SER A 1241 16.52 3.18 -6.68
CA SER A 1241 16.00 2.02 -7.40
C SER A 1241 16.35 0.75 -6.62
N LEU A 1242 16.01 -0.39 -7.21
CA LEU A 1242 16.21 -1.68 -6.57
C LEU A 1242 16.74 -2.77 -7.50
N ASP A 1243 16.43 -2.71 -8.81
CA ASP A 1243 16.86 -3.75 -9.77
C ASP A 1243 17.39 -3.21 -11.09
N GLY A 1244 16.86 -2.10 -11.63
CA GLY A 1244 17.27 -1.57 -12.92
C GLY A 1244 16.55 -0.28 -13.24
N LYS A 1245 15.21 -0.32 -13.23
CA LYS A 1245 14.46 0.87 -13.60
C LYS A 1245 13.09 0.95 -12.92
N LYS A 1246 12.95 0.41 -11.71
CA LYS A 1246 11.76 0.66 -10.90
C LYS A 1246 11.94 1.89 -10.00
N TRP A 1247 12.53 2.94 -10.56
CA TRP A 1247 12.95 4.10 -9.78
C TRP A 1247 11.76 4.87 -9.27
N GLN A 1248 11.76 5.17 -7.97
CA GLN A 1248 10.76 6.08 -7.41
C GLN A 1248 11.45 7.05 -6.46
N THR A 1249 10.76 8.17 -6.21
CA THR A 1249 11.29 9.30 -5.47
C THR A 1249 11.21 9.01 -3.97
N TYR A 1250 11.70 9.96 -3.17
CA TYR A 1250 11.68 9.88 -1.72
C TYR A 1250 10.69 10.90 -1.18
N ARG A 1251 9.56 10.42 -0.65
CA ARG A 1251 8.54 11.26 -0.04
C ARG A 1251 8.42 11.00 1.46
N GLY A 1252 9.53 10.62 2.08
CA GLY A 1252 9.48 10.23 3.47
C GLY A 1252 9.08 11.38 4.38
N ASN A 1253 8.63 10.99 5.57
CA ASN A 1253 8.13 11.91 6.59
C ASN A 1253 7.13 12.89 6.00
N SER A 1254 6.16 12.33 5.27
CA SER A 1254 4.97 13.04 4.79
C SER A 1254 5.33 14.32 4.05
N THR A 1255 5.45 15.42 4.80
CA THR A 1255 5.63 16.76 4.25
C THR A 1255 4.59 17.05 3.18
N GLY A 1256 4.81 16.56 1.96
CA GLY A 1256 3.86 16.82 0.90
C GLY A 1256 4.03 15.91 -0.31
N THR A 1257 4.60 16.45 -1.39
CA THR A 1257 4.76 15.66 -2.61
C THR A 1257 5.98 14.75 -2.53
N LEU A 1258 7.07 15.24 -1.93
CA LEU A 1258 8.31 14.49 -1.72
C LEU A 1258 9.24 15.36 -0.88
N MET A 1259 10.18 14.71 -0.21
CA MET A 1259 11.04 15.39 0.76
C MET A 1259 12.14 16.17 0.06
N VAL A 1260 12.10 17.49 0.20
CA VAL A 1260 13.22 18.33 -0.19
C VAL A 1260 14.28 18.27 0.89
N PHE A 1261 15.51 17.96 0.51
CA PHE A 1261 16.64 17.97 1.41
C PHE A 1261 17.36 19.32 1.32
N PHE A 1262 17.87 19.79 2.46
CA PHE A 1262 18.65 21.02 2.50
C PHE A 1262 20.14 20.68 2.38
N GLY A 1263 20.82 21.34 1.46
CA GLY A 1263 22.21 21.04 1.17
C GLY A 1263 23.18 21.81 2.05
N ASN A 1264 24.39 21.98 1.53
CA ASN A 1264 25.43 22.71 2.25
C ASN A 1264 25.14 24.21 2.18
N VAL A 1265 26.08 25.02 2.69
CA VAL A 1265 25.99 26.46 2.62
C VAL A 1265 27.36 27.03 2.27
N ASP A 1266 28.43 26.29 2.55
CA ASP A 1266 29.79 26.78 2.36
C ASP A 1266 30.64 25.73 1.66
N SER A 1267 31.92 26.04 1.54
CA SER A 1267 32.87 25.11 0.93
C SER A 1267 33.24 23.99 1.90
N SER A 1268 34.00 24.32 2.94
CA SER A 1268 34.53 23.33 3.87
C SER A 1268 33.48 22.69 4.75
N GLY A 1269 32.26 23.23 4.76
CA GLY A 1269 31.26 22.81 5.72
C GLY A 1269 30.53 21.54 5.29
N ILE A 1270 30.34 20.66 6.25
CA ILE A 1270 29.71 19.36 6.05
C ILE A 1270 28.28 19.45 6.57
N LYS A 1271 27.37 18.69 5.94
CA LYS A 1271 25.96 18.70 6.32
C LYS A 1271 25.44 17.27 6.35
N HIS A 1272 24.74 16.91 7.43
CA HIS A 1272 24.24 15.56 7.65
C HIS A 1272 22.73 15.57 7.42
N ASN A 1273 22.31 15.12 6.24
CA ASN A 1273 20.89 14.93 5.96
C ASN A 1273 20.53 13.48 6.28
N ILE A 1274 20.11 13.25 7.52
CA ILE A 1274 19.61 11.95 7.91
C ILE A 1274 18.19 11.80 7.38
N PHE A 1275 17.60 10.63 7.57
CA PHE A 1275 16.17 10.45 7.33
C PHE A 1275 15.66 9.34 8.25
N ASN A 1276 14.62 9.62 9.03
CA ASN A 1276 14.12 8.61 9.93
C ASN A 1276 13.65 7.46 9.12
N PRO A 1277 12.74 7.71 8.22
CA PRO A 1277 12.37 6.58 7.39
C PRO A 1277 13.48 6.28 6.41
N PRO A 1278 14.16 5.14 6.57
CA PRO A 1278 15.35 4.84 5.77
C PRO A 1278 14.98 4.37 4.36
N ILE A 1279 16.01 4.13 3.56
CA ILE A 1279 15.85 3.64 2.19
C ILE A 1279 16.40 2.22 2.12
N ILE A 1280 15.80 1.41 1.25
CA ILE A 1280 16.31 0.09 0.89
C ILE A 1280 16.50 0.10 -0.62
N ALA A 1281 17.75 0.07 -1.05
CA ALA A 1281 18.05 0.24 -2.46
C ALA A 1281 19.40 -0.41 -2.75
N ARG A 1282 19.92 -0.14 -3.95
CA ARG A 1282 21.31 -0.42 -4.28
C ARG A 1282 21.76 0.60 -5.32
N TYR A 1283 20.87 0.96 -6.24
CA TYR A 1283 21.02 2.14 -7.07
C TYR A 1283 20.36 3.32 -6.37
N ILE A 1284 21.09 4.42 -6.24
CA ILE A 1284 20.56 5.62 -5.59
C ILE A 1284 21.16 6.84 -6.28
N ARG A 1285 20.31 7.81 -6.64
CA ARG A 1285 20.72 9.01 -7.33
C ARG A 1285 20.30 10.25 -6.56
N LEU A 1286 21.09 11.31 -6.74
CA LEU A 1286 20.81 12.62 -6.14
C LEU A 1286 20.60 13.64 -7.24
N HIS A 1287 19.60 14.48 -7.08
CA HIS A 1287 19.27 15.51 -8.05
C HIS A 1287 19.40 16.89 -7.41
N PRO A 1288 20.32 17.74 -7.88
CA PRO A 1288 20.46 19.08 -7.28
C PRO A 1288 19.42 20.04 -7.85
N THR A 1289 18.76 20.77 -6.96
CA THR A 1289 17.74 21.73 -7.36
C THR A 1289 18.21 23.18 -7.29
N HIS A 1290 19.01 23.54 -6.28
CA HIS A 1290 19.52 24.91 -6.17
C HIS A 1290 20.99 24.81 -5.79
N TYR A 1291 21.86 25.01 -6.77
CA TYR A 1291 23.28 25.02 -6.48
C TYR A 1291 23.72 26.45 -6.15
N SER A 1292 24.99 26.60 -5.82
CA SER A 1292 25.63 27.92 -5.74
C SER A 1292 26.65 27.98 -6.86
N ILE A 1293 26.34 28.79 -7.88
CA ILE A 1293 27.10 28.88 -9.12
C ILE A 1293 27.02 27.57 -9.91
N ARG A 1294 27.48 26.46 -9.33
CA ARG A 1294 27.49 25.17 -9.99
C ARG A 1294 27.21 24.06 -8.97
N SER A 1295 26.52 23.02 -9.42
CA SER A 1295 26.26 21.85 -8.59
C SER A 1295 27.54 21.09 -8.36
N THR A 1296 28.21 21.34 -7.23
CA THR A 1296 29.39 20.58 -6.86
C THR A 1296 29.10 19.78 -5.59
N LEU A 1297 29.77 18.63 -5.45
CA LEU A 1297 29.33 17.68 -4.44
C LEU A 1297 30.49 16.80 -3.99
N ARG A 1298 30.67 16.72 -2.67
CA ARG A 1298 31.60 15.79 -2.03
C ARG A 1298 30.81 15.10 -0.94
N MET A 1299 30.67 13.77 -1.00
CA MET A 1299 29.68 13.12 -0.16
C MET A 1299 30.19 11.81 0.44
N GLU A 1300 29.31 11.21 1.25
CA GLU A 1300 29.50 9.93 1.91
C GLU A 1300 28.13 9.43 2.34
N LEU A 1301 27.88 8.14 2.14
CA LEU A 1301 26.60 7.53 2.48
C LEU A 1301 26.73 6.75 3.79
N MET A 1302 25.72 6.89 4.65
CA MET A 1302 25.68 6.21 5.94
C MET A 1302 24.66 5.07 5.84
N GLY A 1303 25.14 3.83 5.99
CA GLY A 1303 24.26 2.70 5.81
C GLY A 1303 24.54 1.45 6.62
N CYS A 1304 24.06 0.32 6.14
CA CYS A 1304 24.11 -0.98 6.82
C CYS A 1304 23.65 -2.05 5.86
N ASP A 1305 23.94 -3.30 6.20
CA ASP A 1305 23.51 -4.42 5.38
C ASP A 1305 22.05 -4.76 5.65
N LEU A 1306 21.51 -5.69 4.85
CA LEU A 1306 20.09 -6.02 4.93
C LEU A 1306 19.70 -6.73 6.22
N ASN A 1307 20.68 -7.25 6.97
CA ASN A 1307 20.40 -7.96 8.22
C ASN A 1307 20.87 -7.20 9.45
N SER A 1308 21.42 -5.99 9.29
CA SER A 1308 21.73 -5.08 10.39
C SER A 1308 22.82 -5.64 11.32
N CYS A 1309 23.95 -6.00 10.73
CA CYS A 1309 25.12 -6.45 11.49
C CYS A 1309 26.31 -5.54 11.18
N SER A 1310 26.43 -4.49 11.98
CA SER A 1310 27.59 -3.61 12.03
C SER A 1310 27.41 -2.70 13.23
N MET A 1311 27.06 -3.31 14.37
CA MET A 1311 26.57 -2.64 15.57
C MET A 1311 27.70 -2.46 16.57
N PRO A 1312 27.80 -1.27 17.17
CA PRO A 1312 28.61 -1.13 18.38
C PRO A 1312 28.03 -2.02 19.48
N LEU A 1313 28.85 -2.94 19.96
CA LEU A 1313 28.38 -3.87 20.98
C LEU A 1313 28.19 -3.17 22.32
N GLY A 1314 29.17 -2.37 22.74
CA GLY A 1314 29.05 -1.61 23.97
C GLY A 1314 30.36 -1.12 24.55
N MET A 1315 31.42 -1.14 23.74
CA MET A 1315 32.72 -0.68 24.19
C MET A 1315 32.68 0.81 24.50
N GLU A 1316 32.34 1.63 23.51
CA GLU A 1316 32.34 3.07 23.69
C GLU A 1316 31.24 3.53 24.62
N SER A 1317 30.03 2.97 24.48
CA SER A 1317 28.87 3.37 25.26
C SER A 1317 28.86 2.80 26.67
N LYS A 1318 29.92 2.11 27.08
CA LYS A 1318 30.06 1.54 28.42
C LYS A 1318 28.95 0.55 28.76
N ALA A 1319 28.42 -0.14 27.75
CA ALA A 1319 27.51 -1.25 28.00
C ALA A 1319 28.26 -2.54 28.33
N ILE A 1320 29.51 -2.65 27.88
CA ILE A 1320 30.38 -3.77 28.22
C ILE A 1320 31.08 -3.44 29.54
N SER A 1321 31.08 -4.40 30.46
CA SER A 1321 31.69 -4.18 31.76
C SER A 1321 33.20 -4.35 31.68
N ASP A 1322 33.90 -3.62 32.56
CA ASP A 1322 35.37 -3.63 32.54
C ASP A 1322 35.91 -5.00 32.90
N ALA A 1323 35.22 -5.72 33.79
CA ALA A 1323 35.63 -7.07 34.16
C ALA A 1323 35.70 -8.00 32.96
N GLN A 1324 35.21 -7.58 31.80
CA GLN A 1324 35.29 -8.34 30.56
C GLN A 1324 36.36 -7.80 29.61
N ILE A 1325 37.13 -6.80 30.04
CA ILE A 1325 38.09 -6.12 29.18
C ILE A 1325 39.45 -6.17 29.87
N THR A 1326 40.35 -7.02 29.38
CA THR A 1326 41.68 -7.20 29.95
C THR A 1326 42.70 -7.23 28.82
N ALA A 1327 43.91 -7.68 29.15
CA ALA A 1327 45.01 -7.80 28.19
C ALA A 1327 46.06 -8.73 28.79
N SER A 1328 47.25 -8.75 28.16
CA SER A 1328 48.36 -9.50 28.75
C SER A 1328 48.98 -8.76 29.92
N SER A 1329 48.94 -7.43 29.89
CA SER A 1329 49.44 -6.61 31.00
C SER A 1329 48.79 -5.23 30.88
N TYR A 1330 49.47 -4.21 31.40
CA TYR A 1330 49.09 -2.81 31.24
C TYR A 1330 50.18 -1.93 31.86
N PHE A 1331 50.55 -0.86 31.16
CA PHE A 1331 51.52 0.08 31.69
C PHE A 1331 51.05 0.61 33.04
N THR A 1332 51.56 0.04 34.11
CA THR A 1332 51.14 0.38 35.46
C THR A 1332 52.27 1.10 36.19
N ASN A 1333 51.93 2.22 36.83
CA ASN A 1333 52.91 3.07 37.50
C ASN A 1333 52.16 4.04 38.40
N MET A 1334 52.72 5.25 38.59
CA MET A 1334 52.10 6.24 39.46
C MET A 1334 51.61 7.49 38.74
N PHE A 1335 52.24 7.89 37.62
CA PHE A 1335 51.75 9.06 36.90
C PHE A 1335 50.32 8.83 36.40
N ALA A 1336 49.99 7.61 36.01
CA ALA A 1336 48.64 7.24 35.58
C ALA A 1336 48.59 5.72 35.44
N THR A 1337 47.45 5.22 34.96
CA THR A 1337 47.30 3.81 34.63
C THR A 1337 46.48 3.71 33.35
N TRP A 1338 47.03 3.03 32.35
CA TRP A 1338 46.31 2.79 31.11
C TRP A 1338 45.70 1.39 31.14
N SER A 1339 44.63 1.28 31.93
CA SER A 1339 43.96 -0.02 32.11
C SER A 1339 43.33 -0.47 30.80
N PRO A 1340 43.27 -1.78 30.56
CA PRO A 1340 42.60 -2.29 29.35
C PRO A 1340 41.16 -1.80 29.23
N SER A 1341 40.57 -1.46 30.37
CA SER A 1341 39.24 -0.85 30.40
C SER A 1341 39.24 0.61 29.98
N LYS A 1342 40.39 1.17 29.61
CA LYS A 1342 40.48 2.54 29.13
C LYS A 1342 40.62 2.63 27.62
N ALA A 1343 40.64 1.49 26.93
CA ALA A 1343 40.80 1.45 25.47
C ALA A 1343 39.46 1.40 24.76
N ARG A 1344 38.56 2.31 25.13
CA ARG A 1344 37.27 2.45 24.45
C ARG A 1344 37.39 3.55 23.40
N LEU A 1345 36.87 3.27 22.20
CA LEU A 1345 36.81 4.30 21.17
C LEU A 1345 36.15 5.55 21.73
N HIS A 1346 36.80 6.69 21.50
CA HIS A 1346 36.34 8.02 21.89
C HIS A 1346 36.35 8.24 23.40
N LEU A 1347 36.81 7.28 24.20
CA LEU A 1347 36.91 7.52 25.64
C LEU A 1347 38.09 8.45 25.92
N GLN A 1348 37.85 9.46 26.75
CA GLN A 1348 38.81 10.52 26.99
C GLN A 1348 39.35 10.46 28.42
N GLY A 1349 40.35 11.28 28.68
CA GLY A 1349 40.96 11.37 29.99
C GLY A 1349 42.43 11.70 29.86
N ARG A 1350 43.09 11.81 31.02
CA ARG A 1350 44.54 11.93 31.06
C ARG A 1350 45.24 10.60 30.84
N SER A 1351 44.53 9.48 31.05
CA SER A 1351 45.02 8.13 30.75
C SER A 1351 43.89 7.42 30.01
N ASN A 1352 43.71 7.76 28.73
CA ASN A 1352 42.56 7.32 27.96
C ASN A 1352 42.94 6.34 26.86
N ALA A 1353 43.51 5.19 27.25
CA ALA A 1353 43.85 4.14 26.31
C ALA A 1353 44.38 2.94 27.09
N TRP A 1354 44.72 1.87 26.39
CA TRP A 1354 45.47 0.78 26.99
C TRP A 1354 46.87 0.77 26.37
N ARG A 1355 47.86 0.45 27.20
CA ARG A 1355 49.25 0.39 26.76
C ARG A 1355 49.90 -0.83 27.41
N PRO A 1356 50.51 -1.71 26.61
CA PRO A 1356 51.25 -2.83 27.21
C PRO A 1356 52.49 -2.32 27.93
N GLN A 1357 52.89 -3.05 28.97
CA GLN A 1357 54.07 -2.65 29.72
C GLN A 1357 55.35 -2.84 28.93
N VAL A 1358 55.31 -3.59 27.83
CA VAL A 1358 56.44 -3.75 26.93
C VAL A 1358 55.93 -3.78 25.50
N ASN A 1359 56.60 -3.04 24.61
CA ASN A 1359 56.17 -2.90 23.22
C ASN A 1359 56.90 -3.92 22.35
N ASN A 1360 56.13 -4.79 21.69
CA ASN A 1360 56.69 -5.81 20.81
C ASN A 1360 55.53 -6.46 20.05
N PRO A 1361 55.81 -7.08 18.89
CA PRO A 1361 54.72 -7.68 18.11
C PRO A 1361 54.15 -8.96 18.72
N LYS A 1362 54.12 -9.05 20.04
CA LYS A 1362 53.49 -10.18 20.73
C LYS A 1362 52.30 -9.79 21.58
N GLU A 1363 52.22 -8.55 22.05
CA GLU A 1363 51.20 -8.16 23.00
C GLU A 1363 49.81 -8.27 22.37
N TRP A 1364 48.78 -8.05 23.20
CA TRP A 1364 47.41 -8.23 22.74
C TRP A 1364 46.44 -7.64 23.75
N LEU A 1365 45.15 -7.67 23.37
CA LEU A 1365 44.04 -7.23 24.21
C LEU A 1365 42.84 -8.14 23.94
N GLN A 1366 42.09 -8.45 25.00
CA GLN A 1366 41.03 -9.45 24.93
C GLN A 1366 39.73 -8.90 25.52
N VAL A 1367 38.62 -9.33 24.95
CA VAL A 1367 37.29 -8.89 25.37
C VAL A 1367 36.42 -10.11 25.64
N ASP A 1368 35.79 -10.14 26.83
CA ASP A 1368 34.81 -11.15 27.17
C ASP A 1368 33.42 -10.62 26.88
N PHE A 1369 32.53 -11.52 26.45
CA PHE A 1369 31.15 -11.16 26.13
C PHE A 1369 30.13 -11.79 27.06
N GLN A 1370 30.53 -12.75 27.90
CA GLN A 1370 29.66 -13.47 28.82
C GLN A 1370 28.55 -14.25 28.11
N LYS A 1371 28.38 -14.00 26.81
CA LYS A 1371 27.53 -14.80 25.95
C LYS A 1371 28.21 -14.88 24.59
N THR A 1372 27.54 -15.49 23.63
CA THR A 1372 28.09 -15.65 22.29
C THR A 1372 27.49 -14.60 21.35
N MET A 1373 28.35 -13.86 20.66
CA MET A 1373 27.93 -12.77 19.79
C MET A 1373 28.57 -12.92 18.41
N LYS A 1374 28.11 -12.08 17.49
CA LYS A 1374 28.62 -12.03 16.12
C LYS A 1374 29.38 -10.72 15.93
N VAL A 1375 30.43 -10.77 15.09
CA VAL A 1375 31.30 -9.62 14.85
C VAL A 1375 31.51 -9.47 13.35
N THR A 1376 31.36 -8.23 12.85
CA THR A 1376 31.59 -7.93 11.45
C THR A 1376 32.77 -7.00 11.21
N GLY A 1377 33.33 -6.41 12.26
CA GLY A 1377 34.46 -5.52 12.07
C GLY A 1377 34.90 -4.90 13.38
N VAL A 1378 36.11 -4.33 13.34
CA VAL A 1378 36.67 -3.59 14.45
C VAL A 1378 36.96 -2.18 13.97
N THR A 1379 37.05 -1.26 14.93
CA THR A 1379 37.41 0.12 14.66
C THR A 1379 38.48 0.53 15.68
N THR A 1380 39.62 0.97 15.17
CA THR A 1380 40.79 1.24 15.99
C THR A 1380 41.08 2.74 16.02
N GLN A 1381 41.68 3.20 17.12
CA GLN A 1381 41.89 4.63 17.32
C GLN A 1381 42.98 4.85 18.35
N GLY A 1382 44.05 5.53 17.96
CA GLY A 1382 45.15 5.83 18.86
C GLY A 1382 44.84 6.98 19.80
N VAL A 1383 45.90 7.49 20.43
CA VAL A 1383 45.80 8.63 21.33
C VAL A 1383 46.97 9.56 21.09
N LYS A 1384 46.75 10.85 21.34
CA LYS A 1384 47.82 11.84 21.32
C LYS A 1384 47.93 12.45 22.70
N SER A 1385 48.71 11.79 23.57
CA SER A 1385 49.08 12.38 24.85
C SER A 1385 50.29 13.29 24.67
N LEU A 1386 50.18 14.52 25.17
CA LEU A 1386 51.23 15.53 25.07
C LEU A 1386 51.36 15.87 23.57
N LEU A 1387 52.57 15.88 23.00
CA LEU A 1387 52.77 16.03 21.56
C LEU A 1387 53.15 14.72 20.89
N THR A 1388 53.14 13.62 21.65
CA THR A 1388 53.55 12.31 21.15
C THR A 1388 52.33 11.60 20.57
N SER A 1389 52.31 11.45 19.26
CA SER A 1389 51.26 10.68 18.60
C SER A 1389 51.53 9.20 18.80
N MET A 1390 50.49 8.46 19.18
CA MET A 1390 50.62 7.03 19.47
C MET A 1390 49.47 6.28 18.82
N TYR A 1391 49.78 5.40 17.88
CA TYR A 1391 48.79 4.57 17.24
C TYR A 1391 49.46 3.28 16.76
N VAL A 1392 48.62 2.33 16.34
CA VAL A 1392 49.08 1.03 15.84
C VAL A 1392 48.85 1.00 14.34
N LYS A 1393 49.91 0.68 13.58
CA LYS A 1393 49.81 0.74 12.13
C LYS A 1393 49.18 -0.52 11.54
N GLU A 1394 49.51 -1.69 12.10
CA GLU A 1394 49.01 -2.96 11.59
C GLU A 1394 48.69 -3.89 12.75
N PHE A 1395 47.67 -4.73 12.55
CA PHE A 1395 47.29 -5.69 13.58
C PHE A 1395 46.65 -6.92 12.93
N LEU A 1396 47.01 -8.09 13.45
CA LEU A 1396 46.31 -9.32 13.14
C LEU A 1396 45.16 -9.51 14.12
N ILE A 1397 44.25 -10.42 13.78
CA ILE A 1397 43.09 -10.70 14.61
C ILE A 1397 42.95 -12.21 14.77
N SER A 1398 42.61 -12.65 15.98
CA SER A 1398 42.34 -14.04 16.27
C SER A 1398 41.13 -14.15 17.18
N SER A 1399 40.42 -15.27 17.08
CA SER A 1399 39.16 -15.45 17.78
C SER A 1399 39.20 -16.70 18.65
N SER A 1400 38.20 -16.84 19.51
CA SER A 1400 38.10 -17.99 20.41
C SER A 1400 36.68 -18.11 20.93
N GLN A 1401 36.39 -19.28 21.50
CA GLN A 1401 35.13 -19.57 22.16
C GLN A 1401 35.28 -19.77 23.66
N ASP A 1402 36.50 -19.67 24.19
CA ASP A 1402 36.77 -20.11 25.55
C ASP A 1402 37.73 -19.17 26.28
N GLY A 1403 39.04 -19.40 26.16
CA GLY A 1403 40.02 -18.56 26.84
C GLY A 1403 41.44 -19.07 26.84
N HIS A 1404 41.77 -20.04 25.98
CA HIS A 1404 43.14 -20.52 25.85
C HIS A 1404 43.51 -20.84 24.40
N GLN A 1405 42.58 -21.45 23.65
CA GLN A 1405 42.83 -21.78 22.25
C GLN A 1405 42.39 -20.64 21.35
N TRP A 1406 43.19 -20.34 20.33
CA TRP A 1406 42.94 -19.22 19.44
C TRP A 1406 43.10 -19.65 18.00
N THR A 1407 42.20 -19.19 17.15
CA THR A 1407 42.25 -19.43 15.71
C THR A 1407 42.31 -18.08 15.01
N LEU A 1408 43.44 -17.79 14.37
CA LEU A 1408 43.65 -16.50 13.73
C LEU A 1408 42.66 -16.31 12.59
N PHE A 1409 42.47 -15.05 12.20
CA PHE A 1409 41.56 -14.69 11.12
C PHE A 1409 42.33 -14.79 9.81
N PHE A 1410 41.96 -15.77 8.99
CA PHE A 1410 42.62 -15.99 7.71
C PHE A 1410 41.80 -15.43 6.56
N GLN A 1411 42.43 -15.37 5.38
CA GLN A 1411 41.81 -14.84 4.18
C GLN A 1411 42.74 -15.09 3.00
N ASN A 1412 42.17 -15.54 1.89
CA ASN A 1412 42.86 -15.73 0.62
C ASN A 1412 43.94 -16.81 0.64
N GLY A 1413 44.58 -17.03 1.79
CA GLY A 1413 45.61 -18.04 1.88
C GLY A 1413 46.41 -17.96 3.16
N LYS A 1414 46.57 -16.75 3.69
CA LYS A 1414 47.28 -16.54 4.94
C LYS A 1414 46.41 -15.64 5.83
N VAL A 1415 47.04 -14.94 6.76
CA VAL A 1415 46.34 -14.17 7.78
C VAL A 1415 46.25 -12.72 7.35
N LYS A 1416 45.02 -12.18 7.36
CA LYS A 1416 44.77 -10.78 7.01
C LYS A 1416 45.47 -9.85 8.00
N VAL A 1417 46.48 -9.14 7.53
CA VAL A 1417 47.16 -8.13 8.35
C VAL A 1417 46.36 -6.85 8.22
N PHE A 1418 45.47 -6.61 9.18
CA PHE A 1418 44.60 -5.44 9.14
C PHE A 1418 45.43 -4.18 9.39
N GLN A 1419 45.51 -3.31 8.39
CA GLN A 1419 46.22 -2.06 8.54
C GLN A 1419 45.36 -1.06 9.31
N GLY A 1420 46.03 -0.22 10.11
CA GLY A 1420 45.36 0.59 11.09
C GLY A 1420 45.71 2.06 10.96
N ASN A 1421 45.62 2.74 12.11
CA ASN A 1421 45.63 4.19 12.15
C ASN A 1421 46.95 4.75 11.66
N GLN A 1422 46.89 5.97 11.12
CA GLN A 1422 48.07 6.77 10.82
C GLN A 1422 48.06 8.09 11.57
N ASP A 1423 47.12 8.26 12.50
CA ASP A 1423 47.08 9.42 13.37
C ASP A 1423 46.38 9.03 14.67
N SER A 1424 46.30 9.98 15.60
CA SER A 1424 45.65 9.70 16.87
C SER A 1424 44.13 9.74 16.75
N PHE A 1425 43.61 10.76 16.07
CA PHE A 1425 42.18 11.07 16.16
C PHE A 1425 41.31 10.13 15.33
N THR A 1426 41.44 10.20 14.01
CA THR A 1426 40.48 9.55 13.10
C THR A 1426 40.40 8.06 13.36
N PRO A 1427 39.22 7.53 13.71
CA PRO A 1427 39.07 6.07 13.79
C PRO A 1427 39.13 5.43 12.42
N VAL A 1428 39.41 4.13 12.41
CA VAL A 1428 39.56 3.36 11.18
C VAL A 1428 38.78 2.06 11.32
N VAL A 1429 37.79 1.87 10.46
CA VAL A 1429 37.01 0.64 10.42
C VAL A 1429 37.71 -0.34 9.49
N ASN A 1430 37.62 -1.63 9.84
CA ASN A 1430 38.15 -2.71 9.00
C ASN A 1430 37.10 -3.83 9.03
N SER A 1431 36.08 -3.71 8.19
CA SER A 1431 35.03 -4.69 8.17
C SER A 1431 35.56 -6.08 7.93
N LEU A 1432 35.36 -6.92 8.90
CA LEU A 1432 35.80 -8.30 8.79
C LEU A 1432 35.02 -9.01 7.70
N ASP A 1433 35.70 -9.88 6.97
CA ASP A 1433 35.05 -10.65 5.93
C ASP A 1433 35.83 -11.95 5.73
N PRO A 1434 35.25 -13.12 6.06
CA PRO A 1434 33.86 -13.30 6.52
C PRO A 1434 33.62 -12.91 7.97
N PRO A 1435 32.36 -12.67 8.34
CA PRO A 1435 32.04 -12.47 9.76
C PRO A 1435 32.29 -13.75 10.55
N LEU A 1436 32.57 -13.57 11.84
CA LEU A 1436 32.89 -14.68 12.73
C LEU A 1436 31.95 -14.68 13.93
N LEU A 1437 31.45 -15.87 14.27
CA LEU A 1437 30.69 -16.11 15.49
C LEU A 1437 31.67 -16.40 16.60
N THR A 1438 31.54 -15.70 17.74
CA THR A 1438 32.59 -15.83 18.75
C THR A 1438 32.05 -15.46 20.12
N ARG A 1439 32.91 -15.66 21.13
CA ARG A 1439 32.68 -15.25 22.52
C ARG A 1439 33.84 -14.47 23.12
N TYR A 1440 35.06 -14.62 22.63
CA TYR A 1440 36.23 -13.89 23.10
C TYR A 1440 37.07 -13.48 21.90
N LEU A 1441 37.48 -12.21 21.85
CA LEU A 1441 38.15 -11.65 20.68
C LEU A 1441 39.49 -11.06 21.08
N ARG A 1442 40.53 -11.37 20.31
CA ARG A 1442 41.88 -10.87 20.56
C ARG A 1442 42.38 -10.05 19.38
N ILE A 1443 43.27 -9.12 19.67
CA ILE A 1443 43.92 -8.26 18.69
C ILE A 1443 45.41 -8.23 18.99
N HIS A 1444 46.24 -8.50 17.98
CA HIS A 1444 47.69 -8.52 18.15
C HIS A 1444 48.35 -7.54 17.21
N PRO A 1445 49.16 -6.60 17.71
CA PRO A 1445 49.89 -5.70 16.82
C PRO A 1445 51.06 -6.38 16.15
N GLN A 1446 51.43 -5.85 14.99
CA GLN A 1446 52.65 -6.23 14.31
C GLN A 1446 53.57 -5.05 14.03
N SER A 1447 53.04 -3.83 14.06
CA SER A 1447 53.83 -2.61 13.88
C SER A 1447 52.99 -1.43 14.33
N TRP A 1448 53.66 -0.36 14.76
CA TRP A 1448 53.00 0.83 15.28
C TRP A 1448 53.86 2.07 15.08
N VAL A 1449 53.71 3.04 15.98
CA VAL A 1449 54.48 4.28 15.95
C VAL A 1449 54.74 4.69 17.39
N HIS A 1450 56.00 5.06 17.68
CA HIS A 1450 56.43 5.44 19.03
C HIS A 1450 56.18 4.30 20.00
N GLN A 1451 55.03 4.32 20.67
CA GLN A 1451 54.63 3.28 21.60
C GLN A 1451 53.24 2.78 21.24
N ILE A 1452 52.98 1.52 21.58
CA ILE A 1452 51.69 0.91 21.29
C ILE A 1452 50.62 1.59 22.15
N ALA A 1453 49.59 2.13 21.50
CA ALA A 1453 48.49 2.76 22.22
C ALA A 1453 47.25 2.70 21.35
N LEU A 1454 46.10 2.57 21.99
CA LEU A 1454 44.88 2.37 21.20
C LEU A 1454 43.64 2.56 22.06
N ARG A 1455 42.57 2.98 21.39
CA ARG A 1455 41.20 2.83 21.86
C ARG A 1455 40.41 2.17 20.76
N MET A 1456 39.40 1.38 21.11
CA MET A 1456 38.72 0.58 20.12
C MET A 1456 37.23 0.51 20.38
N GLU A 1457 36.50 0.04 19.37
CA GLU A 1457 35.09 -0.31 19.44
C GLU A 1457 34.84 -1.37 18.38
N VAL A 1458 34.04 -2.38 18.73
CA VAL A 1458 33.85 -3.54 17.87
C VAL A 1458 32.50 -3.44 17.19
N LEU A 1459 32.51 -3.35 15.86
CA LEU A 1459 31.29 -3.58 15.10
C LEU A 1459 30.89 -5.04 15.25
N GLY A 1460 29.67 -5.29 15.71
CA GLY A 1460 29.18 -6.63 15.88
C GLY A 1460 27.67 -6.72 15.81
N CYS A 1461 27.10 -7.72 16.46
CA CYS A 1461 25.65 -7.96 16.49
C CYS A 1461 25.39 -9.24 17.26
N GLU A 1462 24.19 -9.33 17.81
CA GLU A 1462 23.77 -10.49 18.58
C GLU A 1462 23.58 -11.70 17.66
N ALA A 1463 23.69 -12.89 18.28
CA ALA A 1463 23.55 -14.13 17.53
C ALA A 1463 23.32 -15.32 18.46
N GLN A 1464 24.01 -16.43 18.17
CA GLN A 1464 23.81 -17.72 18.83
C GLN A 1464 22.35 -18.15 18.80
N ILE B 2 26.06 18.19 -28.10
CA ILE B 2 24.78 17.58 -27.80
C ILE B 2 23.62 18.47 -28.30
N GLN B 3 22.92 17.99 -29.34
CA GLN B 3 21.93 18.77 -30.07
C GLN B 3 20.79 17.86 -30.49
N LEU B 4 19.67 18.46 -30.87
CA LEU B 4 18.54 17.73 -31.48
C LEU B 4 18.38 18.20 -32.92
N VAL B 5 18.81 17.37 -33.87
CA VAL B 5 18.76 17.72 -35.29
C VAL B 5 17.46 17.13 -35.85
N GLN B 6 16.47 18.00 -36.06
CA GLN B 6 15.21 17.59 -36.69
C GLN B 6 15.35 17.59 -38.21
N SER B 7 14.25 17.27 -38.88
CA SER B 7 14.19 17.32 -40.33
C SER B 7 13.51 18.60 -40.77
N GLY B 8 13.81 19.02 -42.00
CA GLY B 8 13.22 20.19 -42.57
C GLY B 8 11.74 20.01 -42.84
N PRO B 9 11.00 21.12 -42.92
CA PRO B 9 9.54 21.02 -43.06
C PRO B 9 9.09 20.39 -44.38
N GLU B 10 7.90 19.79 -44.34
CA GLU B 10 7.26 19.13 -45.47
C GLU B 10 6.13 20.01 -46.02
N LEU B 11 5.25 19.41 -46.83
CA LEU B 11 4.09 20.11 -47.41
C LEU B 11 3.05 19.09 -47.80
N LYS B 12 1.84 19.21 -47.28
CA LYS B 12 0.78 18.24 -47.51
C LYS B 12 -0.55 18.94 -47.76
N LYS B 13 -1.54 18.14 -48.20
CA LYS B 13 -2.91 18.50 -48.54
C LYS B 13 -3.89 18.01 -47.47
N PRO B 14 -5.04 18.71 -47.30
CA PRO B 14 -5.90 18.45 -46.13
C PRO B 14 -6.28 16.99 -45.88
N GLY B 15 -5.44 16.28 -45.11
CA GLY B 15 -5.78 14.94 -44.67
C GLY B 15 -4.95 13.84 -45.31
N GLU B 16 -3.70 13.69 -44.90
CA GLU B 16 -2.81 12.70 -45.52
C GLU B 16 -1.94 11.98 -44.49
N THR B 17 -0.74 11.57 -44.91
CA THR B 17 0.20 10.86 -44.06
C THR B 17 1.57 11.53 -44.19
N VAL B 18 2.14 11.92 -43.06
CA VAL B 18 3.39 12.70 -43.04
C VAL B 18 4.26 12.21 -41.88
N LYS B 19 5.53 11.91 -42.16
CA LYS B 19 6.45 11.36 -41.17
C LYS B 19 7.67 12.27 -41.02
N ILE B 20 7.95 12.70 -39.78
CA ILE B 20 9.08 13.56 -39.47
C ILE B 20 10.21 12.71 -38.90
N SER B 21 11.05 13.32 -38.06
CA SER B 21 12.17 12.62 -37.44
C SER B 21 12.75 13.53 -36.35
N CYS B 22 13.69 12.97 -35.59
CA CYS B 22 14.40 13.73 -34.56
C CYS B 22 15.65 12.97 -34.11
N LYS B 23 16.70 13.00 -34.93
CA LYS B 23 17.95 12.31 -34.62
C LYS B 23 18.56 12.86 -33.34
N ALA B 24 19.32 12.00 -32.64
CA ALA B 24 19.82 12.32 -31.31
C ALA B 24 21.02 13.25 -31.34
N SER B 25 21.80 13.24 -30.24
CA SER B 25 22.89 14.18 -30.05
C SER B 25 24.19 13.41 -30.00
N GLY B 26 24.61 12.96 -28.83
CA GLY B 26 25.81 12.17 -28.64
C GLY B 26 25.73 11.59 -27.25
N TYR B 27 24.65 10.87 -26.96
CA TYR B 27 24.42 10.26 -25.67
C TYR B 27 23.54 9.03 -25.87
N THR B 28 23.19 8.39 -24.76
CA THR B 28 22.30 7.23 -24.78
C THR B 28 20.87 7.74 -24.94
N PHE B 29 20.34 7.64 -26.16
CA PHE B 29 18.99 8.13 -26.42
C PHE B 29 17.93 7.26 -25.77
N THR B 30 18.16 5.94 -25.68
CA THR B 30 17.13 5.02 -25.23
C THR B 30 16.69 5.31 -23.80
N ASP B 31 17.59 5.80 -22.95
CA ASP B 31 17.23 6.03 -21.56
C ASP B 31 16.26 7.21 -21.41
N TYR B 32 16.42 8.23 -22.24
CA TYR B 32 15.73 9.49 -22.00
C TYR B 32 14.35 9.52 -22.64
N SER B 33 13.52 10.42 -22.13
CA SER B 33 12.15 10.62 -22.60
C SER B 33 12.14 11.64 -23.73
N MET B 34 10.96 12.04 -24.17
CA MET B 34 10.82 12.87 -25.37
C MET B 34 9.38 13.36 -25.48
N HIS B 35 9.22 14.63 -25.83
CA HIS B 35 7.92 15.22 -26.14
C HIS B 35 7.93 15.80 -27.55
N TRP B 36 6.72 15.99 -28.08
CA TRP B 36 6.49 16.83 -29.25
C TRP B 36 5.63 17.99 -28.83
N VAL B 37 5.85 19.13 -29.45
CA VAL B 37 5.20 20.37 -29.05
C VAL B 37 4.41 20.91 -30.23
N LYS B 38 3.34 21.64 -29.93
CA LYS B 38 2.63 22.41 -30.95
C LYS B 38 2.73 23.88 -30.59
N GLN B 39 3.06 24.69 -31.59
CA GLN B 39 3.23 26.14 -31.43
C GLN B 39 2.60 26.80 -32.65
N ALA B 40 1.38 27.31 -32.47
CA ALA B 40 0.66 27.97 -33.54
C ALA B 40 1.21 29.37 -33.78
N PRO B 41 0.91 29.97 -34.94
CA PRO B 41 1.37 31.34 -35.20
C PRO B 41 0.85 32.38 -34.20
N GLY B 42 0.20 31.93 -33.14
CA GLY B 42 -0.30 32.84 -32.12
C GLY B 42 -0.03 32.41 -30.69
N LYS B 43 -0.77 31.40 -30.22
CA LYS B 43 -0.72 30.99 -28.82
C LYS B 43 0.71 30.65 -28.41
N GLY B 44 0.99 30.84 -27.12
CA GLY B 44 2.31 30.59 -26.58
C GLY B 44 2.80 29.18 -26.81
N LEU B 45 2.13 28.21 -26.20
CA LEU B 45 2.48 26.81 -26.39
C LEU B 45 1.21 25.98 -26.28
N LYS B 46 1.21 24.86 -26.98
CA LYS B 46 0.26 23.80 -26.71
C LYS B 46 0.99 22.48 -26.76
N TRP B 47 0.80 21.68 -25.73
CA TRP B 47 1.49 20.40 -25.58
C TRP B 47 0.88 19.35 -26.49
N MET B 48 1.72 18.44 -26.99
CA MET B 48 1.25 17.34 -27.81
C MET B 48 1.25 16.01 -27.07
N GLY B 49 2.33 15.67 -26.38
CA GLY B 49 2.40 14.42 -25.63
C GLY B 49 3.85 14.08 -25.27
N TRP B 50 4.05 12.80 -24.93
CA TRP B 50 5.38 12.29 -24.67
C TRP B 50 5.40 10.79 -24.91
N ILE B 51 6.59 10.21 -24.82
CA ILE B 51 6.78 8.78 -25.04
C ILE B 51 7.95 8.27 -24.20
N ASN B 52 7.67 7.34 -23.30
CA ASN B 52 8.75 6.69 -22.56
C ASN B 52 9.51 5.77 -23.50
N THR B 53 10.57 6.31 -24.11
CA THR B 53 11.31 5.61 -25.15
C THR B 53 12.26 4.56 -24.61
N GLU B 54 12.03 4.03 -23.41
CA GLU B 54 12.80 2.88 -22.97
C GLU B 54 12.51 1.67 -23.86
N THR B 55 11.22 1.43 -24.16
CA THR B 55 10.82 0.42 -25.14
C THR B 55 9.62 0.86 -25.98
N GLY B 56 9.12 2.08 -25.81
CA GLY B 56 8.06 2.58 -26.65
C GLY B 56 6.66 2.38 -26.10
N GLU B 57 6.19 3.34 -25.31
CA GLU B 57 4.80 3.33 -24.82
C GLU B 57 4.37 4.77 -24.64
N PRO B 58 3.86 5.40 -25.70
CA PRO B 58 3.57 6.83 -25.68
C PRO B 58 2.24 7.13 -24.99
N THR B 59 1.91 8.42 -24.94
CA THR B 59 0.64 8.93 -24.42
C THR B 59 0.21 10.11 -25.27
N TYR B 60 -0.91 10.73 -24.91
CA TYR B 60 -1.49 11.82 -25.70
C TYR B 60 -2.00 12.93 -24.80
N ALA B 61 -2.27 14.07 -25.42
CA ALA B 61 -2.97 15.18 -24.78
C ALA B 61 -4.44 15.13 -25.15
N ASP B 62 -5.20 16.10 -24.64
CA ASP B 62 -6.65 16.08 -24.77
C ASP B 62 -7.13 16.82 -26.03
N ASP B 63 -6.59 18.02 -26.27
CA ASP B 63 -7.01 18.80 -27.43
C ASP B 63 -6.84 18.01 -28.73
N PHE B 64 -5.81 17.17 -28.78
CA PHE B 64 -5.41 16.47 -29.99
C PHE B 64 -5.74 14.99 -29.82
N LYS B 65 -6.65 14.48 -30.66
CA LYS B 65 -7.10 13.11 -30.55
C LYS B 65 -7.61 12.63 -31.90
N GLY B 66 -7.18 11.42 -32.29
CA GLY B 66 -7.74 10.72 -33.42
C GLY B 66 -6.99 10.88 -34.73
N ARG B 67 -6.04 11.80 -34.82
CA ARG B 67 -5.40 12.10 -36.09
C ARG B 67 -3.93 12.47 -35.88
N PHE B 68 -3.20 11.66 -35.11
CA PHE B 68 -1.77 11.90 -34.89
C PHE B 68 -1.09 10.53 -34.74
N ALA B 69 0.21 10.56 -34.43
CA ALA B 69 0.97 9.33 -34.15
C ALA B 69 2.36 9.67 -33.63
N PHE B 70 2.93 8.73 -32.88
CA PHE B 70 4.30 8.84 -32.36
C PHE B 70 4.95 7.46 -32.44
N SER B 71 5.98 7.32 -33.28
CA SER B 71 6.64 6.04 -33.49
C SER B 71 8.09 6.10 -32.97
N LEU B 72 8.92 5.16 -33.43
CA LEU B 72 10.28 5.03 -32.93
C LEU B 72 11.19 4.45 -34.00
N GLU B 73 12.48 4.75 -33.87
CA GLU B 73 13.55 4.12 -34.64
C GLU B 73 14.77 4.05 -33.71
N THR B 74 14.94 2.91 -33.04
CA THR B 74 16.04 2.74 -32.10
C THR B 74 17.40 2.84 -32.79
N SER B 75 17.48 2.36 -34.03
CA SER B 75 18.71 2.36 -34.82
C SER B 75 19.39 3.73 -34.83
N ALA B 76 18.77 4.70 -35.51
CA ALA B 76 19.33 6.04 -35.64
C ALA B 76 18.95 6.96 -34.49
N SER B 77 18.35 6.43 -33.43
CA SER B 77 17.91 7.20 -32.27
C SER B 77 17.04 8.38 -32.70
N SER B 78 15.78 8.11 -33.02
CA SER B 78 14.89 9.15 -33.54
C SER B 78 13.45 8.81 -33.18
N ALA B 79 12.62 9.85 -33.09
CA ALA B 79 11.18 9.71 -32.88
C ALA B 79 10.44 10.38 -34.03
N TYR B 80 9.22 9.93 -34.27
CA TYR B 80 8.45 10.33 -35.45
C TYR B 80 7.10 10.90 -35.03
N LEU B 81 6.42 11.52 -36.00
CA LEU B 81 5.09 12.10 -35.80
C LEU B 81 4.31 11.91 -37.11
N GLN B 82 3.53 10.83 -37.17
CA GLN B 82 2.86 10.40 -38.40
C GLN B 82 1.41 10.83 -38.35
N ILE B 83 1.13 12.02 -38.88
CA ILE B 83 -0.19 12.64 -38.74
C ILE B 83 -1.09 12.19 -39.88
N ASN B 84 -2.18 11.51 -39.54
CA ASN B 84 -3.22 11.12 -40.49
C ASN B 84 -4.40 12.07 -40.38
N ASN B 85 -5.25 12.03 -41.41
CA ASN B 85 -6.48 12.82 -41.46
C ASN B 85 -6.20 14.29 -41.14
N LEU B 86 -5.04 14.77 -41.61
CA LEU B 86 -4.56 16.13 -41.38
C LEU B 86 -5.61 17.20 -41.72
N LYS B 87 -6.37 17.64 -40.73
CA LYS B 87 -7.30 18.74 -40.95
C LYS B 87 -6.53 20.03 -41.25
N ASN B 88 -7.28 21.07 -41.59
CA ASN B 88 -6.66 22.27 -42.16
C ASN B 88 -5.87 23.05 -41.13
N GLU B 89 -6.38 23.18 -39.90
CA GLU B 89 -5.73 23.99 -38.88
C GLU B 89 -4.58 23.28 -38.17
N ASP B 90 -4.07 22.19 -38.73
CA ASP B 90 -2.85 21.55 -38.21
C ASP B 90 -1.63 22.36 -38.59
N THR B 91 -1.83 23.64 -38.90
CA THR B 91 -0.78 24.54 -39.39
C THR B 91 -0.08 25.18 -38.21
N ALA B 92 1.00 24.55 -37.76
CA ALA B 92 1.76 25.03 -36.62
C ALA B 92 3.12 24.33 -36.61
N THR B 93 4.04 24.90 -35.83
CA THR B 93 5.40 24.39 -35.72
C THR B 93 5.46 23.27 -34.68
N TYR B 94 5.93 22.10 -35.08
CA TYR B 94 6.05 20.94 -34.19
C TYR B 94 7.51 20.74 -33.78
N PHE B 95 7.72 20.46 -32.49
CA PHE B 95 9.07 20.46 -31.93
C PHE B 95 9.49 19.14 -31.32
N CYS B 96 10.48 19.18 -30.43
CA CYS B 96 11.11 17.98 -29.88
C CYS B 96 11.70 18.35 -28.52
N ALA B 97 11.56 17.46 -27.54
CA ALA B 97 11.95 17.79 -26.15
C ALA B 97 12.75 16.63 -25.57
N ARG B 98 12.87 16.57 -24.23
CA ARG B 98 13.74 15.58 -23.59
C ARG B 98 13.33 15.23 -22.17
N CYS B 99 13.29 16.23 -21.27
CA CYS B 99 12.79 16.11 -19.90
C CYS B 99 13.85 15.60 -18.92
N GLY B 100 14.90 14.98 -19.42
CA GLY B 100 15.86 14.29 -18.58
C GLY B 100 15.56 12.81 -18.49
N ASN B 101 16.21 12.16 -17.52
CA ASN B 101 16.03 10.72 -17.34
C ASN B 101 15.20 10.36 -16.11
N TYR B 102 15.12 11.23 -15.10
CA TYR B 102 14.28 10.92 -13.94
C TYR B 102 13.42 12.11 -13.50
N VAL B 103 13.32 12.28 -12.18
CA VAL B 103 12.23 12.96 -11.49
C VAL B 103 11.75 14.23 -12.19
N ASP B 104 10.43 14.46 -12.11
CA ASP B 104 9.68 15.49 -12.82
C ASP B 104 10.19 15.75 -14.23
N TYR B 105 9.49 15.21 -15.21
CA TYR B 105 9.82 15.40 -16.61
C TYR B 105 9.63 16.88 -16.98
N ALA B 106 10.69 17.50 -17.50
CA ALA B 106 10.60 18.87 -17.96
C ALA B 106 10.97 18.96 -19.43
N ILE B 107 11.80 19.96 -19.79
CA ILE B 107 12.35 20.10 -21.13
C ILE B 107 13.85 20.31 -20.97
N ASP B 108 14.62 19.82 -21.95
CA ASP B 108 16.05 20.12 -22.02
C ASP B 108 16.40 20.89 -23.29
N TYR B 109 16.35 20.26 -24.46
CA TYR B 109 16.70 20.92 -25.71
C TYR B 109 15.50 20.98 -26.65
N TRP B 110 15.70 21.63 -27.79
CA TRP B 110 14.67 21.78 -28.82
C TRP B 110 15.33 21.55 -30.18
N GLY B 111 14.72 22.08 -31.23
CA GLY B 111 15.28 21.94 -32.56
C GLY B 111 14.54 22.82 -33.55
N GLN B 112 14.75 22.53 -34.84
CA GLN B 112 14.05 23.25 -35.90
C GLN B 112 12.69 22.60 -36.15
N GLY B 113 11.85 23.32 -36.90
CA GLY B 113 10.42 23.03 -36.95
C GLY B 113 9.97 22.30 -38.21
N THR B 114 8.67 22.44 -38.52
CA THR B 114 7.96 21.81 -39.63
C THR B 114 6.48 22.23 -39.62
N SER B 115 5.94 22.66 -40.77
CA SER B 115 4.55 23.14 -40.85
C SER B 115 4.11 23.48 -42.27
N VAL B 116 3.23 22.72 -42.86
CA VAL B 116 2.86 22.97 -44.23
C VAL B 116 1.57 22.33 -44.10
N THR B 117 0.57 23.12 -43.73
CA THR B 117 -0.74 22.61 -43.44
C THR B 117 -1.62 22.20 -44.60
N VAL B 118 -2.90 22.46 -44.44
CA VAL B 118 -3.57 23.46 -45.22
C VAL B 118 -2.58 24.15 -46.16
N SER B 119 -2.50 23.59 -47.36
CA SER B 119 -1.65 24.03 -48.42
C SER B 119 -2.60 23.66 -49.50
N SER B 120 -2.52 24.65 -50.39
CA SER B 120 -3.13 24.71 -51.69
C SER B 120 -2.01 24.68 -52.81
N ALA B 121 -1.14 25.70 -52.90
CA ALA B 121 -0.54 26.19 -54.19
C ALA B 121 0.66 25.47 -54.86
N LYS B 122 1.58 26.21 -55.52
CA LYS B 122 2.72 25.63 -56.21
C LYS B 122 3.91 25.50 -55.27
N THR B 123 5.12 25.71 -55.80
CA THR B 123 6.37 25.59 -55.05
C THR B 123 7.41 26.58 -55.56
N THR B 124 8.07 26.23 -56.67
CA THR B 124 8.82 27.16 -57.51
C THR B 124 10.13 27.63 -56.87
N ALA B 125 11.03 28.15 -57.71
CA ALA B 125 12.26 28.86 -57.41
C ALA B 125 11.98 30.36 -57.32
N PRO B 126 12.87 31.14 -56.67
CA PRO B 126 12.59 32.57 -56.49
C PRO B 126 12.78 33.39 -57.76
N SER B 127 13.02 34.69 -57.59
CA SER B 127 13.30 35.61 -58.70
C SER B 127 14.15 36.75 -58.13
N VAL B 128 15.46 36.57 -58.18
CA VAL B 128 16.40 37.48 -57.53
C VAL B 128 16.51 38.76 -58.35
N TYR B 129 16.14 39.88 -57.75
CA TYR B 129 16.22 41.19 -58.38
C TYR B 129 17.20 42.07 -57.62
N PRO B 130 18.39 42.34 -58.15
CA PRO B 130 19.31 43.24 -57.45
C PRO B 130 18.80 44.67 -57.46
N LEU B 131 19.22 45.44 -56.46
CA LEU B 131 18.70 46.79 -56.25
C LEU B 131 19.73 47.84 -56.68
N ALA B 132 19.27 49.09 -56.70
CA ALA B 132 20.03 50.21 -57.21
C ALA B 132 19.85 51.40 -56.28
N PRO B 133 20.75 52.39 -56.36
CA PRO B 133 20.60 53.57 -55.49
C PRO B 133 19.93 54.74 -56.19
N VAL B 134 19.54 55.75 -55.43
CA VAL B 134 19.04 57.00 -56.01
C VAL B 134 20.24 57.87 -56.33
N CYS B 135 20.71 57.79 -57.57
CA CYS B 135 21.78 58.64 -58.09
C CYS B 135 23.08 58.48 -57.30
N THR B 138 24.41 59.93 -54.30
CA THR B 138 25.22 61.13 -54.45
C THR B 138 25.32 61.90 -53.15
N THR B 139 24.58 61.45 -52.14
CA THR B 139 24.40 62.19 -50.90
C THR B 139 24.96 61.41 -49.72
N GLY B 140 25.90 62.02 -49.00
CA GLY B 140 26.29 61.54 -47.69
C GLY B 140 27.22 60.34 -47.70
N SER B 141 27.28 59.68 -46.55
CA SER B 141 28.11 58.50 -46.33
C SER B 141 27.37 57.50 -45.45
N SER B 142 26.09 57.31 -45.70
CA SER B 142 25.25 56.40 -44.92
C SER B 142 24.21 55.77 -45.86
N VAL B 143 24.67 55.10 -46.91
CA VAL B 143 23.78 54.54 -47.91
C VAL B 143 23.23 53.21 -47.40
N THR B 144 22.03 52.86 -47.87
CA THR B 144 21.37 51.62 -47.51
C THR B 144 21.16 50.78 -48.77
N LEU B 145 21.22 49.47 -48.61
CA LEU B 145 21.24 48.55 -49.73
C LEU B 145 20.34 47.36 -49.40
N GLY B 146 19.85 46.69 -50.45
CA GLY B 146 18.95 45.57 -50.27
C GLY B 146 19.07 44.45 -51.29
N CYS B 147 18.14 43.50 -51.23
CA CYS B 147 18.10 42.37 -52.14
C CYS B 147 16.67 41.84 -52.24
N LEU B 148 15.79 42.62 -52.86
CA LEU B 148 14.39 42.27 -52.99
C LEU B 148 14.23 41.04 -53.87
N VAL B 149 13.69 39.97 -53.30
CA VAL B 149 13.34 38.77 -54.06
C VAL B 149 11.84 38.53 -53.87
N LYS B 150 11.15 38.28 -54.98
CA LYS B 150 9.69 38.20 -54.99
C LYS B 150 9.27 37.19 -56.05
N GLY B 151 8.62 36.12 -55.61
CA GLY B 151 8.19 35.09 -56.52
C GLY B 151 8.64 33.70 -56.11
N TYR B 152 8.15 33.22 -54.97
CA TYR B 152 8.60 31.94 -54.45
C TYR B 152 7.61 31.44 -53.40
N PHE B 153 7.54 30.11 -53.26
CA PHE B 153 6.70 29.45 -52.27
C PHE B 153 7.56 28.39 -51.58
N PRO B 154 6.99 27.48 -50.72
CA PRO B 154 7.73 27.01 -49.54
C PRO B 154 8.90 27.88 -49.08
N GLU B 155 8.63 28.78 -48.14
CA GLU B 155 9.68 29.63 -47.61
C GLU B 155 10.70 28.79 -46.83
N PRO B 156 11.97 29.23 -46.79
CA PRO B 156 12.52 30.42 -47.44
C PRO B 156 13.62 30.14 -48.46
N VAL B 157 14.74 30.83 -48.28
CA VAL B 157 15.93 30.67 -49.10
C VAL B 157 17.13 31.02 -48.25
N THR B 158 18.28 30.45 -48.59
CA THR B 158 19.52 30.83 -47.93
C THR B 158 19.84 32.28 -48.26
N LEU B 159 19.30 33.21 -47.48
CA LEU B 159 19.35 34.64 -47.78
C LEU B 159 20.35 35.32 -46.85
N THR B 160 21.51 35.66 -47.41
CA THR B 160 22.53 36.45 -46.72
C THR B 160 23.37 37.20 -47.74
N TRP B 161 24.62 37.52 -47.41
CA TRP B 161 25.48 38.31 -48.30
C TRP B 161 26.84 37.63 -48.40
N ASN B 162 27.17 37.15 -49.60
CA ASN B 162 28.41 36.42 -49.86
C ASN B 162 28.52 35.16 -49.01
N SER B 163 27.38 34.61 -48.61
CA SER B 163 27.27 33.32 -47.92
C SER B 163 28.01 33.34 -46.58
N GLY B 164 27.40 34.05 -45.63
CA GLY B 164 27.85 34.04 -44.25
C GLY B 164 29.18 34.71 -43.98
N SER B 165 29.48 35.82 -44.66
CA SER B 165 30.71 36.55 -44.43
C SER B 165 30.42 37.98 -44.00
N LEU B 166 31.09 38.96 -44.64
CA LEU B 166 30.93 40.38 -44.30
C LEU B 166 29.47 40.79 -44.26
N SER B 167 28.89 40.90 -43.07
CA SER B 167 27.46 41.21 -42.94
C SER B 167 27.19 41.75 -41.55
N SER B 168 26.60 42.94 -41.47
CA SER B 168 26.23 43.54 -40.19
C SER B 168 25.22 44.64 -40.44
N GLY B 169 24.42 44.92 -39.41
CA GLY B 169 23.39 45.95 -39.50
C GLY B 169 22.27 45.63 -40.46
N VAL B 170 21.78 44.39 -40.43
CA VAL B 170 20.76 43.92 -41.38
C VAL B 170 19.41 43.83 -40.68
N HIS B 171 18.34 43.94 -41.47
CA HIS B 171 16.96 43.81 -40.99
C HIS B 171 16.19 42.97 -42.01
N THR B 172 16.34 41.65 -41.93
CA THR B 172 15.61 40.75 -42.82
C THR B 172 14.14 40.73 -42.40
N PHE B 173 13.23 41.03 -43.37
CA PHE B 173 11.86 41.35 -43.02
C PHE B 173 10.96 40.12 -43.13
N PRO B 174 9.90 40.08 -42.30
CA PRO B 174 8.89 39.03 -42.46
C PRO B 174 8.25 39.11 -43.84
N ALA B 175 8.11 37.94 -44.46
CA ALA B 175 7.53 37.83 -45.81
C ALA B 175 6.01 37.73 -45.69
N VAL B 176 5.33 38.86 -45.81
CA VAL B 176 3.87 38.86 -45.78
C VAL B 176 3.35 38.05 -46.96
N LEU B 177 2.41 37.14 -46.67
CA LEU B 177 1.80 36.34 -47.71
C LEU B 177 0.94 37.21 -48.62
N GLN B 178 1.16 37.10 -49.94
CA GLN B 178 0.42 37.93 -50.90
C GLN B 178 0.63 37.31 -52.28
N SER B 179 -0.37 36.59 -52.77
CA SER B 179 -1.57 36.27 -52.00
C SER B 179 -1.59 34.77 -51.75
N ASP B 180 -1.12 34.03 -52.76
CA ASP B 180 -0.85 32.60 -52.65
C ASP B 180 0.63 32.33 -52.91
N LEU B 181 1.48 33.28 -52.54
CA LEU B 181 2.92 33.20 -52.74
C LEU B 181 3.63 34.26 -51.90
N TYR B 182 4.70 33.87 -51.23
CA TYR B 182 5.35 34.73 -50.25
C TYR B 182 6.15 35.84 -50.95
N THR B 183 6.54 36.85 -50.17
CA THR B 183 7.27 37.99 -50.69
C THR B 183 7.97 38.69 -49.52
N LEU B 184 9.29 38.70 -49.51
CA LEU B 184 10.08 39.35 -48.47
C LEU B 184 10.97 40.42 -49.09
N SER B 185 11.81 41.04 -48.24
CA SER B 185 12.84 41.95 -48.67
C SER B 185 14.00 41.88 -47.68
N SER B 186 15.17 42.37 -48.11
CA SER B 186 16.38 42.38 -47.31
C SER B 186 16.67 43.82 -46.84
N SER B 187 17.83 44.01 -46.20
CA SER B 187 18.25 45.32 -45.74
C SER B 187 19.67 45.27 -45.22
N VAL B 188 20.42 46.34 -45.45
CA VAL B 188 21.75 46.52 -44.86
C VAL B 188 22.14 47.97 -45.08
N THR B 189 23.04 48.47 -44.23
CA THR B 189 23.49 49.84 -44.30
C THR B 189 25.01 49.87 -44.32
N VAL B 190 25.58 50.64 -45.24
CA VAL B 190 27.04 50.77 -45.37
C VAL B 190 27.39 52.24 -45.63
N THR B 191 28.61 52.61 -45.28
CA THR B 191 29.07 53.98 -45.43
C THR B 191 29.76 54.18 -46.78
N SER B 192 29.88 55.44 -47.19
CA SER B 192 30.43 55.78 -48.51
C SER B 192 31.90 55.40 -48.61
N SER B 193 32.19 54.12 -48.45
CA SER B 193 33.54 53.58 -48.56
C SER B 193 33.48 52.06 -48.46
N THR B 194 32.57 51.45 -49.23
CA THR B 194 32.36 50.00 -49.15
C THR B 194 31.90 49.43 -50.49
N TRP B 195 31.04 50.16 -51.19
CA TRP B 195 30.40 49.65 -52.40
C TRP B 195 30.29 50.77 -53.43
N PRO B 196 30.45 50.44 -54.74
CA PRO B 196 30.69 49.11 -55.31
C PRO B 196 32.16 48.69 -55.38
N SER B 197 32.84 48.73 -54.24
CA SER B 197 34.22 48.24 -54.15
C SER B 197 34.24 46.83 -53.60
N GLN B 198 33.86 46.66 -52.33
CA GLN B 198 33.64 45.33 -51.79
C GLN B 198 32.44 44.72 -52.51
N SER B 199 32.71 43.75 -53.39
CA SER B 199 31.69 43.20 -54.27
C SER B 199 30.58 42.49 -53.50
N ILE B 200 29.54 43.24 -53.13
CA ILE B 200 28.39 42.64 -52.47
C ILE B 200 27.60 41.84 -53.51
N THR B 201 27.53 40.53 -53.29
CA THR B 201 26.72 39.64 -54.13
C THR B 201 25.71 38.95 -53.22
N CYS B 202 24.43 39.25 -53.44
CA CYS B 202 23.38 38.54 -52.73
C CYS B 202 23.38 37.07 -53.16
N ASN B 203 22.81 36.22 -52.31
CA ASN B 203 22.63 34.81 -52.65
C ASN B 203 21.26 34.35 -52.18
N VAL B 204 20.54 33.65 -53.05
CA VAL B 204 19.17 33.21 -52.80
C VAL B 204 19.10 31.78 -53.34
N ALA B 205 19.32 30.80 -52.46
CA ALA B 205 19.31 29.39 -52.83
C ALA B 205 18.07 28.73 -52.24
N HIS B 206 17.23 28.21 -53.11
CA HIS B 206 15.99 27.58 -52.67
C HIS B 206 16.27 26.22 -52.05
N PRO B 207 15.43 25.79 -51.10
CA PRO B 207 15.65 24.49 -50.45
C PRO B 207 14.83 23.35 -51.05
N ALA B 208 13.56 23.60 -51.38
CA ALA B 208 12.69 22.56 -51.92
C ALA B 208 13.01 22.21 -53.36
N SER B 209 13.77 23.05 -54.07
CA SER B 209 14.14 22.81 -55.46
C SER B 209 15.66 22.83 -55.68
N SER B 210 16.45 22.93 -54.62
CA SER B 210 17.92 23.00 -54.66
C SER B 210 18.40 24.14 -55.55
N THR B 211 17.49 25.03 -55.94
CA THR B 211 17.85 26.18 -56.76
C THR B 211 18.85 27.05 -56.01
N LYS B 212 19.71 27.74 -56.76
CA LYS B 212 20.68 28.67 -56.19
C LYS B 212 20.86 29.80 -57.18
N VAL B 213 20.45 31.01 -56.78
CA VAL B 213 20.45 32.18 -57.65
C VAL B 213 21.16 33.30 -56.91
N ASP B 214 22.38 33.64 -57.35
CA ASP B 214 23.17 34.72 -56.77
C ASP B 214 23.32 35.83 -57.82
N LYS B 215 22.68 36.97 -57.57
CA LYS B 215 22.74 38.12 -58.47
C LYS B 215 23.36 39.29 -57.72
N LYS B 216 24.55 39.72 -58.17
CA LYS B 216 25.30 40.77 -57.50
C LYS B 216 24.63 42.13 -57.68
N ILE B 217 25.22 43.15 -57.04
CA ILE B 217 24.66 44.49 -56.99
C ILE B 217 25.61 45.45 -57.71
N GLU B 218 25.03 46.46 -58.37
CA GLU B 218 25.75 47.45 -59.17
C GLU B 218 24.81 48.58 -59.58
N PRO B 219 25.28 49.82 -59.60
CA PRO B 219 24.40 50.95 -59.93
C PRO B 219 24.20 51.10 -61.44
N ARG B 220 23.24 51.97 -61.78
CA ARG B 220 22.91 52.24 -63.18
C ARG B 220 23.60 53.53 -63.66
N GLU C 1 -6.75 20.55 -18.42
CA GLU C 1 -7.59 21.06 -17.35
C GLU C 1 -6.76 21.86 -16.35
N ASN C 2 -5.46 21.63 -16.36
CA ASN C 2 -4.51 22.36 -15.52
C ASN C 2 -4.16 23.66 -16.23
N VAL C 3 -4.78 24.75 -15.80
CA VAL C 3 -4.73 26.03 -16.53
C VAL C 3 -3.76 26.97 -15.83
N LEU C 4 -2.88 27.59 -16.60
CA LEU C 4 -1.95 28.61 -16.11
C LEU C 4 -2.27 29.92 -16.81
N THR C 5 -2.47 30.98 -16.03
CA THR C 5 -2.74 32.31 -16.56
C THR C 5 -1.52 33.18 -16.34
N GLN C 6 -1.07 33.85 -17.39
CA GLN C 6 0.13 34.67 -17.36
C GLN C 6 -0.26 36.12 -17.11
N SER C 7 0.39 36.76 -16.13
CA SER C 7 0.06 38.12 -15.72
C SER C 7 1.35 38.93 -15.58
N PRO C 8 1.49 40.07 -16.28
CA PRO C 8 0.54 40.64 -17.23
C PRO C 8 0.66 40.04 -18.63
N ALA C 9 0.20 40.76 -19.64
CA ALA C 9 0.26 40.27 -21.03
C ALA C 9 1.57 40.70 -21.67
N ILE C 10 1.73 42.00 -21.89
CA ILE C 10 2.97 42.60 -22.38
C ILE C 10 3.13 43.96 -21.72
N MET C 11 4.27 44.22 -21.09
CA MET C 11 4.48 45.45 -20.34
C MET C 11 5.53 46.33 -21.00
N SER C 12 5.42 47.63 -20.75
CA SER C 12 6.37 48.62 -21.25
C SER C 12 7.45 48.81 -20.19
N ALA C 13 8.62 48.22 -20.43
CA ALA C 13 9.68 48.19 -19.42
C ALA C 13 10.53 49.45 -19.42
N SER C 14 11.82 49.30 -19.09
CA SER C 14 12.78 50.38 -19.02
C SER C 14 14.17 49.78 -18.80
N LEU C 15 15.16 50.33 -19.51
CA LEU C 15 16.52 49.80 -19.44
C LEU C 15 17.12 49.91 -18.05
N GLY C 16 16.65 49.07 -17.11
CA GLY C 16 17.17 49.05 -15.76
C GLY C 16 16.11 49.34 -14.71
N GLU C 17 15.01 48.59 -14.74
CA GLU C 17 13.87 48.85 -13.88
C GLU C 17 13.40 47.53 -13.29
N LYS C 18 13.24 47.49 -11.96
CA LYS C 18 12.79 46.28 -11.29
C LYS C 18 11.40 45.88 -11.77
N VAL C 19 11.33 44.89 -12.67
CA VAL C 19 10.08 44.47 -13.27
C VAL C 19 9.88 42.98 -13.01
N THR C 20 8.65 42.62 -12.69
CA THR C 20 8.28 41.24 -12.39
C THR C 20 7.01 40.89 -13.17
N MET C 21 6.86 39.60 -13.46
CA MET C 21 5.67 39.09 -14.11
C MET C 21 5.23 37.82 -13.40
N SER C 22 3.95 37.77 -13.01
CA SER C 22 3.44 36.60 -12.33
C SER C 22 3.03 35.53 -13.35
N CYS C 23 2.51 34.42 -12.85
CA CYS C 23 1.93 33.36 -13.67
C CYS C 23 1.03 32.52 -12.77
N ARG C 24 -0.12 33.07 -12.39
CA ARG C 24 -1.01 32.38 -11.47
C ARG C 24 -1.86 31.35 -12.21
N ALA C 25 -2.14 30.26 -11.51
CA ALA C 25 -2.77 29.08 -12.11
C ALA C 25 -3.88 28.56 -11.22
N THR C 26 -4.98 28.14 -11.84
CA THR C 26 -6.10 27.56 -11.10
C THR C 26 -5.63 26.38 -10.27
N SER C 27 -5.16 25.34 -10.95
CA SER C 27 -4.57 24.20 -10.26
C SER C 27 -3.21 24.56 -9.69
N SER C 28 -3.01 24.28 -8.41
CA SER C 28 -1.81 24.69 -7.70
C SER C 28 -0.71 23.64 -7.84
N VAL C 29 0.52 24.11 -8.03
CA VAL C 29 1.66 23.24 -8.30
C VAL C 29 2.75 23.49 -7.25
N ASN C 30 3.73 22.59 -7.24
CA ASN C 30 4.85 22.61 -6.33
C ASN C 30 6.12 23.20 -6.94
N TYR C 31 6.47 22.78 -8.16
CA TYR C 31 7.65 23.25 -8.85
C TYR C 31 7.27 23.87 -10.19
N MET C 32 7.96 24.95 -10.52
CA MET C 32 7.63 25.81 -11.67
C MET C 32 8.85 25.92 -12.58
N TYR C 33 8.59 26.22 -13.85
CA TYR C 33 9.66 26.39 -14.82
C TYR C 33 9.28 27.49 -15.81
N TRP C 34 10.28 28.14 -16.38
CA TRP C 34 10.08 29.21 -17.36
C TRP C 34 10.94 28.98 -18.59
N TYR C 35 10.51 29.57 -19.72
CA TYR C 35 11.22 29.47 -20.98
C TYR C 35 11.13 30.80 -21.73
N GLN C 36 12.21 31.11 -22.45
CA GLN C 36 12.28 32.32 -23.28
C GLN C 36 12.36 31.94 -24.75
N GLN C 37 11.46 32.50 -25.55
CA GLN C 37 11.50 32.38 -27.00
C GLN C 37 12.02 33.70 -27.57
N LYS C 38 13.22 33.67 -28.13
CA LYS C 38 13.88 34.88 -28.63
C LYS C 38 13.38 35.14 -30.05
N SER C 39 12.19 35.74 -30.11
CA SER C 39 11.53 36.09 -31.38
C SER C 39 11.40 34.86 -32.29
N ASP C 40 10.51 33.96 -31.85
CA ASP C 40 10.12 32.76 -32.60
C ASP C 40 11.26 31.78 -32.81
N ALA C 41 12.29 31.84 -31.95
CA ALA C 41 13.41 30.92 -32.06
C ALA C 41 12.99 29.54 -31.54
N SER C 42 13.93 28.60 -31.60
CA SER C 42 13.79 27.36 -30.85
C SER C 42 13.91 27.70 -29.38
N PRO C 43 12.87 27.49 -28.58
CA PRO C 43 12.83 28.02 -27.21
C PRO C 43 14.00 27.52 -26.37
N LYS C 44 14.13 28.13 -25.18
CA LYS C 44 15.28 27.94 -24.32
C LYS C 44 14.83 27.83 -22.87
N LEU C 45 15.56 27.00 -22.10
CA LEU C 45 15.34 26.87 -20.67
C LEU C 45 16.02 28.03 -19.94
N TRP C 46 15.29 28.70 -19.05
CA TRP C 46 15.86 29.86 -18.35
C TRP C 46 15.83 29.70 -16.85
N ILE C 47 14.66 29.45 -16.26
CA ILE C 47 14.54 29.16 -14.83
C ILE C 47 14.01 27.74 -14.70
N PHE C 48 14.64 26.96 -13.82
CA PHE C 48 14.21 25.59 -13.55
C PHE C 48 14.25 25.33 -12.06
N PHE C 49 13.22 24.61 -11.58
CA PHE C 49 12.96 24.44 -10.15
C PHE C 49 12.73 25.77 -9.45
N THR C 50 11.53 26.33 -9.66
CA THR C 50 11.01 27.47 -8.90
C THR C 50 11.80 28.75 -9.11
N SER C 51 13.10 28.75 -8.80
CA SER C 51 13.83 30.02 -8.74
C SER C 51 15.24 29.99 -9.31
N SER C 52 15.97 28.89 -9.26
CA SER C 52 17.37 28.91 -9.68
C SER C 52 17.48 29.12 -11.18
N LEU C 53 18.62 29.67 -11.59
CA LEU C 53 18.88 30.03 -12.98
C LEU C 53 19.71 28.95 -13.68
N ALA C 54 19.47 28.81 -14.99
CA ALA C 54 20.17 27.83 -15.79
C ALA C 54 21.59 28.29 -16.07
N PRO C 55 22.45 27.39 -16.57
CA PRO C 55 23.76 27.84 -17.06
C PRO C 55 23.61 28.64 -18.35
N GLY C 56 23.96 29.91 -18.30
CA GLY C 56 23.94 30.75 -19.48
C GLY C 56 22.87 31.81 -19.48
N VAL C 57 22.73 32.53 -18.37
CA VAL C 57 21.73 33.59 -18.25
C VAL C 57 22.34 34.75 -17.47
N PRO C 58 22.29 35.98 -17.99
CA PRO C 58 22.75 37.13 -17.20
C PRO C 58 22.07 37.18 -15.84
N ALA C 59 22.89 37.31 -14.79
CA ALA C 59 22.41 37.16 -13.42
C ALA C 59 21.34 38.18 -13.04
N ARG C 60 21.11 39.20 -13.88
CA ARG C 60 20.08 40.19 -13.62
C ARG C 60 18.69 39.58 -13.47
N PHE C 61 18.51 38.30 -13.81
CA PHE C 61 17.23 37.63 -13.76
C PHE C 61 17.09 36.81 -12.48
N SER C 62 15.84 36.55 -12.10
CA SER C 62 15.53 35.72 -10.94
C SER C 62 14.05 35.30 -10.97
N GLY C 63 13.34 35.55 -9.89
CA GLY C 63 11.94 35.20 -9.80
C GLY C 63 11.72 33.90 -9.05
N SER C 64 10.55 33.78 -8.43
CA SER C 64 10.26 32.62 -7.58
C SER C 64 8.79 32.50 -7.25
N GLY C 65 8.48 32.08 -6.03
CA GLY C 65 7.12 31.86 -5.59
C GLY C 65 6.87 30.41 -5.21
N SER C 66 5.59 30.03 -5.11
CA SER C 66 5.14 28.67 -4.83
C SER C 66 3.62 28.65 -4.83
N GLY C 67 3.06 27.48 -5.11
CA GLY C 67 1.62 27.28 -4.97
C GLY C 67 0.77 27.79 -6.12
N ASN C 68 0.02 28.87 -5.87
CA ASN C 68 -0.96 29.38 -6.83
C ASN C 68 -0.46 30.58 -7.64
N SER C 69 0.67 31.18 -7.27
CA SER C 69 1.19 32.33 -7.99
C SER C 69 2.71 32.32 -7.92
N TYR C 70 3.35 32.12 -9.06
CA TYR C 70 4.78 32.26 -9.21
C TYR C 70 5.10 33.60 -9.85
N SER C 71 6.39 33.91 -9.97
CA SER C 71 6.81 35.19 -10.50
C SER C 71 8.16 35.05 -11.19
N LEU C 72 8.49 36.05 -12.00
CA LEU C 72 9.79 36.14 -12.66
C LEU C 72 10.27 37.58 -12.58
N THR C 73 11.21 37.86 -11.69
CA THR C 73 11.73 39.20 -11.47
C THR C 73 12.97 39.42 -12.33
N ILE C 74 13.12 40.64 -12.83
CA ILE C 74 14.34 41.08 -13.49
C ILE C 74 14.77 42.39 -12.85
N SER C 75 16.04 42.47 -12.45
CA SER C 75 16.56 43.71 -11.91
C SER C 75 16.75 44.74 -13.01
N SER C 76 17.88 44.67 -13.72
CA SER C 76 18.21 45.59 -14.80
C SER C 76 18.02 44.87 -16.13
N VAL C 77 16.90 45.14 -16.81
CA VAL C 77 16.66 44.54 -18.11
C VAL C 77 17.48 45.28 -19.16
N GLU C 78 17.86 44.57 -20.20
CA GLU C 78 18.56 45.16 -21.34
C GLU C 78 17.96 44.60 -22.61
N GLY C 79 18.07 45.38 -23.69
CA GLY C 79 17.49 45.03 -24.96
C GLY C 79 17.90 43.66 -25.46
N GLU C 80 19.04 43.16 -24.97
CA GLU C 80 19.48 41.80 -25.25
C GLU C 80 18.41 40.83 -24.81
N ALA C 81 18.13 40.78 -23.50
CA ALA C 81 17.08 39.91 -22.97
C ALA C 81 15.72 40.58 -23.07
N ALA C 82 15.30 40.81 -24.32
CA ALA C 82 13.98 41.37 -24.63
C ALA C 82 13.36 40.44 -25.66
N ALA C 83 12.45 39.57 -25.21
CA ALA C 83 11.88 38.59 -26.12
C ALA C 83 10.54 38.12 -25.53
N THR C 84 10.20 36.86 -25.78
CA THR C 84 8.94 36.28 -25.33
C THR C 84 9.20 35.28 -24.21
N TYR C 85 8.27 35.21 -23.25
CA TYR C 85 8.44 34.41 -22.05
C TYR C 85 7.17 33.62 -21.77
N TYR C 86 7.28 32.30 -21.71
CA TYR C 86 6.17 31.44 -21.32
C TYR C 86 6.53 30.65 -20.08
N CYS C 87 5.56 30.52 -19.18
CA CYS C 87 5.69 29.63 -18.03
C CYS C 87 5.07 28.29 -18.36
N GLN C 88 5.69 27.22 -17.84
CA GLN C 88 5.21 25.87 -18.06
C GLN C 88 5.36 25.05 -16.79
N GLN C 89 4.36 24.23 -16.48
CA GLN C 89 4.32 23.50 -15.23
C GLN C 89 4.35 22.00 -15.49
N PHE C 90 4.62 21.23 -14.42
CA PHE C 90 4.66 19.76 -14.47
C PHE C 90 4.19 19.22 -13.13
N THR C 91 2.87 19.10 -12.98
CA THR C 91 2.28 18.49 -11.80
C THR C 91 1.16 17.49 -12.12
N SER C 92 0.75 17.38 -13.39
CA SER C 92 -0.35 16.50 -13.75
C SER C 92 -0.28 16.04 -15.19
N SER C 93 -1.29 16.41 -15.98
CA SER C 93 -1.45 16.16 -17.40
C SER C 93 -2.84 16.63 -17.81
N PRO C 94 -2.96 17.48 -18.84
CA PRO C 94 -1.86 18.01 -19.66
C PRO C 94 -1.08 19.13 -18.99
N PHE C 95 0.02 19.54 -19.60
CA PHE C 95 0.91 20.56 -19.04
C PHE C 95 0.73 21.89 -19.77
N GLY C 96 -0.51 22.36 -19.78
CA GLY C 96 -0.84 23.59 -20.44
C GLY C 96 0.09 24.72 -20.05
N SER C 97 0.86 25.21 -21.01
CA SER C 97 1.74 26.35 -20.76
C SER C 97 0.92 27.63 -20.58
N GLY C 98 1.57 28.66 -20.07
CA GLY C 98 0.95 29.94 -19.90
C GLY C 98 0.55 30.57 -21.23
N THR C 99 -0.08 31.74 -21.14
CA THR C 99 -0.52 32.44 -22.34
C THR C 99 0.66 33.09 -23.04
N LYS C 100 0.86 34.39 -22.84
CA LYS C 100 1.91 35.10 -23.55
C LYS C 100 2.53 36.17 -22.64
N LEU C 101 3.76 36.54 -22.96
CA LEU C 101 4.49 37.58 -22.22
C LEU C 101 5.67 38.06 -23.06
N GLU C 102 5.88 39.38 -23.07
CA GLU C 102 6.91 39.96 -23.92
C GLU C 102 7.50 41.18 -23.21
N ILE C 103 8.64 41.63 -23.73
CA ILE C 103 9.38 42.75 -23.18
C ILE C 103 9.58 43.80 -24.24
N LYS C 104 9.40 45.07 -23.87
CA LYS C 104 9.75 46.21 -24.69
C LYS C 104 10.50 47.21 -23.82
N ALA C 105 11.76 47.45 -24.14
CA ALA C 105 12.66 48.20 -23.27
C ALA C 105 12.34 49.70 -23.27
N LYS C 106 13.31 50.51 -22.80
CA LYS C 106 13.12 51.95 -22.70
C LYS C 106 13.51 52.66 -23.99
N ARG C 107 14.67 53.31 -23.98
CA ARG C 107 15.22 54.10 -25.08
C ARG C 107 14.23 55.14 -25.61
N ALA C 108 14.64 55.97 -26.56
CA ALA C 108 13.72 57.03 -26.97
C ALA C 108 13.55 57.26 -28.45
N ASP C 109 12.60 58.15 -28.77
CA ASP C 109 11.98 58.35 -30.09
C ASP C 109 13.04 58.37 -31.14
N ALA C 110 12.88 57.63 -32.24
CA ALA C 110 14.06 57.52 -33.08
C ALA C 110 13.65 57.82 -34.51
N ALA C 111 14.17 58.91 -35.07
CA ALA C 111 13.74 59.34 -36.39
C ALA C 111 14.07 58.27 -37.42
N PRO C 112 13.19 58.04 -38.40
CA PRO C 112 13.41 56.94 -39.35
C PRO C 112 14.44 57.31 -40.41
N THR C 113 15.46 56.46 -40.55
CA THR C 113 16.40 56.59 -41.65
C THR C 113 15.71 56.20 -42.95
N VAL C 114 15.89 57.01 -44.00
CA VAL C 114 15.07 56.92 -45.19
C VAL C 114 15.92 56.52 -46.40
N SER C 115 15.26 55.93 -47.39
CA SER C 115 15.87 55.46 -48.63
C SER C 115 14.82 54.88 -49.57
N ILE C 116 14.92 55.17 -50.87
CA ILE C 116 14.05 54.58 -51.88
C ILE C 116 14.92 53.96 -52.97
N PHE C 117 14.41 52.89 -53.58
CA PHE C 117 15.10 52.12 -54.60
C PHE C 117 14.30 52.12 -55.89
N PRO C 118 14.93 51.81 -57.02
CA PRO C 118 14.21 51.75 -58.30
C PRO C 118 14.16 50.33 -58.84
N PRO C 119 13.39 50.10 -59.90
CA PRO C 119 13.37 48.76 -60.52
C PRO C 119 14.74 48.34 -61.03
N SER C 120 14.83 47.06 -61.38
CA SER C 120 16.08 46.41 -61.74
C SER C 120 16.15 46.15 -63.25
N SER C 121 17.12 45.33 -63.64
CA SER C 121 17.35 45.00 -65.05
C SER C 121 16.29 44.01 -65.55
N GLU C 122 16.55 42.71 -65.41
CA GLU C 122 15.59 41.71 -65.83
C GLU C 122 14.28 41.76 -65.05
N GLN C 123 14.11 42.71 -64.11
CA GLN C 123 12.86 42.85 -63.37
C GLN C 123 11.79 43.56 -64.20
N LEU C 124 12.12 44.72 -64.75
CA LEU C 124 11.16 45.46 -65.56
C LEU C 124 10.83 44.77 -66.87
N THR C 125 11.47 43.65 -67.18
CA THR C 125 11.09 42.79 -68.30
C THR C 125 10.26 41.61 -67.80
N SER C 126 9.22 41.90 -67.02
CA SER C 126 8.35 40.88 -66.46
C SER C 126 7.03 41.47 -65.99
N GLY C 127 6.31 42.16 -66.90
CA GLY C 127 4.99 42.69 -66.58
C GLY C 127 4.94 43.69 -65.45
N GLY C 128 6.07 44.26 -65.08
CA GLY C 128 6.15 45.25 -64.02
C GLY C 128 7.47 45.10 -63.29
N ALA C 129 7.45 45.49 -62.01
CA ALA C 129 8.64 45.42 -61.16
C ALA C 129 8.26 45.62 -59.69
N SER C 130 8.90 46.57 -59.03
CA SER C 130 8.61 46.93 -57.64
C SER C 130 9.44 48.16 -57.25
N VAL C 131 8.81 49.08 -56.53
CA VAL C 131 9.50 50.23 -55.94
C VAL C 131 9.63 49.96 -54.45
N VAL C 132 10.83 49.57 -54.03
CA VAL C 132 11.06 49.25 -52.63
C VAL C 132 11.35 50.52 -51.85
N CYS C 133 11.11 50.47 -50.54
CA CYS C 133 11.25 51.61 -49.65
C CYS C 133 11.50 51.07 -48.24
N PHE C 134 12.45 51.67 -47.51
CA PHE C 134 12.87 51.14 -46.22
C PHE C 134 12.78 52.19 -45.12
N LEU C 135 12.62 51.70 -43.89
CA LEU C 135 12.73 52.50 -42.68
C LEU C 135 13.50 51.64 -41.68
N ASN C 136 14.77 51.95 -41.48
CA ASN C 136 15.64 51.20 -40.59
C ASN C 136 15.94 52.01 -39.33
N ASN C 137 15.99 51.30 -38.20
CA ASN C 137 16.37 51.87 -36.92
C ASN C 137 15.47 53.03 -36.49
N PHE C 138 14.27 52.72 -36.00
CA PHE C 138 13.41 53.73 -35.41
C PHE C 138 12.81 53.18 -34.12
N TYR C 139 12.20 54.08 -33.35
CA TYR C 139 11.44 53.74 -32.15
C TYR C 139 10.44 54.85 -31.91
N PRO C 140 9.21 54.56 -31.41
CA PRO C 140 8.66 53.21 -31.17
C PRO C 140 8.09 52.59 -32.43
N LYS C 141 7.69 51.30 -32.39
CA LYS C 141 7.23 50.68 -33.63
C LYS C 141 5.90 51.27 -34.12
N ASP C 142 5.39 52.31 -33.48
CA ASP C 142 4.29 53.08 -34.06
C ASP C 142 4.77 53.74 -35.35
N ILE C 143 3.86 53.84 -36.33
CA ILE C 143 4.30 54.00 -37.71
C ILE C 143 3.14 54.44 -38.59
N ASN C 144 3.46 54.89 -39.80
CA ASN C 144 2.48 55.09 -40.87
C ASN C 144 3.23 55.17 -42.18
N VAL C 145 2.77 54.41 -43.18
CA VAL C 145 3.41 54.36 -44.49
C VAL C 145 2.35 54.51 -45.56
N LYS C 146 2.46 55.58 -46.35
CA LYS C 146 1.58 55.84 -47.48
C LYS C 146 2.45 56.31 -48.65
N TRP C 147 1.83 56.47 -49.82
CA TRP C 147 2.54 56.81 -51.04
C TRP C 147 1.83 57.97 -51.75
N LYS C 148 2.48 58.48 -52.79
CA LYS C 148 1.93 59.54 -53.63
C LYS C 148 2.73 59.59 -54.92
N ILE C 149 2.02 59.62 -56.05
CA ILE C 149 2.65 59.67 -57.37
C ILE C 149 2.09 60.89 -58.09
N ASP C 150 2.96 61.87 -58.37
CA ASP C 150 2.55 63.14 -58.94
C ASP C 150 1.44 63.76 -58.10
N GLY C 151 0.24 63.20 -58.23
CA GLY C 151 -0.87 63.53 -57.35
C GLY C 151 -1.68 62.29 -57.02
N SER C 152 -1.90 61.43 -58.02
CA SER C 152 -2.69 60.24 -57.82
C SER C 152 -2.00 59.27 -56.88
N GLU C 153 -2.75 58.73 -55.91
CA GLU C 153 -2.22 57.87 -54.87
C GLU C 153 -2.79 56.45 -55.02
N ARG C 154 -2.40 55.58 -54.08
CA ARG C 154 -2.81 54.18 -54.14
C ARG C 154 -2.59 53.58 -52.76
N GLN C 155 -3.66 53.17 -52.10
CA GLN C 155 -3.56 52.63 -50.75
C GLN C 155 -3.41 51.11 -50.74
N ASN C 156 -4.13 50.41 -51.62
CA ASN C 156 -3.94 48.97 -51.73
C ASN C 156 -2.63 48.64 -52.42
N GLY C 157 -2.10 47.45 -52.15
CA GLY C 157 -0.89 46.99 -52.76
C GLY C 157 0.37 47.17 -51.94
N VAL C 158 0.30 47.93 -50.85
CA VAL C 158 1.47 48.13 -50.00
C VAL C 158 1.76 46.84 -49.22
N LEU C 159 3.02 46.41 -49.25
CA LEU C 159 3.43 45.19 -48.55
C LEU C 159 4.22 45.59 -47.31
N ASN C 160 3.49 46.04 -46.29
CA ASN C 160 4.08 46.49 -45.05
C ASN C 160 4.42 45.29 -44.15
N SER C 161 5.55 45.39 -43.46
CA SER C 161 6.03 44.26 -42.66
C SER C 161 7.03 44.79 -41.64
N TRP C 162 6.57 44.99 -40.41
CA TRP C 162 7.45 45.38 -39.32
C TRP C 162 8.39 44.23 -38.97
N THR C 163 9.41 44.53 -38.17
CA THR C 163 10.28 43.52 -37.60
C THR C 163 9.95 43.37 -36.11
N ASP C 164 10.95 43.02 -35.31
CA ASP C 164 10.79 42.86 -33.88
C ASP C 164 11.85 43.68 -33.18
N GLN C 165 11.63 43.94 -31.89
CA GLN C 165 12.57 44.71 -31.10
C GLN C 165 13.96 44.08 -31.16
N ASP C 166 14.98 44.91 -31.28
CA ASP C 166 16.34 44.42 -31.53
C ASP C 166 17.06 44.10 -30.23
N SER C 167 18.39 44.18 -30.26
CA SER C 167 19.19 43.89 -29.08
C SER C 167 20.25 44.96 -28.89
N LYS C 168 20.98 45.29 -29.96
CA LYS C 168 22.00 46.33 -29.91
C LYS C 168 21.42 47.72 -29.69
N ASP C 169 20.10 47.90 -29.84
CA ASP C 169 19.51 49.22 -29.75
C ASP C 169 18.02 49.17 -29.39
N SER C 170 17.43 47.98 -29.46
CA SER C 170 15.99 47.80 -29.22
C SER C 170 15.14 48.67 -30.15
N THR C 171 15.64 48.93 -31.35
CA THR C 171 14.93 49.72 -32.35
C THR C 171 14.17 48.82 -33.30
N TYR C 172 13.17 49.40 -33.96
CA TYR C 172 12.35 48.69 -34.92
C TYR C 172 12.62 49.21 -36.33
N SER C 173 12.57 48.32 -37.30
CA SER C 173 12.61 48.68 -38.71
C SER C 173 11.34 48.16 -39.37
N MET C 174 11.19 48.43 -40.66
CA MET C 174 9.94 48.07 -41.34
C MET C 174 10.14 48.07 -42.84
N SER C 175 9.50 47.12 -43.52
CA SER C 175 9.52 47.01 -44.96
C SER C 175 8.21 47.50 -45.57
N SER C 176 8.27 47.80 -46.86
CA SER C 176 7.11 48.28 -47.60
C SER C 176 7.40 48.12 -49.09
N THR C 177 6.47 47.53 -49.82
CA THR C 177 6.72 47.22 -51.23
C THR C 177 5.38 47.23 -51.97
N LEU C 178 5.14 48.27 -52.76
CA LEU C 178 4.03 48.25 -53.71
C LEU C 178 4.57 48.34 -55.13
N THR C 179 3.73 47.92 -56.08
CA THR C 179 4.10 47.84 -57.48
C THR C 179 2.82 47.74 -58.30
N LEU C 180 2.98 47.88 -59.61
CA LEU C 180 1.86 47.67 -60.53
C LEU C 180 2.35 46.96 -61.80
N THR C 181 2.47 47.69 -62.89
CA THR C 181 2.90 47.11 -64.16
C THR C 181 3.92 48.05 -64.81
N LYS C 182 4.20 47.83 -66.09
CA LYS C 182 5.22 48.60 -66.79
C LYS C 182 4.67 49.89 -67.39
N ASP C 183 3.47 49.85 -68.00
CA ASP C 183 2.89 51.05 -68.57
C ASP C 183 2.39 52.03 -67.51
N GLU C 184 2.60 51.72 -66.23
CA GLU C 184 2.50 52.76 -65.21
C GLU C 184 3.80 53.53 -65.09
N TYR C 185 4.93 52.88 -65.35
CA TYR C 185 6.25 53.49 -65.15
C TYR C 185 6.59 54.50 -66.22
N GLU C 186 6.86 54.04 -67.44
CA GLU C 186 7.25 54.95 -68.51
C GLU C 186 6.16 55.97 -68.86
N ARG C 187 4.94 55.78 -68.38
CA ARG C 187 3.83 56.69 -68.69
C ARG C 187 3.55 57.70 -67.58
N HIS C 188 3.60 57.29 -66.32
CA HIS C 188 3.46 58.23 -65.21
C HIS C 188 4.81 58.84 -64.87
N ASN C 189 4.76 60.09 -64.40
CA ASN C 189 6.00 60.83 -64.13
C ASN C 189 6.56 60.50 -62.75
N SER C 190 5.92 61.03 -61.70
CA SER C 190 6.50 61.05 -60.36
C SER C 190 6.37 59.70 -59.67
N TYR C 191 6.79 59.66 -58.39
CA TYR C 191 7.12 58.45 -57.65
C TYR C 191 7.60 58.78 -56.25
N THR C 192 6.71 59.01 -55.29
CA THR C 192 7.10 59.43 -53.95
C THR C 192 6.68 58.40 -52.91
N CYS C 193 7.35 58.43 -51.76
CA CYS C 193 7.18 57.47 -50.68
C CYS C 193 7.26 58.20 -49.34
N GLU C 194 6.23 58.04 -48.49
CA GLU C 194 6.07 58.82 -47.27
C GLU C 194 6.47 58.05 -46.02
N ALA C 195 6.65 58.77 -44.91
CA ALA C 195 7.07 58.21 -43.61
C ALA C 195 6.66 59.16 -42.50
N THR C 196 5.35 59.22 -42.24
CA THR C 196 4.79 60.10 -41.22
C THR C 196 4.91 59.42 -39.86
N HIS C 197 5.95 59.77 -39.11
CA HIS C 197 6.21 59.18 -37.80
C HIS C 197 5.73 60.13 -36.70
N SER C 198 5.96 59.74 -35.44
CA SER C 198 5.72 60.62 -34.30
C SER C 198 6.97 61.40 -33.90
N THR C 199 7.97 61.46 -34.78
CA THR C 199 9.17 62.28 -34.59
C THR C 199 9.14 63.52 -35.48
N LYS C 200 8.88 63.35 -36.77
CA LYS C 200 8.87 64.45 -37.74
C LYS C 200 7.43 64.71 -38.17
N THR C 201 6.98 65.95 -38.00
CA THR C 201 5.63 66.36 -38.38
C THR C 201 5.39 66.08 -39.85
N SER C 202 6.06 66.83 -40.73
CA SER C 202 6.09 66.43 -42.12
C SER C 202 7.06 65.27 -42.30
N PRO C 203 6.71 64.26 -43.10
CA PRO C 203 7.52 63.04 -43.17
C PRO C 203 8.89 63.28 -43.78
N ILE C 204 9.87 62.51 -43.29
CA ILE C 204 11.20 62.47 -43.90
C ILE C 204 11.09 61.65 -45.18
N VAL C 205 11.23 62.29 -46.34
CA VAL C 205 10.82 61.72 -47.61
C VAL C 205 11.98 61.79 -48.61
N LYS C 206 11.72 61.26 -49.81
CA LYS C 206 12.62 61.31 -50.96
C LYS C 206 11.80 61.53 -52.22
N SER C 207 12.46 61.60 -53.38
CA SER C 207 11.92 62.24 -54.57
C SER C 207 11.45 61.21 -55.63
N PHE C 208 11.20 61.70 -56.85
CA PHE C 208 10.35 61.01 -57.82
C PHE C 208 10.95 60.98 -59.23
N ASN C 209 10.07 60.82 -60.23
CA ASN C 209 10.29 60.90 -61.68
C ASN C 209 10.68 59.57 -62.32
N ARG C 210 10.11 59.31 -63.50
CA ARG C 210 10.31 58.04 -64.21
C ARG C 210 11.63 58.01 -64.96
N ASN C 211 12.16 59.18 -65.33
CA ASN C 211 13.40 59.23 -66.08
C ASN C 211 14.57 59.51 -65.15
N GLU C 212 15.28 60.62 -65.39
CA GLU C 212 16.43 61.06 -64.60
C GLU C 212 17.37 59.89 -64.32
N CYS C 213 17.64 59.62 -63.03
CA CYS C 213 18.52 58.54 -62.63
C CYS C 213 17.86 57.18 -62.86
#